data_4FMD
#
_entry.id   4FMD
#
_cell.length_a   106.568
_cell.length_b   153.221
_cell.length_c   230.805
_cell.angle_alpha   90.00
_cell.angle_beta   90.00
_cell.angle_gamma   90.00
#
_symmetry.space_group_name_H-M   'I 2 2 2'
#
loop_
_entity.id
_entity.type
_entity.pdbx_description
1 polymer 'EspG protein'
2 polymer 'Ras-related protein Rab-1A'
3 polymer 'Ras-related protein Rab-1A'
4 non-polymer 'ALUMINUM FLUORIDE'
5 non-polymer "GUANOSINE-5'-DIPHOSPHATE"
6 non-polymer 'MAGNESIUM ION'
7 non-polymer 'TRIETHYLENE GLYCOL'
8 non-polymer DI(HYDROXYETHYL)ETHER
9 water water
#
loop_
_entity_poly.entity_id
_entity_poly.type
_entity_poly.pdbx_seq_one_letter_code
_entity_poly.pdbx_strand_id
1 'polypeptide(L)'
;EMSCAEKLLKVLSFGLWNPTYSRSERQSFQELLTVLEPVYPLPNELGRVSARFSDGSSLRISVTNSESIEAEIRTPNNEK
ITVLLESNEQNRLLQSLPIDRHMPYIQVHRALSEMDLTDTTSMRNLLGFTSKLSTTLIPHNAQTDPLSGPTPFSSIFMDT
CRGLGNAKLSLNGVDIPANAQMLLRDALGLKDTHSSPTRNVIDHGISRHDAEQIARESSGSDKQKAEVVEFLCHPEAATA
ICSAFYQSFNVPALTLTHERISKASEYNAERSLDTPNACINISISQSSDGNIYVTSHTGVLIMAPEDRPNEMGMLTNRTS
YEVPQGVKCTIDEMVRALQPRYAASETYLQN
;
A,C,E
2 'polypeptide(L)'
;PEYDYLFKLLLIGDSGVGKSCLLLRFADDTYTESYISTIGVDFKIRTIELDGKTIKLQIWDTAGQERFRTITSSYYRGAH
GIIVVYDVTDQESFNNVKQWLQEIDRYASENVNKLLVGNKCDLTTKKVVDYTTAKEFADSLGIPFLETSAKNATNVEQSF
MTMAAEIKKRM
;
B,D
3 'polypeptide(L)'
;KLLLIGDSGVGKSCLLLRFADDTYTESYISTIGVDFKIRTIELDGKTIKLQIWDTAGQERFRTITSSYYRGAHGIIVVYD
VTDQESFNNVKQWLQEIDRYASENVNKLLVGNKCDLTTKKVVDYTTAKEFADSLGIPFLETSAKNATNVEQSFMTMAAEI
KKRM
;
F
#
# COMPACT_ATOMS: atom_id res chain seq x y z
N GLU A 1 49.18 24.51 -36.75
CA GLU A 1 49.03 25.88 -36.16
C GLU A 1 47.91 25.91 -35.14
N MET A 2 46.83 25.18 -35.42
CA MET A 2 45.62 25.22 -34.62
C MET A 2 45.74 24.30 -33.40
N SER A 3 45.39 24.82 -32.22
CA SER A 3 45.52 24.08 -30.95
C SER A 3 44.56 22.91 -30.85
N CYS A 4 44.67 22.13 -29.78
CA CYS A 4 43.74 21.05 -29.53
C CYS A 4 42.39 21.63 -29.15
N ALA A 5 42.34 22.43 -28.10
CA ALA A 5 41.09 23.03 -27.65
C ALA A 5 40.26 23.57 -28.80
N GLU A 6 40.94 23.98 -29.85
CA GLU A 6 40.31 24.64 -30.96
C GLU A 6 39.82 23.61 -31.96
N LYS A 7 40.71 22.69 -32.34
CA LYS A 7 40.38 21.52 -33.15
C LYS A 7 39.07 20.92 -32.67
N LEU A 8 39.04 20.44 -31.42
CA LEU A 8 37.85 19.83 -30.82
C LEU A 8 36.60 20.70 -30.92
N LEU A 9 36.76 21.98 -30.66
CA LEU A 9 35.66 22.93 -30.72
C LEU A 9 35.10 23.05 -32.11
N LYS A 10 35.94 22.92 -33.15
CA LYS A 10 35.44 22.90 -34.54
C LYS A 10 34.58 21.69 -34.78
N VAL A 11 35.07 20.54 -34.31
CA VAL A 11 34.39 19.26 -34.44
C VAL A 11 33.00 19.29 -33.79
N LEU A 12 32.94 19.60 -32.51
CA LEU A 12 31.66 19.62 -31.79
C LEU A 12 30.59 20.48 -32.47
N SER A 13 31.01 21.57 -33.12
CA SER A 13 30.09 22.49 -33.82
C SER A 13 29.61 21.97 -35.17
N PHE A 14 30.50 21.33 -35.92
CA PHE A 14 30.17 20.67 -37.16
C PHE A 14 29.43 19.36 -36.88
N GLY A 15 29.78 18.73 -35.77
CA GLY A 15 29.07 17.55 -35.31
C GLY A 15 29.98 16.38 -35.22
N LEU A 16 29.95 15.72 -34.07
CA LEU A 16 30.74 14.51 -33.88
C LEU A 16 30.37 13.42 -34.91
N TRP A 17 29.07 13.17 -35.08
CA TRP A 17 28.63 12.07 -35.91
C TRP A 17 28.40 12.51 -37.35
N ASN A 18 28.98 13.63 -37.73
CA ASN A 18 28.83 14.11 -39.09
C ASN A 18 29.36 13.07 -40.07
N PRO A 19 28.58 12.75 -41.13
CA PRO A 19 28.95 11.70 -42.07
C PRO A 19 30.14 12.02 -42.99
N THR A 20 30.55 13.28 -43.05
CA THR A 20 31.61 13.68 -43.95
C THR A 20 33.01 13.47 -43.35
N TYR A 21 33.09 12.81 -42.20
CA TYR A 21 34.38 12.58 -41.58
C TYR A 21 34.87 11.19 -41.93
N SER A 22 36.09 11.11 -42.46
CA SER A 22 36.73 9.82 -42.71
C SER A 22 36.90 9.09 -41.40
N ARG A 23 36.88 7.76 -41.43
CA ARG A 23 36.96 7.01 -40.19
C ARG A 23 38.23 7.35 -39.41
N SER A 24 39.35 7.56 -40.11
CA SER A 24 40.62 7.88 -39.45
C SER A 24 40.54 9.20 -38.68
N GLU A 25 39.67 10.11 -39.13
CA GLU A 25 39.41 11.34 -38.41
C GLU A 25 38.55 11.15 -37.16
N ARG A 26 37.57 10.24 -37.22
CA ARG A 26 36.73 9.96 -36.06
C ARG A 26 37.52 9.47 -34.85
N GLN A 27 38.52 8.63 -35.10
CA GLN A 27 39.37 8.15 -34.02
C GLN A 27 40.18 9.30 -33.43
N SER A 28 40.73 10.13 -34.29
CA SER A 28 41.49 11.30 -33.85
C SER A 28 40.65 12.31 -33.05
N PHE A 29 39.32 12.26 -33.20
CA PHE A 29 38.40 13.09 -32.41
C PHE A 29 38.11 12.46 -31.05
N GLN A 30 37.78 11.18 -31.04
CA GLN A 30 37.53 10.49 -29.80
C GLN A 30 38.73 10.62 -28.85
N GLU A 31 39.92 10.78 -29.43
CA GLU A 31 41.12 11.05 -28.65
C GLU A 31 41.03 12.43 -28.01
N LEU A 32 40.58 13.43 -28.78
CA LEU A 32 40.42 14.78 -28.25
C LEU A 32 39.28 14.89 -27.27
N LEU A 33 38.17 14.23 -27.59
CA LEU A 33 36.96 14.27 -26.78
C LEU A 33 37.11 13.66 -25.37
N THR A 34 37.98 12.66 -25.23
CA THR A 34 38.15 12.00 -23.93
C THR A 34 38.91 12.85 -22.91
N VAL A 35 39.44 13.99 -23.35
CA VAL A 35 40.07 14.93 -22.44
C VAL A 35 39.00 15.68 -21.65
N LEU A 36 37.79 15.75 -22.21
CA LEU A 36 36.65 16.36 -21.54
C LEU A 36 36.30 15.72 -20.18
N GLU A 37 36.33 16.52 -19.11
CA GLU A 37 35.87 16.03 -17.81
C GLU A 37 34.76 16.91 -17.30
N PRO A 38 33.71 16.29 -16.73
CA PRO A 38 32.72 17.04 -16.00
C PRO A 38 33.33 17.64 -14.72
N VAL A 39 32.80 18.78 -14.28
CA VAL A 39 33.30 19.46 -13.09
C VAL A 39 32.16 20.16 -12.40
N TYR A 40 32.41 20.61 -11.17
CA TYR A 40 31.42 21.38 -10.41
C TYR A 40 30.77 22.47 -11.26
N PRO A 41 29.44 22.43 -11.38
CA PRO A 41 28.77 23.47 -12.12
C PRO A 41 28.42 24.64 -11.21
N LEU A 42 28.41 25.85 -11.76
CA LEU A 42 27.94 27.02 -11.03
C LEU A 42 26.41 26.95 -10.91
N PRO A 43 25.80 27.87 -10.12
CA PRO A 43 24.40 27.72 -9.69
C PRO A 43 23.37 27.74 -10.83
N ASN A 44 23.68 28.43 -11.91
CA ASN A 44 22.77 28.48 -13.05
C ASN A 44 23.11 27.47 -14.15
N GLU A 45 24.15 26.67 -13.94
CA GLU A 45 24.61 25.76 -14.99
C GLU A 45 24.06 24.34 -14.83
N LEU A 46 23.54 23.83 -15.94
CA LEU A 46 23.00 22.49 -16.06
C LEU A 46 24.13 21.47 -15.96
N GLY A 47 25.33 21.93 -16.29
CA GLY A 47 26.50 21.10 -16.25
C GLY A 47 27.66 21.92 -16.77
N ARG A 48 28.85 21.66 -16.25
CA ARG A 48 30.05 22.33 -16.73
C ARG A 48 31.11 21.28 -17.09
N VAL A 49 31.82 21.55 -18.17
CA VAL A 49 32.81 20.63 -18.71
C VAL A 49 34.16 21.32 -18.92
N SER A 50 35.24 20.57 -18.74
CA SER A 50 36.58 21.13 -18.84
C SER A 50 37.57 20.18 -19.52
N ALA A 51 38.46 20.75 -20.32
CA ALA A 51 39.52 19.99 -20.97
C ALA A 51 40.82 20.75 -20.93
N ARG A 52 41.89 20.08 -20.48
CA ARG A 52 43.24 20.63 -20.55
C ARG A 52 44.11 19.66 -21.31
N PHE A 53 44.58 20.10 -22.48
CA PHE A 53 45.35 19.24 -23.39
C PHE A 53 46.84 19.42 -23.20
N SER A 54 47.61 18.51 -23.79
CA SER A 54 49.07 18.50 -23.67
C SER A 54 49.78 19.63 -24.43
N ASP A 55 49.18 20.13 -25.51
CA ASP A 55 49.76 21.29 -26.23
C ASP A 55 49.64 22.60 -25.42
N GLY A 56 49.11 22.47 -24.20
CA GLY A 56 49.00 23.57 -23.26
C GLY A 56 47.72 24.38 -23.42
N SER A 57 46.84 23.95 -24.32
CA SER A 57 45.57 24.68 -24.53
C SER A 57 44.46 24.04 -23.75
N SER A 58 43.57 24.86 -23.21
CA SER A 58 42.45 24.34 -22.43
C SER A 58 41.15 24.75 -23.08
N LEU A 59 40.05 24.17 -22.59
CA LEU A 59 38.71 24.42 -23.12
C LEU A 59 37.70 24.29 -21.98
N ARG A 60 36.81 25.26 -21.83
CA ARG A 60 35.77 25.15 -20.81
C ARG A 60 34.43 25.45 -21.42
N ILE A 61 33.59 24.43 -21.47
CA ILE A 61 32.26 24.55 -21.99
C ILE A 61 31.29 24.54 -20.82
N SER A 62 30.29 25.41 -20.88
CA SER A 62 29.25 25.37 -19.89
C SER A 62 27.88 25.50 -20.55
N VAL A 63 26.94 24.70 -20.06
CA VAL A 63 25.58 24.68 -20.53
C VAL A 63 24.67 25.16 -19.40
N THR A 64 23.84 26.17 -19.65
CA THR A 64 22.95 26.69 -18.61
C THR A 64 21.72 25.80 -18.55
N ASN A 65 20.90 25.96 -17.50
CA ASN A 65 19.65 25.20 -17.38
C ASN A 65 18.70 25.49 -18.53
N SER A 66 18.77 26.72 -19.05
CA SER A 66 18.05 27.08 -20.26
C SER A 66 18.71 26.48 -21.52
N GLU A 67 19.66 25.55 -21.33
CA GLU A 67 20.33 24.83 -22.42
C GLU A 67 21.05 25.72 -23.44
N SER A 68 21.57 26.85 -22.96
CA SER A 68 22.43 27.75 -23.71
C SER A 68 23.91 27.40 -23.50
N ILE A 69 24.69 27.39 -24.58
CA ILE A 69 26.02 26.80 -24.53
C ILE A 69 27.09 27.84 -24.80
N GLU A 70 28.12 27.87 -23.95
CA GLU A 70 29.18 28.86 -24.01
C GLU A 70 30.54 28.19 -23.81
N ALA A 71 31.44 28.35 -24.78
CA ALA A 71 32.77 27.74 -24.69
C ALA A 71 33.83 28.80 -24.43
N GLU A 72 34.93 28.40 -23.81
CA GLU A 72 36.05 29.32 -23.57
C GLU A 72 37.37 28.68 -23.94
N ILE A 73 38.00 29.17 -24.99
CA ILE A 73 39.29 28.64 -25.40
C ILE A 73 40.38 29.41 -24.72
N ARG A 74 41.42 28.68 -24.32
CA ARG A 74 42.60 29.25 -23.77
C ARG A 74 43.68 28.70 -24.67
N THR A 75 44.25 29.55 -25.51
CA THR A 75 45.40 29.16 -26.35
C THR A 75 46.61 28.85 -25.48
N PRO A 76 47.59 28.11 -26.04
CA PRO A 76 48.82 27.83 -25.28
C PRO A 76 49.56 29.11 -24.85
N ASN A 77 49.32 30.22 -25.55
CA ASN A 77 49.84 31.56 -25.19
C ASN A 77 48.90 32.36 -24.24
N ASN A 78 48.09 31.62 -23.48
CA ASN A 78 47.07 32.16 -22.55
C ASN A 78 45.99 33.17 -23.02
N GLU A 79 45.70 33.21 -24.32
CA GLU A 79 44.65 34.11 -24.84
C GLU A 79 43.27 33.55 -24.49
N LYS A 80 42.35 34.42 -24.08
CA LYS A 80 41.02 34.01 -23.61
C LYS A 80 39.90 34.39 -24.61
N ILE A 81 39.64 33.50 -25.58
CA ILE A 81 38.53 33.66 -26.53
C ILE A 81 37.28 32.99 -25.98
N THR A 82 36.10 33.53 -26.26
CA THR A 82 34.87 32.98 -25.73
C THR A 82 33.83 32.87 -26.83
N VAL A 83 33.39 31.64 -27.10
CA VAL A 83 32.49 31.36 -28.21
C VAL A 83 31.09 31.03 -27.73
N LEU A 84 30.08 31.50 -28.45
CA LEU A 84 28.71 31.02 -28.30
C LEU A 84 28.40 29.89 -29.26
N LEU A 85 28.08 28.72 -28.69
CA LEU A 85 27.77 27.51 -29.46
C LEU A 85 26.27 27.26 -29.54
N GLU A 86 25.81 26.84 -30.71
CA GLU A 86 24.41 26.44 -30.88
C GLU A 86 24.34 24.96 -31.19
N SER A 87 23.56 24.24 -30.39
CA SER A 87 23.28 22.83 -30.63
C SER A 87 22.00 22.67 -31.44
N ASN A 88 22.03 21.79 -32.44
CA ASN A 88 20.86 21.49 -33.26
C ASN A 88 20.90 20.02 -33.73
N GLU A 89 20.26 19.72 -34.84
CA GLU A 89 20.17 18.32 -35.28
C GLU A 89 21.30 17.76 -36.17
N GLN A 90 22.07 18.63 -36.82
CA GLN A 90 23.18 18.17 -37.68
C GLN A 90 24.48 17.99 -36.92
N ASN A 91 24.61 18.71 -35.81
CA ASN A 91 25.79 18.59 -34.96
C ASN A 91 25.58 17.67 -33.75
N ARG A 92 24.40 17.77 -33.15
CA ARG A 92 24.06 17.07 -31.91
C ARG A 92 25.04 17.47 -30.82
N LEU A 93 25.38 18.76 -30.79
CA LEU A 93 26.41 19.27 -29.91
C LEU A 93 26.14 18.84 -28.47
N LEU A 94 24.98 19.25 -27.97
CA LEU A 94 24.50 18.89 -26.63
C LEU A 94 24.62 17.41 -26.28
N GLN A 95 24.56 16.55 -27.29
CA GLN A 95 24.64 15.13 -27.05
C GLN A 95 26.05 14.63 -26.90
N SER A 96 27.00 15.41 -27.35
CA SER A 96 28.39 14.99 -27.32
C SER A 96 29.16 15.70 -26.23
N LEU A 97 28.51 16.03 -25.12
CA LEU A 97 29.21 16.53 -23.93
C LEU A 97 28.79 15.67 -22.75
N PRO A 98 29.66 15.49 -21.74
CA PRO A 98 29.22 14.77 -20.55
C PRO A 98 28.26 15.61 -19.68
N ILE A 99 27.02 15.74 -20.14
CA ILE A 99 26.01 16.49 -19.41
C ILE A 99 24.71 15.71 -19.20
N ASP A 100 24.10 15.93 -18.04
CA ASP A 100 22.82 15.34 -17.72
C ASP A 100 21.73 16.31 -18.15
N ARG A 101 20.84 15.85 -19.02
CA ARG A 101 19.72 16.67 -19.48
C ARG A 101 18.37 16.15 -19.00
N HIS A 102 17.40 17.07 -18.96
CA HIS A 102 16.03 16.74 -18.63
C HIS A 102 15.24 16.42 -19.91
N MET A 103 15.55 15.30 -20.55
CA MET A 103 14.85 14.91 -21.76
C MET A 103 13.59 14.12 -21.45
N PRO A 104 12.59 14.13 -22.35
CA PRO A 104 11.42 13.28 -22.16
C PRO A 104 11.69 11.81 -22.49
N TYR A 105 12.90 11.49 -22.93
CA TYR A 105 13.27 10.14 -23.33
C TYR A 105 14.74 9.88 -23.06
N ILE A 106 15.09 8.65 -22.71
CA ILE A 106 16.48 8.28 -22.49
C ILE A 106 17.24 8.44 -23.79
N GLN A 107 18.38 9.12 -23.73
CA GLN A 107 19.18 9.40 -24.91
C GLN A 107 19.85 8.17 -25.53
N VAL A 108 19.91 8.14 -26.86
CA VAL A 108 20.46 7.01 -27.62
C VAL A 108 21.60 7.51 -28.50
N HIS A 109 22.80 7.00 -28.28
CA HIS A 109 23.93 7.36 -29.11
C HIS A 109 24.39 6.23 -30.02
N ARG A 110 25.15 6.56 -31.05
CA ARG A 110 25.80 5.51 -31.85
C ARG A 110 27.31 5.58 -31.74
N ALA A 111 27.92 4.48 -31.28
CA ALA A 111 29.37 4.34 -31.18
C ALA A 111 29.97 4.78 -32.48
N LEU A 112 31.16 5.36 -32.42
CA LEU A 112 31.78 5.97 -33.60
C LEU A 112 32.75 5.04 -34.35
N SER A 113 33.20 3.97 -33.70
CA SER A 113 34.02 2.95 -34.36
C SER A 113 33.61 1.52 -34.00
N GLU A 114 34.25 0.55 -34.66
CA GLU A 114 33.96 -0.88 -34.47
C GLU A 114 34.40 -1.45 -33.10
N MET A 115 33.77 -0.96 -32.03
CA MET A 115 34.06 -1.43 -30.68
C MET A 115 33.29 -2.73 -30.38
N ASP A 116 33.51 -3.74 -31.22
CA ASP A 116 32.79 -5.01 -31.20
C ASP A 116 32.95 -5.73 -29.86
N LEU A 117 31.88 -5.78 -29.07
CA LEU A 117 31.91 -6.20 -27.65
C LEU A 117 32.26 -7.67 -27.45
N THR A 118 33.53 -8.00 -27.60
CA THR A 118 33.98 -9.37 -27.45
C THR A 118 34.52 -9.62 -26.03
N ASP A 119 35.39 -8.71 -25.56
CA ASP A 119 36.18 -8.88 -24.32
C ASP A 119 36.14 -7.64 -23.42
N THR A 120 36.94 -7.68 -22.36
CA THR A 120 37.05 -6.55 -21.43
C THR A 120 37.45 -5.25 -22.11
N THR A 121 38.55 -5.30 -22.86
CA THR A 121 39.13 -4.10 -23.45
C THR A 121 38.16 -3.43 -24.41
N SER A 122 37.39 -4.23 -25.14
CA SER A 122 36.31 -3.71 -25.97
C SER A 122 35.32 -2.89 -25.15
N MET A 123 34.85 -3.48 -24.06
CA MET A 123 33.83 -2.89 -23.22
C MET A 123 34.33 -1.61 -22.56
N ARG A 124 35.49 -1.68 -21.90
CA ARG A 124 36.10 -0.51 -21.26
C ARG A 124 36.18 0.67 -22.24
N ASN A 125 36.67 0.39 -23.44
CA ASN A 125 36.88 1.41 -24.44
C ASN A 125 35.58 2.04 -24.80
N LEU A 126 34.53 1.23 -25.00
CA LEU A 126 33.20 1.75 -25.32
C LEU A 126 32.69 2.63 -24.19
N LEU A 127 32.85 2.17 -22.95
CA LEU A 127 32.49 2.98 -21.80
C LEU A 127 33.34 4.25 -21.75
N GLY A 128 34.60 4.13 -22.16
CA GLY A 128 35.47 5.27 -22.32
C GLY A 128 34.85 6.32 -23.22
N PHE A 129 34.23 5.87 -24.30
CA PHE A 129 33.55 6.78 -25.19
C PHE A 129 32.24 7.32 -24.58
N THR A 130 31.39 6.43 -24.10
CA THR A 130 30.06 6.83 -23.63
C THR A 130 30.11 7.77 -22.43
N SER A 131 31.16 7.63 -21.63
CA SER A 131 31.38 8.54 -20.53
C SER A 131 31.45 9.98 -20.92
N LYS A 132 31.65 10.28 -22.20
CA LYS A 132 31.79 11.68 -22.62
C LYS A 132 30.55 12.21 -23.35
N LEU A 133 29.59 11.33 -23.63
CA LEU A 133 28.34 11.75 -24.31
C LEU A 133 27.21 12.07 -23.30
N SER A 134 26.16 12.75 -23.75
CA SER A 134 25.06 13.17 -22.86
C SER A 134 24.29 12.01 -22.26
N THR A 135 23.57 12.28 -21.17
CA THR A 135 22.63 11.29 -20.63
C THR A 135 21.31 11.93 -20.23
N THR A 136 20.25 11.13 -20.17
CA THR A 136 18.93 11.59 -19.74
C THR A 136 18.76 11.29 -18.25
N LEU A 137 18.30 12.28 -17.49
CA LEU A 137 18.13 12.14 -16.04
C LEU A 137 16.97 11.22 -15.69
N ILE A 138 17.07 10.46 -14.60
CA ILE A 138 15.99 9.54 -14.21
C ILE A 138 15.59 9.71 -12.77
N PRO A 139 14.31 9.99 -12.51
CA PRO A 139 13.88 10.16 -11.14
C PRO A 139 13.76 8.83 -10.41
N HIS A 140 13.79 8.91 -9.08
CA HIS A 140 13.60 7.76 -8.25
C HIS A 140 12.48 8.02 -7.28
N ASN A 141 11.82 6.97 -6.80
CA ASN A 141 10.94 7.11 -5.64
C ASN A 141 11.54 6.42 -4.45
N ALA A 142 10.84 6.44 -3.32
CA ALA A 142 11.42 5.96 -2.07
C ALA A 142 12.01 4.56 -2.16
N GLN A 143 11.48 3.74 -3.06
CA GLN A 143 11.86 2.33 -3.16
C GLN A 143 13.08 2.11 -4.07
N THR A 144 13.24 2.94 -5.08
CA THR A 144 14.38 2.82 -6.02
C THR A 144 15.52 3.80 -5.73
N ASP A 145 15.34 4.62 -4.72
CA ASP A 145 16.32 5.61 -4.29
C ASP A 145 17.54 4.91 -3.68
N PRO A 146 18.71 5.03 -4.32
CA PRO A 146 19.91 4.39 -3.78
C PRO A 146 20.21 4.73 -2.33
N LEU A 147 19.78 5.90 -1.88
CA LEU A 147 20.10 6.37 -0.52
C LEU A 147 19.01 6.11 0.52
N SER A 148 17.90 5.51 0.10
CA SER A 148 16.82 5.23 1.04
C SER A 148 16.93 3.80 1.58
N GLY A 149 15.90 3.31 2.27
CA GLY A 149 15.92 1.96 2.83
C GLY A 149 16.57 1.82 4.20
N PRO A 150 16.74 0.57 4.69
CA PRO A 150 17.30 0.38 6.02
C PRO A 150 18.83 0.50 6.12
N THR A 151 19.55 0.23 5.03
CA THR A 151 21.03 0.23 5.06
C THR A 151 21.68 0.84 3.81
N PRO A 152 21.45 2.14 3.57
CA PRO A 152 22.10 2.77 2.41
C PRO A 152 23.62 2.87 2.57
N PHE A 153 24.34 2.76 1.46
CA PHE A 153 25.81 2.83 1.40
C PHE A 153 26.60 1.70 2.09
N SER A 154 25.89 0.67 2.58
CA SER A 154 26.49 -0.40 3.35
C SER A 154 27.61 -1.15 2.61
N SER A 155 27.72 -0.91 1.31
CA SER A 155 28.59 -1.74 0.51
C SER A 155 29.76 -0.99 -0.12
N ILE A 156 29.83 0.33 0.11
CA ILE A 156 30.88 1.13 -0.53
C ILE A 156 32.32 0.67 -0.32
N PHE A 157 32.67 0.23 0.88
CA PHE A 157 34.04 -0.16 1.12
C PHE A 157 34.38 -1.45 0.40
N MET A 158 33.46 -2.41 0.41
CA MET A 158 33.59 -3.61 -0.42
C MET A 158 33.68 -3.22 -1.90
N ASP A 159 32.72 -2.42 -2.35
CA ASP A 159 32.69 -1.88 -3.70
C ASP A 159 33.98 -1.14 -4.03
N THR A 160 34.51 -0.37 -3.08
CA THR A 160 35.76 0.36 -3.33
C THR A 160 36.96 -0.56 -3.49
N CYS A 161 37.03 -1.61 -2.67
CA CYS A 161 38.09 -2.63 -2.79
C CYS A 161 38.10 -3.33 -4.12
N ARG A 162 36.92 -3.67 -4.62
CA ARG A 162 36.81 -4.43 -5.83
C ARG A 162 37.03 -3.53 -7.03
N GLY A 163 36.65 -2.26 -6.86
CA GLY A 163 36.66 -1.31 -7.97
C GLY A 163 38.03 -0.77 -8.29
N LEU A 164 38.77 -0.40 -7.25
CA LEU A 164 40.08 0.20 -7.43
C LEU A 164 41.01 -0.82 -8.08
N GLY A 165 41.79 -0.39 -9.07
CA GLY A 165 42.63 -1.33 -9.83
C GLY A 165 41.89 -2.00 -10.96
N ASN A 166 40.58 -1.79 -11.01
CA ASN A 166 39.74 -2.34 -12.06
C ASN A 166 38.91 -1.27 -12.73
N ALA A 167 39.10 -0.03 -12.32
CA ALA A 167 38.37 1.07 -12.92
C ALA A 167 39.24 1.91 -13.83
N LYS A 168 38.58 2.75 -14.62
CA LYS A 168 39.25 3.86 -15.26
C LYS A 168 38.91 5.03 -14.38
N LEU A 169 39.93 5.70 -13.86
CA LEU A 169 39.74 6.73 -12.85
C LEU A 169 40.59 7.95 -13.15
N SER A 170 39.99 9.12 -13.02
CA SER A 170 40.71 10.34 -13.27
C SER A 170 40.43 11.33 -12.15
N LEU A 171 41.49 11.93 -11.62
CA LEU A 171 41.38 13.06 -10.71
C LEU A 171 41.97 14.28 -11.39
N ASN A 172 41.23 15.39 -11.35
CA ASN A 172 41.64 16.62 -12.00
C ASN A 172 42.20 16.40 -13.40
N GLY A 173 41.68 15.38 -14.08
CA GLY A 173 42.05 15.13 -15.46
C GLY A 173 43.25 14.23 -15.57
N VAL A 174 43.87 13.91 -14.44
CA VAL A 174 45.02 13.02 -14.43
C VAL A 174 44.52 11.58 -14.36
N ASP A 175 44.96 10.76 -15.31
CA ASP A 175 44.58 9.36 -15.33
C ASP A 175 45.35 8.63 -14.25
N ILE A 176 44.63 8.03 -13.31
CA ILE A 176 45.26 7.18 -12.31
C ILE A 176 45.14 5.72 -12.75
N PRO A 177 46.27 5.12 -13.20
CA PRO A 177 46.27 3.74 -13.72
C PRO A 177 46.10 2.70 -12.63
N ALA A 178 46.01 1.43 -13.02
CA ALA A 178 45.86 0.34 -12.05
C ALA A 178 46.87 0.38 -10.89
N ASN A 179 48.18 0.33 -11.16
CA ASN A 179 49.22 0.36 -10.09
C ASN A 179 48.95 1.43 -9.05
N ALA A 180 48.66 2.62 -9.55
CA ALA A 180 48.39 3.79 -8.72
C ALA A 180 47.08 3.62 -7.96
N GLN A 181 46.06 3.10 -8.63
CA GLN A 181 44.79 2.87 -7.97
C GLN A 181 44.97 1.88 -6.84
N MET A 182 45.95 1.00 -7.01
CA MET A 182 46.20 -0.06 -6.05
C MET A 182 46.98 0.49 -4.86
N LEU A 183 47.76 1.53 -5.10
CA LEU A 183 48.44 2.23 -4.01
C LEU A 183 47.44 3.04 -3.23
N LEU A 184 46.47 3.60 -3.95
CA LEU A 184 45.39 4.37 -3.36
C LEU A 184 44.47 3.47 -2.54
N ARG A 185 44.30 2.24 -3.01
CA ARG A 185 43.59 1.21 -2.27
C ARG A 185 44.23 1.01 -0.90
N ASP A 186 45.55 0.81 -0.89
CA ASP A 186 46.32 0.64 0.34
C ASP A 186 46.42 1.94 1.13
N ALA A 187 46.36 3.06 0.43
CA ALA A 187 46.49 4.38 1.06
C ALA A 187 45.30 4.76 1.90
N LEU A 188 44.13 4.22 1.59
CA LEU A 188 42.91 4.49 2.35
C LEU A 188 42.81 3.58 3.58
N GLY A 189 43.63 2.54 3.61
CA GLY A 189 43.55 1.55 4.68
C GLY A 189 42.60 0.43 4.32
N LEU A 190 42.23 0.36 3.05
CA LEU A 190 41.38 -0.69 2.53
C LEU A 190 42.21 -1.78 1.87
N LYS A 191 43.18 -2.31 2.62
CA LYS A 191 44.06 -3.36 2.12
C LYS A 191 43.28 -4.64 1.84
N ASP A 192 42.40 -5.03 2.77
CA ASP A 192 41.52 -6.19 2.55
C ASP A 192 40.03 -5.82 2.47
N THR A 193 39.30 -6.60 1.67
CA THR A 193 37.88 -6.41 1.34
C THR A 193 36.88 -6.29 2.51
N HIS A 194 37.35 -6.51 3.73
CA HIS A 194 36.47 -6.57 4.89
C HIS A 194 36.65 -5.36 5.81
N SER A 195 37.57 -4.46 5.46
CA SER A 195 37.93 -3.33 6.32
C SER A 195 37.22 -2.00 6.01
N SER A 196 37.32 -1.06 6.95
CA SER A 196 36.93 0.34 6.76
C SER A 196 38.21 1.16 6.64
N PRO A 197 38.11 2.45 6.25
CA PRO A 197 39.35 3.22 6.17
C PRO A 197 39.82 3.63 7.56
N THR A 198 41.12 3.89 7.67
CA THR A 198 41.78 4.21 8.95
C THR A 198 41.23 5.49 9.57
N ARG A 199 41.18 5.52 10.91
CA ARG A 199 40.69 6.68 11.67
C ARG A 199 41.46 7.95 11.31
N ASN A 200 42.69 7.77 10.82
CA ASN A 200 43.59 8.88 10.49
C ASN A 200 43.27 9.54 9.16
N VAL A 201 42.90 8.72 8.17
CA VAL A 201 42.48 9.20 6.85
C VAL A 201 41.08 9.83 6.92
N ILE A 202 40.16 9.16 7.62
CA ILE A 202 38.82 9.68 7.82
C ILE A 202 38.88 11.11 8.32
N ASP A 203 39.81 11.38 9.23
CA ASP A 203 39.97 12.68 9.86
C ASP A 203 40.89 13.63 9.08
N HIS A 204 42.05 13.15 8.65
CA HIS A 204 43.09 14.03 8.08
C HIS A 204 43.38 13.81 6.58
N GLY A 205 42.73 12.80 6.00
CA GLY A 205 42.96 12.44 4.61
C GLY A 205 44.16 11.54 4.45
N ILE A 206 44.49 11.22 3.20
CA ILE A 206 45.69 10.44 2.90
C ILE A 206 46.93 11.21 3.32
N SER A 207 47.96 10.48 3.72
CA SER A 207 49.22 11.10 4.12
C SER A 207 49.95 11.66 2.91
N ARG A 208 50.62 12.78 3.11
CA ARG A 208 51.32 13.50 2.05
C ARG A 208 52.22 12.60 1.22
N HIS A 209 52.94 11.70 1.89
CA HIS A 209 53.90 10.82 1.25
C HIS A 209 53.21 9.84 0.31
N ASP A 210 52.14 9.23 0.80
CA ASP A 210 51.29 8.34 0.00
C ASP A 210 50.76 9.04 -1.25
N ALA A 211 50.28 10.27 -1.06
CA ALA A 211 49.71 11.08 -2.14
C ALA A 211 50.73 11.34 -3.24
N GLU A 212 51.94 11.72 -2.85
CA GLU A 212 53.04 11.99 -3.79
C GLU A 212 53.47 10.74 -4.57
N GLN A 213 53.40 9.59 -3.90
CA GLN A 213 53.73 8.30 -4.52
C GLN A 213 52.71 7.94 -5.60
N ILE A 214 51.43 8.12 -5.28
CA ILE A 214 50.33 7.84 -6.20
C ILE A 214 50.39 8.75 -7.43
N ALA A 215 50.65 10.04 -7.19
CA ALA A 215 50.70 11.04 -8.25
C ALA A 215 51.92 10.91 -9.15
N ARG A 216 52.96 10.24 -8.67
CA ARG A 216 54.19 10.04 -9.45
C ARG A 216 53.96 8.92 -10.45
N GLU A 217 53.29 7.87 -9.99
CA GLU A 217 52.95 6.71 -10.82
C GLU A 217 51.87 6.99 -11.87
N SER A 218 51.28 8.19 -11.84
CA SER A 218 50.17 8.52 -12.73
C SER A 218 50.58 9.25 -14.00
N SER A 219 49.80 9.03 -15.06
CA SER A 219 49.96 9.70 -16.35
C SER A 219 49.28 11.04 -16.28
N GLY A 220 49.97 12.07 -16.75
CA GLY A 220 49.44 13.42 -16.70
C GLY A 220 50.50 14.48 -16.55
N SER A 221 50.07 15.73 -16.73
CA SER A 221 50.95 16.89 -16.68
C SER A 221 51.49 17.19 -15.28
N ASP A 222 52.68 17.79 -15.24
CA ASP A 222 53.38 18.04 -13.99
C ASP A 222 52.63 18.96 -13.03
N LYS A 223 52.06 20.04 -13.57
CA LYS A 223 51.23 20.98 -12.81
C LYS A 223 49.98 20.28 -12.26
N GLN A 224 49.33 19.51 -13.12
CA GLN A 224 48.13 18.77 -12.74
C GLN A 224 48.44 17.75 -11.64
N LYS A 225 49.58 17.07 -11.76
CA LYS A 225 50.01 16.11 -10.76
C LYS A 225 50.00 16.74 -9.38
N ALA A 226 50.52 17.97 -9.29
CA ALA A 226 50.53 18.73 -8.04
C ALA A 226 49.13 18.96 -7.45
N GLU A 227 48.15 19.24 -8.31
CA GLU A 227 46.77 19.43 -7.88
C GLU A 227 46.22 18.13 -7.31
N VAL A 228 46.67 16.99 -7.87
CA VAL A 228 46.24 15.67 -7.42
C VAL A 228 46.74 15.42 -6.00
N VAL A 229 48.01 15.75 -5.75
CA VAL A 229 48.58 15.59 -4.41
C VAL A 229 47.78 16.39 -3.38
N GLU A 230 47.55 17.67 -3.69
CA GLU A 230 46.74 18.55 -2.84
C GLU A 230 45.29 18.09 -2.69
N PHE A 231 44.73 17.50 -3.74
CA PHE A 231 43.40 16.96 -3.64
C PHE A 231 43.40 15.81 -2.62
N LEU A 232 44.33 14.88 -2.77
CA LEU A 232 44.34 13.67 -1.96
C LEU A 232 44.53 13.88 -0.46
N CYS A 233 45.08 15.03 -0.10
CA CYS A 233 45.36 15.37 1.29
C CYS A 233 44.18 15.92 2.07
N HIS A 234 42.98 15.78 1.51
CA HIS A 234 41.76 16.32 2.11
C HIS A 234 40.92 15.16 2.68
N PRO A 235 40.30 15.37 3.87
CA PRO A 235 39.42 14.32 4.41
C PRO A 235 38.30 13.97 3.44
N GLU A 236 37.93 14.94 2.60
CA GLU A 236 36.83 14.79 1.66
C GLU A 236 37.21 14.04 0.40
N ALA A 237 38.50 14.01 0.07
CA ALA A 237 38.98 13.25 -1.07
C ALA A 237 38.79 11.75 -0.84
N ALA A 238 38.90 11.31 0.41
CA ALA A 238 38.58 9.92 0.76
C ALA A 238 37.09 9.65 0.59
N THR A 239 36.25 10.63 0.91
CA THR A 239 34.80 10.50 0.77
C THR A 239 34.38 10.40 -0.69
N ALA A 240 35.03 11.20 -1.53
CA ALA A 240 34.70 11.29 -2.93
C ALA A 240 35.02 9.98 -3.57
N ILE A 241 36.24 9.48 -3.34
CA ILE A 241 36.71 8.23 -3.97
C ILE A 241 35.82 7.04 -3.61
N CYS A 242 35.64 6.81 -2.31
CA CYS A 242 34.90 5.64 -1.84
C CYS A 242 33.45 5.59 -2.31
N SER A 243 32.79 6.74 -2.30
CA SER A 243 31.37 6.79 -2.61
C SER A 243 31.10 6.55 -4.07
N ALA A 244 32.07 6.91 -4.91
CA ALA A 244 31.89 6.84 -6.37
C ALA A 244 31.67 5.41 -6.84
N PHE A 245 32.00 4.45 -5.98
CA PHE A 245 31.93 3.04 -6.33
C PHE A 245 30.63 2.38 -5.84
N TYR A 246 29.75 3.16 -5.22
CA TYR A 246 28.54 2.59 -4.65
C TYR A 246 27.73 1.88 -5.72
N GLN A 247 27.49 0.60 -5.52
CA GLN A 247 26.86 -0.26 -6.55
C GLN A 247 25.42 0.12 -6.84
N SER A 248 24.74 0.64 -5.84
CA SER A 248 23.31 0.80 -5.98
C SER A 248 22.91 2.11 -6.63
N PHE A 249 23.92 2.95 -6.91
CA PHE A 249 23.70 4.11 -7.75
C PHE A 249 22.94 3.61 -8.97
N ASN A 250 23.32 2.42 -9.45
CA ASN A 250 22.74 1.82 -10.66
C ASN A 250 21.28 1.34 -10.58
N VAL A 251 20.63 1.53 -9.43
CA VAL A 251 19.28 0.96 -9.25
C VAL A 251 18.16 1.70 -9.97
N PRO A 252 18.13 3.05 -9.92
CA PRO A 252 17.16 3.77 -10.73
C PRO A 252 17.14 3.34 -12.19
N ALA A 253 18.32 3.18 -12.77
CA ALA A 253 18.43 2.89 -14.20
C ALA A 253 18.07 1.46 -14.52
N LEU A 254 18.60 0.51 -13.76
CA LEU A 254 18.25 -0.89 -14.02
C LEU A 254 16.75 -1.15 -13.84
N THR A 255 16.12 -0.47 -12.87
CA THR A 255 14.67 -0.59 -12.66
C THR A 255 13.93 -0.50 -13.98
N LEU A 256 14.48 0.29 -14.90
CA LEU A 256 13.84 0.57 -16.18
C LEU A 256 14.26 -0.45 -17.29
N THR A 257 15.29 -1.25 -17.02
CA THR A 257 16.05 -1.94 -18.10
C THR A 257 16.66 -3.33 -17.85
N HIS A 258 16.59 -3.85 -16.64
CA HIS A 258 17.45 -4.99 -16.30
C HIS A 258 17.20 -6.23 -17.14
N GLU A 259 15.92 -6.53 -17.42
CA GLU A 259 15.55 -7.69 -18.26
C GLU A 259 16.31 -7.72 -19.59
N ARG A 260 16.56 -6.55 -20.16
CA ARG A 260 17.29 -6.41 -21.41
C ARG A 260 18.79 -6.60 -21.17
N ILE A 261 19.25 -6.20 -19.99
CA ILE A 261 20.66 -6.35 -19.63
C ILE A 261 20.95 -7.83 -19.42
N SER A 262 20.10 -8.49 -18.63
CA SER A 262 20.17 -9.94 -18.46
C SER A 262 20.11 -10.68 -19.79
N LYS A 263 19.20 -10.28 -20.69
CA LYS A 263 19.16 -10.89 -22.02
C LYS A 263 20.52 -10.87 -22.70
N ALA A 264 21.22 -9.74 -22.62
CA ALA A 264 22.54 -9.62 -23.20
C ALA A 264 23.54 -10.51 -22.47
N SER A 265 23.39 -10.65 -21.16
CA SER A 265 24.30 -11.47 -20.38
C SER A 265 24.24 -12.92 -20.85
N GLU A 266 23.01 -13.41 -21.06
CA GLU A 266 22.76 -14.75 -21.56
C GLU A 266 23.26 -14.91 -22.98
N TYR A 267 22.85 -14.02 -23.87
CA TYR A 267 23.26 -14.07 -25.26
C TYR A 267 24.77 -14.34 -25.32
N ASN A 268 25.51 -13.54 -24.58
CA ASN A 268 26.96 -13.64 -24.54
C ASN A 268 27.54 -14.86 -23.83
N ALA A 269 26.88 -15.36 -22.78
CA ALA A 269 27.40 -16.50 -22.03
C ALA A 269 27.27 -17.78 -22.84
N GLU A 270 26.30 -17.79 -23.75
CA GLU A 270 26.11 -18.89 -24.67
C GLU A 270 27.22 -18.95 -25.74
N ARG A 271 27.72 -17.80 -26.20
CA ARG A 271 28.83 -17.78 -27.17
C ARG A 271 30.21 -17.81 -26.51
N SER A 272 30.28 -18.13 -25.23
CA SER A 272 31.55 -18.13 -24.49
C SER A 272 32.36 -16.84 -24.61
N LEU A 273 31.69 -15.70 -24.84
CA LEU A 273 32.37 -14.41 -24.90
C LEU A 273 32.71 -13.97 -23.50
N ASP A 274 33.99 -13.77 -23.23
CA ASP A 274 34.42 -13.42 -21.88
C ASP A 274 34.28 -11.93 -21.66
N THR A 275 33.04 -11.51 -21.43
CA THR A 275 32.73 -10.10 -21.29
C THR A 275 32.39 -9.75 -19.83
N PRO A 276 33.08 -8.75 -19.27
CA PRO A 276 32.79 -8.43 -17.85
C PRO A 276 31.33 -8.07 -17.66
N ASN A 277 30.86 -8.17 -16.42
CA ASN A 277 29.46 -7.89 -16.14
C ASN A 277 29.18 -6.40 -16.19
N ALA A 278 30.13 -5.62 -15.68
CA ALA A 278 30.03 -4.18 -15.58
C ALA A 278 31.40 -3.52 -15.67
N CYS A 279 31.45 -2.28 -16.16
CA CYS A 279 32.68 -1.50 -16.18
C CYS A 279 32.43 -0.20 -15.45
N ILE A 280 33.42 0.27 -14.69
CA ILE A 280 33.31 1.54 -13.98
C ILE A 280 34.29 2.57 -14.55
N ASN A 281 33.81 3.80 -14.73
CA ASN A 281 34.64 4.89 -15.20
C ASN A 281 34.39 6.15 -14.34
N ILE A 282 35.29 6.45 -13.41
CA ILE A 282 35.07 7.59 -12.52
C ILE A 282 35.86 8.82 -12.92
N SER A 283 35.33 9.99 -12.57
CA SER A 283 35.92 11.26 -12.92
C SER A 283 35.61 12.22 -11.78
N ILE A 284 36.66 12.68 -11.10
CA ILE A 284 36.50 13.55 -9.93
C ILE A 284 37.42 14.74 -10.14
N SER A 285 36.96 15.93 -9.78
CA SER A 285 37.69 17.14 -10.00
C SER A 285 37.44 18.05 -8.83
N GLN A 286 38.49 18.75 -8.41
CA GLN A 286 38.36 19.80 -7.42
C GLN A 286 38.61 21.12 -8.13
N SER A 287 37.62 22.02 -8.02
CA SER A 287 37.75 23.37 -8.62
C SER A 287 38.77 24.20 -7.85
N SER A 288 39.27 25.25 -8.48
CA SER A 288 40.17 26.16 -7.78
C SER A 288 39.33 27.07 -6.89
N ASP A 289 38.45 26.45 -6.10
CA ASP A 289 37.66 27.13 -5.08
C ASP A 289 37.43 26.12 -3.96
N GLY A 290 37.81 24.87 -4.23
CA GLY A 290 37.75 23.78 -3.24
C GLY A 290 36.63 22.79 -3.51
N ASN A 291 35.75 23.15 -4.45
CA ASN A 291 34.58 22.34 -4.77
C ASN A 291 34.91 20.97 -5.40
N ILE A 292 34.45 19.92 -4.72
CA ILE A 292 34.65 18.55 -5.16
C ILE A 292 33.41 17.99 -5.85
N TYR A 293 33.57 17.67 -7.14
CA TYR A 293 32.51 17.07 -7.92
C TYR A 293 32.91 15.66 -8.35
N VAL A 294 32.00 14.72 -8.16
CA VAL A 294 32.19 13.35 -8.61
C VAL A 294 31.22 13.10 -9.75
N THR A 295 31.75 12.52 -10.82
CA THR A 295 30.93 11.99 -11.89
C THR A 295 31.37 10.54 -12.09
N SER A 296 30.46 9.60 -11.86
CA SER A 296 30.79 8.20 -11.78
C SER A 296 29.98 7.45 -12.80
N HIS A 297 30.64 6.65 -13.63
CA HIS A 297 29.96 5.95 -14.70
C HIS A 297 30.00 4.45 -14.53
N THR A 298 28.89 3.80 -14.85
CA THR A 298 28.81 2.35 -14.91
C THR A 298 28.28 1.97 -16.26
N GLY A 299 29.06 1.21 -17.01
CA GLY A 299 28.61 0.73 -18.30
C GLY A 299 28.28 -0.73 -18.14
N VAL A 300 27.30 -1.19 -18.92
CA VAL A 300 26.75 -2.53 -18.78
C VAL A 300 26.11 -2.90 -20.12
N LEU A 301 26.31 -4.13 -20.59
CA LEU A 301 25.79 -4.51 -21.90
C LEU A 301 24.26 -4.62 -21.92
N ILE A 302 23.65 -4.25 -23.04
CA ILE A 302 22.19 -4.22 -23.11
C ILE A 302 21.69 -4.58 -24.50
N MET A 303 20.52 -5.20 -24.56
CA MET A 303 19.90 -5.54 -25.82
C MET A 303 18.88 -4.51 -26.26
N ALA A 304 18.98 -4.10 -27.53
CA ALA A 304 18.00 -3.22 -28.13
C ALA A 304 16.57 -3.73 -27.91
N PRO A 305 15.58 -2.83 -27.84
CA PRO A 305 14.19 -3.25 -27.69
C PRO A 305 13.86 -4.22 -28.78
N GLU A 306 12.83 -5.05 -28.58
CA GLU A 306 12.43 -6.06 -29.56
C GLU A 306 11.82 -5.46 -30.84
N ASP A 307 12.55 -4.51 -31.42
CA ASP A 307 12.19 -3.90 -32.67
C ASP A 307 13.37 -4.05 -33.63
N ARG A 308 14.57 -4.15 -33.08
CA ARG A 308 15.79 -4.42 -33.86
C ARG A 308 16.52 -5.64 -33.23
N PRO A 309 15.82 -6.82 -33.14
CA PRO A 309 16.29 -7.94 -32.31
C PRO A 309 17.69 -8.43 -32.66
N ASN A 310 18.29 -9.15 -31.71
CA ASN A 310 19.69 -9.60 -31.79
C ASN A 310 20.80 -8.51 -31.90
N GLU A 311 20.42 -7.21 -31.90
CA GLU A 311 21.39 -6.08 -31.79
C GLU A 311 21.75 -5.75 -30.33
N MET A 312 23.04 -5.60 -30.04
CA MET A 312 23.53 -5.36 -28.67
C MET A 312 24.37 -4.09 -28.46
N GLY A 313 24.12 -3.37 -27.38
CA GLY A 313 24.82 -2.13 -27.12
C GLY A 313 25.12 -1.93 -25.65
N MET A 314 25.49 -0.72 -25.27
CA MET A 314 25.80 -0.45 -23.87
C MET A 314 24.90 0.58 -23.22
N LEU A 315 24.50 0.25 -21.99
CA LEU A 315 23.75 1.14 -21.15
C LEU A 315 24.73 1.78 -20.19
N THR A 316 24.72 3.11 -20.12
CA THR A 316 25.64 3.87 -19.30
C THR A 316 24.86 4.59 -18.24
N ASN A 317 25.25 4.43 -16.98
CA ASN A 317 24.67 5.22 -15.89
C ASN A 317 25.67 6.21 -15.37
N ARG A 318 25.28 7.48 -15.39
CA ARG A 318 26.09 8.54 -14.83
C ARG A 318 25.50 8.93 -13.49
N THR A 319 26.35 8.95 -12.47
CA THR A 319 25.99 9.54 -11.17
C THR A 319 26.90 10.74 -10.90
N SER A 320 26.26 11.91 -10.75
CA SER A 320 26.95 13.15 -10.47
C SER A 320 26.56 13.65 -9.07
N TYR A 321 27.51 14.21 -8.34
CA TYR A 321 27.22 14.83 -7.05
C TYR A 321 28.41 15.61 -6.51
N GLU A 322 28.12 16.63 -5.71
CA GLU A 322 29.15 17.38 -5.03
C GLU A 322 29.45 16.71 -3.71
N VAL A 323 30.72 16.67 -3.32
CA VAL A 323 31.06 16.35 -1.94
C VAL A 323 31.32 17.67 -1.20
N PRO A 324 30.40 18.08 -0.29
CA PRO A 324 30.58 19.32 0.43
C PRO A 324 31.78 19.21 1.37
N GLN A 325 32.24 20.35 1.88
CA GLN A 325 33.36 20.38 2.81
C GLN A 325 32.99 19.82 4.16
N GLY A 326 33.95 19.14 4.78
CA GLY A 326 33.77 18.56 6.10
C GLY A 326 32.93 17.29 6.14
N VAL A 327 32.65 16.70 4.98
CA VAL A 327 31.91 15.45 4.91
C VAL A 327 32.93 14.32 4.92
N LYS A 328 33.16 13.75 6.10
CA LYS A 328 34.21 12.76 6.26
C LYS A 328 33.75 11.42 5.70
N CYS A 329 34.72 10.58 5.33
CA CYS A 329 34.48 9.25 4.76
C CYS A 329 33.88 8.26 5.75
N THR A 330 32.58 8.40 5.99
CA THR A 330 31.82 7.52 6.88
C THR A 330 30.48 7.22 6.19
N ILE A 331 30.04 5.97 6.27
CA ILE A 331 28.72 5.57 5.75
C ILE A 331 27.60 6.46 6.29
N ASP A 332 27.57 6.64 7.61
CA ASP A 332 26.54 7.41 8.29
C ASP A 332 26.57 8.84 7.81
N GLU A 333 27.78 9.30 7.49
CA GLU A 333 27.96 10.69 7.10
C GLU A 333 27.68 10.92 5.63
N MET A 334 27.96 9.92 4.81
CA MET A 334 27.61 9.98 3.38
C MET A 334 26.09 10.04 3.16
N VAL A 335 25.36 9.22 3.91
CA VAL A 335 23.91 9.09 3.79
C VAL A 335 23.14 10.40 4.01
N ARG A 336 23.69 11.30 4.81
CA ARG A 336 22.97 12.54 5.10
C ARG A 336 23.50 13.79 4.41
N ALA A 337 24.74 13.74 3.91
CA ALA A 337 25.35 14.88 3.23
C ALA A 337 25.24 14.79 1.73
N LEU A 338 25.54 13.64 1.15
CA LEU A 338 25.62 13.51 -0.30
C LEU A 338 24.25 13.43 -0.94
N GLN A 339 24.08 14.13 -2.07
CA GLN A 339 22.78 14.17 -2.78
C GLN A 339 22.91 13.86 -4.27
N PRO A 340 23.14 12.57 -4.62
CA PRO A 340 23.32 12.13 -6.00
C PRO A 340 22.13 12.38 -6.92
N ARG A 341 22.45 12.47 -8.21
CA ARG A 341 21.51 12.72 -9.29
C ARG A 341 21.84 11.72 -10.40
N TYR A 342 20.91 10.79 -10.64
CA TYR A 342 21.10 9.64 -11.53
C TYR A 342 20.58 9.93 -12.92
N ALA A 343 21.23 9.35 -13.94
CA ALA A 343 20.93 9.61 -15.37
C ALA A 343 21.52 8.51 -16.24
N ALA A 344 20.94 8.25 -17.42
CA ALA A 344 21.38 7.14 -18.28
C ALA A 344 21.28 7.42 -19.78
N SER A 345 21.91 6.54 -20.58
CA SER A 345 21.87 6.60 -22.04
C SER A 345 22.20 5.24 -22.66
N GLU A 346 21.60 4.95 -23.82
CA GLU A 346 21.87 3.71 -24.53
C GLU A 346 22.71 3.99 -25.78
N THR A 347 23.79 3.25 -25.92
CA THR A 347 24.70 3.43 -27.03
C THR A 347 24.80 2.12 -27.75
N TYR A 348 24.77 2.19 -29.07
CA TYR A 348 24.81 1.01 -29.89
C TYR A 348 25.88 1.22 -30.95
N LEU A 349 26.52 0.15 -31.37
CA LEU A 349 27.60 0.24 -32.36
C LEU A 349 26.93 0.57 -33.67
N GLN A 350 27.31 1.68 -34.31
CA GLN A 350 26.86 1.91 -35.69
C GLN A 350 27.61 0.83 -36.53
N ASN A 351 26.95 -0.33 -36.61
CA ASN A 351 27.45 -1.61 -37.17
C ASN A 351 26.40 -2.70 -36.85
N PRO B 1 18.80 -34.01 -26.76
CA PRO B 1 19.23 -32.72 -27.31
C PRO B 1 20.77 -32.64 -27.51
N GLU B 2 21.43 -31.78 -26.73
CA GLU B 2 22.88 -31.81 -26.55
C GLU B 2 23.17 -31.82 -25.03
N TYR B 3 22.08 -31.92 -24.27
CA TYR B 3 22.12 -32.03 -22.83
C TYR B 3 20.87 -32.78 -22.38
N ASP B 4 21.03 -33.62 -21.35
CA ASP B 4 19.90 -34.41 -20.86
C ASP B 4 18.97 -33.62 -19.93
N TYR B 5 19.53 -32.65 -19.20
CA TYR B 5 18.78 -31.82 -18.27
C TYR B 5 19.22 -30.36 -18.30
N LEU B 6 18.26 -29.45 -18.12
CA LEU B 6 18.53 -28.03 -18.08
C LEU B 6 18.02 -27.42 -16.77
N PHE B 7 18.93 -27.14 -15.84
CA PHE B 7 18.53 -26.58 -14.55
C PHE B 7 18.90 -25.12 -14.45
N LYS B 8 18.02 -24.33 -13.80
CA LYS B 8 18.28 -22.92 -13.50
C LYS B 8 18.62 -22.77 -12.03
N LEU B 9 19.76 -22.15 -11.77
CA LEU B 9 20.26 -21.92 -10.42
C LEU B 9 20.38 -20.44 -10.10
N LEU B 10 20.14 -20.09 -8.84
CA LEU B 10 20.25 -18.71 -8.38
C LEU B 10 21.17 -18.60 -7.16
N LEU B 11 22.12 -17.67 -7.22
CA LEU B 11 22.93 -17.32 -6.04
C LEU B 11 22.40 -16.04 -5.39
N ILE B 12 22.35 -16.06 -4.08
CA ILE B 12 21.55 -15.17 -3.28
C ILE B 12 22.38 -14.99 -2.03
N GLY B 13 22.32 -13.82 -1.42
CA GLY B 13 23.03 -13.58 -0.16
C GLY B 13 23.64 -12.20 -0.06
N ASP B 14 24.06 -11.83 1.15
CA ASP B 14 24.61 -10.50 1.37
C ASP B 14 25.73 -10.13 0.39
N SER B 15 25.96 -8.83 0.18
CA SER B 15 27.04 -8.41 -0.69
C SER B 15 28.41 -8.76 -0.08
N GLY B 16 29.28 -9.34 -0.90
CA GLY B 16 30.66 -9.55 -0.50
C GLY B 16 30.87 -10.81 0.30
N VAL B 17 29.86 -11.67 0.36
CA VAL B 17 30.04 -12.96 0.97
C VAL B 17 30.78 -13.90 0.02
N GLY B 18 30.77 -13.58 -1.27
CA GLY B 18 31.57 -14.30 -2.26
C GLY B 18 30.81 -14.98 -3.41
N LYS B 19 29.55 -14.60 -3.62
CA LYS B 19 28.69 -15.27 -4.60
C LYS B 19 29.29 -15.32 -6.00
N SER B 20 29.90 -14.22 -6.44
CA SER B 20 30.50 -14.22 -7.77
C SER B 20 31.72 -15.11 -7.80
N CYS B 21 32.52 -15.01 -6.74
CA CYS B 21 33.74 -15.78 -6.62
C CYS B 21 33.42 -17.26 -6.73
N LEU B 22 32.43 -17.73 -5.96
CA LEU B 22 31.99 -19.11 -6.03
C LEU B 22 31.56 -19.51 -7.44
N LEU B 23 30.79 -18.64 -8.09
CA LEU B 23 30.33 -18.92 -9.45
C LEU B 23 31.49 -19.01 -10.45
N LEU B 24 32.45 -18.09 -10.35
CA LEU B 24 33.53 -18.07 -11.30
C LEU B 24 34.46 -19.25 -11.06
N ARG B 25 34.53 -19.69 -9.81
CA ARG B 25 35.32 -20.87 -9.48
C ARG B 25 34.69 -22.11 -10.09
N PHE B 26 33.38 -22.27 -9.89
CA PHE B 26 32.66 -23.38 -10.50
C PHE B 26 32.64 -23.37 -12.04
N ALA B 27 32.68 -22.21 -12.65
CA ALA B 27 32.51 -22.17 -14.10
C ALA B 27 33.81 -22.13 -14.88
N ASP B 28 34.87 -21.60 -14.29
CA ASP B 28 36.15 -21.40 -14.98
C ASP B 28 37.36 -21.95 -14.24
N ASP B 29 37.14 -22.50 -13.04
CA ASP B 29 38.22 -22.92 -12.12
C ASP B 29 39.31 -21.86 -11.88
N THR B 30 38.93 -20.59 -11.94
CA THR B 30 39.81 -19.48 -11.56
C THR B 30 39.31 -18.72 -10.34
N TYR B 31 40.24 -18.07 -9.65
CA TYR B 31 39.92 -17.12 -8.61
C TYR B 31 40.80 -15.90 -8.80
N THR B 32 40.15 -14.76 -9.00
CA THR B 32 40.84 -13.51 -9.16
C THR B 32 40.11 -12.44 -8.35
N GLU B 33 40.83 -11.36 -8.06
CA GLU B 33 40.27 -10.23 -7.31
C GLU B 33 40.22 -8.98 -8.18
N SER B 34 40.12 -9.21 -9.49
CA SER B 34 40.22 -8.16 -10.46
C SER B 34 38.87 -7.94 -11.16
N TYR B 35 37.81 -7.99 -10.38
CA TYR B 35 36.48 -7.74 -10.91
C TYR B 35 35.72 -6.72 -10.07
N ILE B 36 35.12 -5.74 -10.74
CA ILE B 36 34.17 -4.82 -10.13
C ILE B 36 33.00 -5.59 -9.55
N SER B 37 32.17 -4.93 -8.78
CA SER B 37 31.02 -5.61 -8.18
C SER B 37 29.95 -6.09 -9.17
N THR B 38 29.01 -6.88 -8.66
CA THR B 38 27.93 -7.37 -9.47
C THR B 38 26.84 -6.32 -9.49
N ILE B 39 26.60 -5.78 -10.67
CA ILE B 39 25.54 -4.83 -10.89
C ILE B 39 24.36 -5.59 -11.46
N GLY B 40 23.28 -5.63 -10.68
CA GLY B 40 22.06 -6.33 -11.09
C GLY B 40 22.22 -7.84 -11.01
N VAL B 41 22.33 -8.46 -12.18
CA VAL B 41 22.41 -9.90 -12.24
C VAL B 41 23.48 -10.32 -13.22
N ASP B 42 24.27 -11.30 -12.81
CA ASP B 42 25.31 -11.90 -13.64
C ASP B 42 24.82 -13.28 -14.05
N PHE B 43 25.44 -13.83 -15.08
CA PHE B 43 25.01 -15.11 -15.61
C PHE B 43 26.19 -15.94 -16.14
N LYS B 44 26.27 -17.19 -15.70
CA LYS B 44 27.29 -18.13 -16.19
C LYS B 44 26.65 -19.48 -16.51
N ILE B 45 27.17 -20.16 -17.53
CA ILE B 45 26.74 -21.51 -17.88
C ILE B 45 27.84 -22.54 -17.60
N ARG B 46 27.47 -23.67 -17.00
CA ARG B 46 28.39 -24.80 -16.93
C ARG B 46 27.65 -26.12 -17.09
N THR B 47 28.29 -27.08 -17.76
CA THR B 47 27.75 -28.43 -17.89
C THR B 47 28.46 -29.42 -16.97
N ILE B 48 27.68 -30.30 -16.35
CA ILE B 48 28.26 -31.36 -15.55
C ILE B 48 27.69 -32.70 -15.96
N GLU B 49 28.41 -33.76 -15.59
CA GLU B 49 27.97 -35.13 -15.83
C GLU B 49 27.56 -35.72 -14.50
N LEU B 50 26.39 -36.33 -14.44
CA LEU B 50 25.87 -36.89 -13.18
C LEU B 50 24.97 -38.09 -13.44
N ASP B 51 25.27 -39.21 -12.77
CA ASP B 51 24.61 -40.49 -13.04
C ASP B 51 24.64 -40.81 -14.52
N GLY B 52 25.74 -40.43 -15.19
CA GLY B 52 25.90 -40.64 -16.61
C GLY B 52 25.14 -39.63 -17.45
N LYS B 53 24.18 -38.94 -16.84
CA LYS B 53 23.41 -37.90 -17.52
C LYS B 53 24.19 -36.59 -17.60
N THR B 54 24.11 -35.94 -18.76
CA THR B 54 24.68 -34.61 -19.00
C THR B 54 23.70 -33.54 -18.53
N ILE B 55 24.15 -32.68 -17.61
CA ILE B 55 23.29 -31.63 -17.07
C ILE B 55 23.84 -30.24 -17.36
N LYS B 56 23.01 -29.38 -17.96
CA LYS B 56 23.39 -28.00 -18.27
C LYS B 56 22.82 -27.07 -17.21
N LEU B 57 23.69 -26.43 -16.44
CA LEU B 57 23.29 -25.50 -15.38
C LEU B 57 23.33 -24.04 -15.83
N GLN B 58 22.25 -23.30 -15.55
CA GLN B 58 22.14 -21.88 -15.90
C GLN B 58 22.11 -21.08 -14.60
N ILE B 59 23.26 -20.55 -14.22
CA ILE B 59 23.42 -19.94 -12.90
C ILE B 59 23.37 -18.42 -12.94
N TRP B 60 22.38 -17.88 -12.24
CA TRP B 60 22.17 -16.44 -12.11
C TRP B 60 22.78 -15.94 -10.79
N ASP B 61 23.66 -14.97 -10.89
CA ASP B 61 24.45 -14.45 -9.77
C ASP B 61 23.93 -13.06 -9.42
N THR B 62 23.20 -12.94 -8.30
CA THR B 62 22.55 -11.67 -7.98
C THR B 62 23.42 -10.69 -7.20
N ALA B 63 23.06 -9.39 -7.26
CA ALA B 63 23.67 -8.40 -6.38
C ALA B 63 22.95 -8.39 -5.03
N GLY B 64 23.70 -8.36 -3.93
CA GLY B 64 23.14 -8.60 -2.61
C GLY B 64 22.85 -7.39 -1.75
N GLN B 65 23.34 -6.22 -2.12
CA GLN B 65 23.03 -5.02 -1.35
C GLN B 65 21.53 -4.75 -1.43
N GLU B 66 20.99 -4.19 -0.36
CA GLU B 66 19.56 -4.12 -0.17
C GLU B 66 18.85 -3.49 -1.37
N ARG B 67 19.22 -2.27 -1.75
CA ARG B 67 18.50 -1.56 -2.82
C ARG B 67 18.22 -2.46 -4.04
N PHE B 68 19.09 -3.43 -4.30
CA PHE B 68 18.95 -4.31 -5.43
C PHE B 68 17.91 -5.42 -5.27
N ARG B 69 17.32 -5.57 -4.08
CA ARG B 69 16.43 -6.69 -3.80
C ARG B 69 15.20 -6.82 -4.71
N THR B 70 14.58 -5.69 -5.05
CA THR B 70 13.36 -5.72 -5.85
C THR B 70 13.63 -6.20 -7.27
N ILE B 71 14.73 -5.76 -7.87
CA ILE B 71 15.14 -6.28 -9.17
C ILE B 71 15.47 -7.78 -9.00
N THR B 72 16.28 -8.09 -8.00
CA THR B 72 16.73 -9.45 -7.70
C THR B 72 15.61 -10.48 -7.58
N SER B 73 14.52 -10.10 -6.93
CA SER B 73 13.40 -11.00 -6.63
C SER B 73 12.68 -11.52 -7.87
N SER B 74 12.66 -10.72 -8.94
CA SER B 74 12.13 -11.13 -10.23
C SER B 74 12.79 -12.38 -10.84
N TYR B 75 13.97 -12.76 -10.33
CA TYR B 75 14.69 -13.91 -10.85
C TYR B 75 14.42 -15.20 -10.09
N TYR B 76 13.94 -15.10 -8.85
CA TYR B 76 13.66 -16.28 -8.04
C TYR B 76 12.71 -17.29 -8.68
N ARG B 77 11.52 -16.86 -9.08
CA ARG B 77 10.46 -17.82 -9.48
C ARG B 77 10.77 -18.63 -10.72
N GLY B 78 11.88 -18.32 -11.39
CA GLY B 78 12.33 -19.14 -12.51
C GLY B 78 13.19 -20.31 -12.09
N ALA B 79 13.86 -20.18 -10.94
CA ALA B 79 14.92 -21.12 -10.57
C ALA B 79 14.46 -22.51 -10.11
N HIS B 80 15.25 -23.51 -10.47
CA HIS B 80 15.10 -24.89 -10.01
C HIS B 80 15.71 -25.03 -8.63
N GLY B 81 16.63 -24.14 -8.31
CA GLY B 81 17.36 -24.21 -7.06
C GLY B 81 18.01 -22.88 -6.68
N ILE B 82 18.11 -22.63 -5.39
CA ILE B 82 18.63 -21.36 -4.93
C ILE B 82 19.68 -21.63 -3.90
N ILE B 83 20.85 -21.04 -4.08
CA ILE B 83 21.92 -21.18 -3.12
C ILE B 83 22.04 -19.91 -2.27
N VAL B 84 21.94 -20.09 -0.95
CA VAL B 84 22.08 -18.98 -0.02
C VAL B 84 23.47 -19.00 0.57
N VAL B 85 24.21 -17.91 0.32
CA VAL B 85 25.60 -17.79 0.73
C VAL B 85 25.72 -16.78 1.87
N TYR B 86 26.60 -17.07 2.81
CA TYR B 86 26.97 -16.13 3.85
C TYR B 86 28.49 -16.25 4.01
N ASP B 87 29.08 -15.25 4.64
CA ASP B 87 30.52 -15.18 4.90
C ASP B 87 30.72 -15.68 6.31
N VAL B 88 31.60 -16.67 6.50
CA VAL B 88 31.77 -17.29 7.82
C VAL B 88 32.57 -16.41 8.75
N THR B 89 33.29 -15.44 8.19
CA THR B 89 34.03 -14.46 8.98
C THR B 89 33.14 -13.31 9.42
N ASP B 90 31.93 -13.28 8.89
CA ASP B 90 31.04 -12.15 9.08
C ASP B 90 29.72 -12.56 9.68
N GLN B 91 29.54 -12.24 10.96
CA GLN B 91 28.36 -12.63 11.70
C GLN B 91 27.05 -12.10 11.12
N GLU B 92 27.02 -10.82 10.78
CA GLU B 92 25.76 -10.23 10.31
C GLU B 92 25.25 -10.95 9.07
N SER B 93 26.16 -11.43 8.21
CA SER B 93 25.80 -12.14 6.98
C SER B 93 25.06 -13.45 7.24
N PHE B 94 25.45 -14.16 8.29
CA PHE B 94 24.77 -15.39 8.66
C PHE B 94 23.40 -15.06 9.23
N ASN B 95 23.35 -14.01 10.03
CA ASN B 95 22.12 -13.57 10.67
C ASN B 95 21.05 -13.28 9.63
N ASN B 96 21.47 -12.84 8.45
CA ASN B 96 20.54 -12.47 7.38
C ASN B 96 20.03 -13.63 6.54
N VAL B 97 20.53 -14.83 6.78
CA VAL B 97 20.07 -15.99 6.01
C VAL B 97 18.54 -16.14 6.20
N LYS B 98 18.08 -15.88 7.42
CA LYS B 98 16.66 -15.97 7.77
C LYS B 98 15.76 -15.20 6.79
N GLN B 99 16.17 -13.99 6.40
CA GLN B 99 15.40 -13.15 5.50
C GLN B 99 15.47 -13.64 4.07
N TRP B 100 16.67 -13.98 3.64
CA TRP B 100 16.86 -14.52 2.30
C TRP B 100 15.94 -15.71 2.09
N LEU B 101 15.82 -16.57 3.11
CA LEU B 101 14.91 -17.71 3.05
C LEU B 101 13.45 -17.25 3.04
N GLN B 102 13.18 -16.13 3.69
CA GLN B 102 11.89 -15.48 3.57
C GLN B 102 11.64 -14.97 2.15
N GLU B 103 12.70 -14.53 1.48
CA GLU B 103 12.61 -14.04 0.09
C GLU B 103 12.29 -15.18 -0.85
N ILE B 104 12.90 -16.33 -0.57
CA ILE B 104 12.66 -17.56 -1.30
C ILE B 104 11.24 -17.99 -1.06
N ASP B 105 10.80 -17.91 0.19
CA ASP B 105 9.41 -18.19 0.57
C ASP B 105 8.45 -17.26 -0.15
N ARG B 106 8.84 -16.01 -0.32
CA ARG B 106 7.95 -15.03 -0.90
C ARG B 106 7.94 -15.11 -2.42
N TYR B 107 9.09 -15.40 -3.02
CA TYR B 107 9.25 -15.23 -4.46
C TYR B 107 9.46 -16.48 -5.29
N ALA B 108 10.31 -17.41 -4.83
CA ALA B 108 10.64 -18.63 -5.58
C ALA B 108 9.43 -19.54 -5.73
N SER B 109 9.58 -20.59 -6.54
CA SER B 109 8.55 -21.61 -6.66
C SER B 109 8.35 -22.34 -5.33
N GLU B 110 7.11 -22.72 -5.06
CA GLU B 110 6.71 -23.30 -3.78
C GLU B 110 7.52 -24.53 -3.35
N ASN B 111 8.14 -25.22 -4.29
CA ASN B 111 8.97 -26.39 -3.97
C ASN B 111 10.32 -26.39 -4.67
N VAL B 112 10.89 -25.18 -4.79
CA VAL B 112 12.26 -24.95 -5.23
C VAL B 112 13.27 -25.73 -4.35
N ASN B 113 14.49 -25.92 -4.82
CA ASN B 113 15.53 -26.58 -4.01
C ASN B 113 16.47 -25.57 -3.36
N LYS B 114 16.78 -25.77 -2.08
CA LYS B 114 17.58 -24.80 -1.35
C LYS B 114 18.86 -25.42 -0.84
N LEU B 115 19.99 -24.76 -1.08
CA LEU B 115 21.26 -25.17 -0.49
C LEU B 115 21.81 -24.02 0.35
N LEU B 116 22.55 -24.31 1.41
CA LEU B 116 23.19 -23.25 2.18
C LEU B 116 24.71 -23.36 2.14
N VAL B 117 25.39 -22.28 1.82
CA VAL B 117 26.85 -22.30 1.66
C VAL B 117 27.53 -21.25 2.54
N GLY B 118 28.46 -21.69 3.40
CA GLY B 118 29.24 -20.76 4.22
C GLY B 118 30.61 -20.50 3.63
N ASN B 119 30.78 -19.36 3.00
CA ASN B 119 32.00 -19.10 2.24
C ASN B 119 33.12 -18.49 3.06
N LYS B 120 34.28 -18.37 2.43
CA LYS B 120 35.50 -17.84 3.02
C LYS B 120 35.98 -18.69 4.19
N CYS B 121 35.74 -19.99 4.11
CA CYS B 121 36.08 -20.89 5.20
C CYS B 121 37.59 -21.14 5.30
N ASP B 122 38.37 -20.54 4.41
CA ASP B 122 39.82 -20.58 4.50
C ASP B 122 40.37 -19.55 5.47
N LEU B 123 39.59 -18.54 5.79
CA LEU B 123 40.02 -17.54 6.76
C LEU B 123 39.65 -18.02 8.16
N THR B 124 40.53 -18.83 8.71
CA THR B 124 40.24 -19.57 9.93
C THR B 124 40.44 -18.70 11.17
N THR B 125 41.27 -17.66 11.02
CA THR B 125 41.58 -16.73 12.11
C THR B 125 40.36 -15.87 12.43
N LYS B 126 39.75 -15.34 11.38
CA LYS B 126 38.66 -14.39 11.51
C LYS B 126 37.28 -15.06 11.43
N LYS B 127 37.29 -16.40 11.40
CA LYS B 127 36.07 -17.17 11.30
C LYS B 127 35.24 -16.97 12.56
N VAL B 128 33.96 -16.62 12.40
CA VAL B 128 33.07 -16.40 13.54
C VAL B 128 31.78 -17.25 13.54
N VAL B 129 31.49 -17.93 12.44
CA VAL B 129 30.33 -18.82 12.37
C VAL B 129 30.77 -20.29 12.27
N ASP B 130 30.61 -21.02 13.38
CA ASP B 130 31.10 -22.39 13.49
C ASP B 130 30.19 -23.34 12.75
N TYR B 131 30.78 -24.43 12.22
CA TYR B 131 30.06 -25.44 11.43
C TYR B 131 28.78 -25.86 12.12
N THR B 132 28.88 -26.11 13.42
CA THR B 132 27.77 -26.62 14.21
C THR B 132 26.62 -25.65 14.35
N THR B 133 26.93 -24.35 14.41
CA THR B 133 25.90 -23.31 14.49
C THR B 133 25.10 -23.28 13.20
N ALA B 134 25.80 -23.35 12.07
CA ALA B 134 25.16 -23.32 10.76
C ALA B 134 24.45 -24.63 10.41
N LYS B 135 25.14 -25.76 10.58
CA LYS B 135 24.57 -27.08 10.31
C LYS B 135 23.24 -27.27 11.01
N GLU B 136 23.21 -26.98 12.32
CA GLU B 136 22.02 -27.15 13.13
C GLU B 136 20.86 -26.33 12.61
N PHE B 137 21.14 -25.10 12.17
CA PHE B 137 20.14 -24.23 11.57
C PHE B 137 19.61 -24.83 10.27
N ALA B 138 20.54 -25.25 9.42
CA ALA B 138 20.21 -25.84 8.15
C ALA B 138 19.44 -27.15 8.36
N ASP B 139 19.89 -27.94 9.32
CA ASP B 139 19.24 -29.19 9.69
C ASP B 139 17.78 -28.98 10.03
N SER B 140 17.48 -27.89 10.74
CA SER B 140 16.14 -27.60 11.22
C SER B 140 15.18 -27.29 10.08
N LEU B 141 15.73 -26.97 8.91
CA LEU B 141 14.91 -26.61 7.75
C LEU B 141 15.02 -27.62 6.60
N GLY B 142 15.65 -28.75 6.85
CA GLY B 142 15.82 -29.80 5.84
C GLY B 142 16.70 -29.39 4.67
N ILE B 143 17.62 -28.45 4.93
CA ILE B 143 18.45 -27.82 3.92
C ILE B 143 19.86 -28.39 4.04
N PRO B 144 20.44 -28.87 2.92
CA PRO B 144 21.84 -29.27 2.85
C PRO B 144 22.78 -28.07 3.05
N PHE B 145 23.99 -28.32 3.53
CA PHE B 145 24.88 -27.24 3.92
C PHE B 145 26.34 -27.63 3.80
N LEU B 146 27.15 -26.72 3.25
CA LEU B 146 28.58 -26.91 3.13
C LEU B 146 29.28 -25.61 3.47
N GLU B 147 30.50 -25.69 4.00
CA GLU B 147 31.39 -24.53 4.06
C GLU B 147 32.27 -24.61 2.85
N THR B 148 32.60 -23.47 2.25
CA THR B 148 33.39 -23.49 1.01
C THR B 148 34.44 -22.40 0.97
N SER B 149 35.44 -22.58 0.12
CA SER B 149 36.40 -21.55 -0.15
C SER B 149 36.61 -21.42 -1.65
N ALA B 150 35.98 -20.38 -2.22
CA ALA B 150 36.14 -20.06 -3.61
C ALA B 150 37.62 -19.85 -3.94
N LYS B 151 38.36 -19.32 -2.96
CA LYS B 151 39.80 -19.11 -3.10
C LYS B 151 40.62 -20.40 -3.21
N ASN B 152 40.25 -21.43 -2.43
CA ASN B 152 40.95 -22.72 -2.38
C ASN B 152 40.28 -23.84 -3.15
N ALA B 153 39.10 -23.54 -3.71
CA ALA B 153 38.25 -24.49 -4.42
C ALA B 153 37.53 -25.48 -3.49
N THR B 154 37.85 -25.40 -2.20
CA THR B 154 37.30 -26.26 -1.14
C THR B 154 35.77 -26.33 -1.24
N ASN B 155 35.26 -27.54 -1.43
CA ASN B 155 33.81 -27.80 -1.51
C ASN B 155 32.95 -27.01 -2.52
N VAL B 156 33.58 -26.18 -3.35
CA VAL B 156 32.86 -25.39 -4.37
C VAL B 156 32.18 -26.33 -5.37
N GLU B 157 32.96 -27.26 -5.94
CA GLU B 157 32.42 -28.18 -6.93
C GLU B 157 31.31 -29.00 -6.32
N GLN B 158 31.60 -29.59 -5.16
CA GLN B 158 30.67 -30.42 -4.39
C GLN B 158 29.32 -29.71 -4.19
N SER B 159 29.36 -28.41 -3.89
CA SER B 159 28.15 -27.62 -3.67
C SER B 159 27.16 -27.75 -4.81
N PHE B 160 27.62 -27.43 -6.01
CA PHE B 160 26.74 -27.38 -7.18
C PHE B 160 26.23 -28.75 -7.59
N MET B 161 27.07 -29.77 -7.39
CA MET B 161 26.69 -31.12 -7.72
C MET B 161 25.61 -31.57 -6.74
N THR B 162 25.76 -31.25 -5.46
CA THR B 162 24.75 -31.62 -4.47
C THR B 162 23.42 -30.99 -4.85
N MET B 163 23.46 -29.70 -5.19
CA MET B 163 22.28 -28.97 -5.64
C MET B 163 21.68 -29.65 -6.88
N ALA B 164 22.54 -30.00 -7.84
CA ALA B 164 22.10 -30.64 -9.08
C ALA B 164 21.38 -31.96 -8.81
N ALA B 165 22.05 -32.87 -8.11
CA ALA B 165 21.48 -34.15 -7.72
C ALA B 165 20.14 -33.98 -7.03
N GLU B 166 20.05 -32.95 -6.20
CA GLU B 166 18.89 -32.69 -5.37
C GLU B 166 17.71 -32.29 -6.22
N ILE B 167 18.00 -31.56 -7.31
CA ILE B 167 16.98 -31.19 -8.29
C ILE B 167 16.65 -32.39 -9.16
N LYS B 168 17.69 -33.10 -9.59
CA LYS B 168 17.53 -34.26 -10.45
C LYS B 168 16.52 -35.20 -9.80
N LYS B 169 16.82 -35.60 -8.57
CA LYS B 169 15.97 -36.47 -7.76
C LYS B 169 14.52 -36.01 -7.77
N ARG B 170 14.32 -34.71 -7.63
CA ARG B 170 13.00 -34.09 -7.60
C ARG B 170 12.21 -34.21 -8.93
N MET B 171 12.89 -34.58 -10.01
CA MET B 171 12.23 -34.80 -11.30
C MET B 171 12.98 -35.78 -12.20
N GLU C 1 -15.96 41.42 -0.11
CA GLU C 1 -14.85 42.28 -0.62
C GLU C 1 -13.81 41.48 -1.42
N MET C 2 -13.88 40.15 -1.34
CA MET C 2 -12.87 39.31 -1.96
C MET C 2 -13.41 38.38 -3.05
N SER C 3 -12.92 38.60 -4.27
CA SER C 3 -13.23 37.74 -5.40
C SER C 3 -12.64 36.35 -5.19
N CYS C 4 -13.14 35.37 -5.94
CA CYS C 4 -12.69 33.97 -5.80
C CYS C 4 -11.27 33.75 -6.31
N ALA C 5 -10.92 34.41 -7.41
CA ALA C 5 -9.56 34.35 -7.95
C ALA C 5 -8.56 34.82 -6.90
N GLU C 6 -8.88 35.94 -6.25
CA GLU C 6 -8.02 36.56 -5.26
C GLU C 6 -8.02 35.72 -3.98
N LYS C 7 -9.12 35.02 -3.76
CA LYS C 7 -9.30 34.17 -2.59
C LYS C 7 -8.28 33.04 -2.65
N LEU C 8 -8.33 32.27 -3.72
CA LEU C 8 -7.43 31.14 -3.96
C LEU C 8 -5.95 31.53 -4.03
N LEU C 9 -5.69 32.70 -4.59
CA LEU C 9 -4.33 33.21 -4.70
C LEU C 9 -3.66 33.31 -3.33
N LYS C 10 -4.34 33.92 -2.36
CA LYS C 10 -3.84 34.03 -0.98
C LYS C 10 -3.87 32.68 -0.27
N VAL C 11 -4.78 31.81 -0.70
CA VAL C 11 -4.89 30.46 -0.16
C VAL C 11 -3.65 29.63 -0.52
N LEU C 12 -3.26 29.69 -1.79
CA LEU C 12 -2.11 28.94 -2.25
C LEU C 12 -0.83 29.53 -1.68
N SER C 13 -0.80 30.86 -1.50
CA SER C 13 0.40 31.56 -1.04
C SER C 13 0.74 31.32 0.42
N PHE C 14 -0.29 31.15 1.25
CA PHE C 14 -0.07 30.89 2.66
C PHE C 14 0.33 29.44 2.86
N GLY C 15 -0.38 28.53 2.19
CA GLY C 15 -0.03 27.11 2.21
C GLY C 15 -1.29 26.28 2.17
N LEU C 16 -1.39 25.39 1.18
CA LEU C 16 -2.55 24.53 1.01
C LEU C 16 -2.60 23.56 2.21
N TRP C 17 -1.52 22.81 2.39
CA TRP C 17 -1.38 21.87 3.51
C TRP C 17 -0.95 22.55 4.82
N ASN C 18 -1.28 23.84 4.97
CA ASN C 18 -0.96 24.55 6.21
C ASN C 18 -1.78 23.99 7.37
N PRO C 19 -1.13 23.74 8.51
CA PRO C 19 -1.84 23.22 9.68
C PRO C 19 -2.77 24.16 10.48
N THR C 20 -2.70 25.48 10.21
CA THR C 20 -3.49 26.48 10.97
C THR C 20 -4.82 26.74 10.24
N TYR C 21 -5.29 25.77 9.47
CA TYR C 21 -6.60 25.86 8.81
C TYR C 21 -7.64 25.07 9.58
N SER C 22 -8.82 25.66 9.73
CA SER C 22 -9.98 24.95 10.27
C SER C 22 -10.46 23.96 9.21
N ARG C 23 -11.09 22.88 9.66
CA ARG C 23 -11.48 21.82 8.74
C ARG C 23 -12.80 22.14 8.01
N SER C 24 -13.51 23.16 8.47
CA SER C 24 -14.67 23.65 7.73
C SER C 24 -14.22 24.45 6.50
N GLU C 25 -13.06 25.11 6.62
CA GLU C 25 -12.45 25.88 5.54
C GLU C 25 -11.69 25.03 4.54
N ARG C 26 -11.06 23.96 5.03
CA ARG C 26 -10.28 23.03 4.19
C ARG C 26 -11.08 22.44 3.02
N GLN C 27 -12.37 22.20 3.25
CA GLN C 27 -13.27 21.67 2.22
C GLN C 27 -13.68 22.72 1.19
N SER C 28 -13.95 23.94 1.66
CA SER C 28 -14.31 25.04 0.77
C SER C 28 -13.15 25.49 -0.16
N PHE C 29 -11.92 25.05 0.15
CA PHE C 29 -10.75 25.33 -0.71
C PHE C 29 -10.72 24.44 -1.95
N GLN C 30 -10.99 23.15 -1.76
CA GLN C 30 -11.00 22.20 -2.87
C GLN C 30 -12.00 22.61 -3.95
N GLU C 31 -13.09 23.24 -3.53
CA GLU C 31 -14.07 23.78 -4.47
C GLU C 31 -13.46 24.90 -5.30
N LEU C 32 -12.51 25.64 -4.72
CA LEU C 32 -11.74 26.62 -5.47
C LEU C 32 -10.65 25.97 -6.32
N LEU C 33 -9.93 25.01 -5.73
CA LEU C 33 -8.77 24.37 -6.37
C LEU C 33 -9.11 23.55 -7.64
N THR C 34 -10.30 22.97 -7.71
CA THR C 34 -10.66 22.11 -8.85
C THR C 34 -11.16 22.89 -10.08
N VAL C 35 -11.05 24.20 -10.00
CA VAL C 35 -11.35 25.09 -11.12
C VAL C 35 -10.07 25.33 -11.92
N LEU C 36 -8.92 25.15 -11.26
CA LEU C 36 -7.61 25.23 -11.93
C LEU C 36 -7.50 24.13 -12.97
N GLU C 37 -7.40 24.53 -14.24
CA GLU C 37 -7.19 23.57 -15.31
C GLU C 37 -5.85 23.85 -15.97
N PRO C 38 -5.03 22.80 -16.19
CA PRO C 38 -3.74 22.92 -16.88
C PRO C 38 -3.95 23.24 -18.36
N VAL C 39 -3.28 24.29 -18.84
CA VAL C 39 -3.48 24.78 -20.21
C VAL C 39 -2.18 24.81 -21.00
N TYR C 40 -2.30 25.07 -22.30
CA TYR C 40 -1.16 25.15 -23.21
C TYR C 40 -0.14 26.18 -22.70
N PRO C 41 1.07 25.70 -22.36
CA PRO C 41 2.12 26.61 -21.93
C PRO C 41 2.77 27.28 -23.13
N LEU C 42 3.26 28.50 -22.93
CA LEU C 42 4.09 29.18 -23.90
C LEU C 42 5.41 28.41 -24.11
N PRO C 43 6.32 28.93 -24.96
CA PRO C 43 7.59 28.22 -25.17
C PRO C 43 8.51 28.26 -23.95
N ASN C 44 8.71 29.43 -23.35
CA ASN C 44 9.58 29.54 -22.18
C ASN C 44 9.01 28.92 -20.90
N GLU C 45 7.75 28.49 -20.94
CA GLU C 45 7.04 27.99 -19.76
C GLU C 45 7.27 26.50 -19.42
N LEU C 46 7.21 26.18 -18.13
CA LEU C 46 7.31 24.82 -17.62
C LEU C 46 5.92 24.21 -17.65
N GLY C 47 4.93 25.05 -17.38
CA GLY C 47 3.53 24.66 -17.36
C GLY C 47 2.75 25.95 -17.18
N ARG C 48 1.47 25.94 -17.52
CA ARG C 48 0.63 27.11 -17.31
C ARG C 48 -0.75 26.69 -16.85
N VAL C 49 -1.29 27.44 -15.91
CA VAL C 49 -2.57 27.09 -15.31
C VAL C 49 -3.55 28.26 -15.40
N SER C 50 -4.78 27.98 -15.84
CA SER C 50 -5.88 28.96 -15.82
C SER C 50 -7.01 28.51 -14.89
N ALA C 51 -7.79 29.46 -14.40
CA ALA C 51 -8.99 29.20 -13.62
C ALA C 51 -9.98 30.36 -13.76
N ARG C 52 -11.21 30.05 -14.15
CA ARG C 52 -12.24 31.06 -14.32
C ARG C 52 -13.43 30.71 -13.47
N PHE C 53 -13.76 31.58 -12.51
CA PHE C 53 -14.80 31.31 -11.52
C PHE C 53 -16.20 31.79 -11.92
N SER C 54 -17.20 31.26 -11.21
CA SER C 54 -18.60 31.61 -11.43
C SER C 54 -18.96 33.07 -11.11
N ASP C 55 -18.25 33.68 -10.16
CA ASP C 55 -18.47 35.08 -9.80
C ASP C 55 -17.97 36.05 -10.87
N GLY C 56 -17.20 35.53 -11.82
CA GLY C 56 -16.70 36.34 -12.92
C GLY C 56 -15.22 36.64 -12.86
N SER C 57 -14.59 36.32 -11.73
CA SER C 57 -13.15 36.51 -11.59
C SER C 57 -12.36 35.35 -12.23
N SER C 58 -11.21 35.67 -12.84
CA SER C 58 -10.35 34.66 -13.45
C SER C 58 -8.93 34.73 -12.89
N LEU C 59 -8.21 33.61 -12.98
CA LEU C 59 -6.82 33.51 -12.51
C LEU C 59 -5.97 32.69 -13.47
N ARG C 60 -4.80 33.23 -13.82
CA ARG C 60 -3.83 32.50 -14.62
C ARG C 60 -2.46 32.54 -13.96
N ILE C 61 -1.91 31.36 -13.70
CA ILE C 61 -0.57 31.24 -13.15
C ILE C 61 0.33 30.55 -14.16
N SER C 62 1.52 31.08 -14.32
CA SER C 62 2.51 30.46 -15.17
C SER C 62 3.83 30.23 -14.43
N VAL C 63 4.43 29.08 -14.68
CA VAL C 63 5.73 28.76 -14.10
C VAL C 63 6.72 28.63 -15.23
N THR C 64 7.78 29.44 -15.19
CA THR C 64 8.79 29.40 -16.24
C THR C 64 9.70 28.20 -16.00
N ASN C 65 10.54 27.89 -16.98
CA ASN C 65 11.43 26.74 -16.88
C ASN C 65 12.43 26.91 -15.74
N SER C 66 12.76 28.16 -15.42
CA SER C 66 13.63 28.49 -14.28
C SER C 66 12.92 28.42 -12.93
N GLU C 67 11.68 27.92 -12.95
CA GLU C 67 10.79 27.78 -11.78
C GLU C 67 10.34 29.07 -11.09
N SER C 68 10.32 30.15 -11.86
CA SER C 68 9.76 31.43 -11.44
C SER C 68 8.24 31.46 -11.70
N ILE C 69 7.49 32.00 -10.74
CA ILE C 69 6.04 31.93 -10.79
C ILE C 69 5.44 33.33 -10.92
N GLU C 70 4.37 33.42 -11.71
CA GLU C 70 3.79 34.69 -12.08
C GLU C 70 2.29 34.50 -12.18
N ALA C 71 1.56 35.15 -11.27
CA ALA C 71 0.10 35.08 -11.25
C ALA C 71 -0.55 36.36 -11.79
N GLU C 72 -1.57 36.18 -12.61
CA GLU C 72 -2.35 37.27 -13.15
C GLU C 72 -3.81 37.17 -12.72
N ILE C 73 -4.22 38.06 -11.81
CA ILE C 73 -5.61 38.10 -11.32
C ILE C 73 -6.50 38.96 -12.22
N ARG C 74 -7.70 38.47 -12.48
CA ARG C 74 -8.68 39.17 -13.30
C ARG C 74 -9.98 39.25 -12.50
N THR C 75 -10.41 40.46 -12.16
CA THR C 75 -11.63 40.65 -11.37
C THR C 75 -12.89 40.80 -12.24
N PRO C 76 -14.09 40.57 -11.66
CA PRO C 76 -15.37 40.64 -12.40
C PRO C 76 -15.51 41.91 -13.25
N ASN C 77 -14.91 43.00 -12.78
CA ASN C 77 -14.93 44.27 -13.51
C ASN C 77 -13.82 44.36 -14.55
N ASN C 78 -13.06 43.26 -14.70
CA ASN C 78 -11.86 43.18 -15.54
C ASN C 78 -10.74 44.16 -15.16
N GLU C 79 -10.06 43.85 -14.07
CA GLU C 79 -8.87 44.60 -13.63
C GLU C 79 -7.70 43.61 -13.52
N LYS C 80 -6.68 43.82 -14.33
CA LYS C 80 -5.54 42.90 -14.45
C LYS C 80 -4.34 43.31 -13.58
N ILE C 81 -4.30 42.76 -12.38
CA ILE C 81 -3.14 42.91 -11.51
C ILE C 81 -2.24 41.70 -11.71
N THR C 82 -0.93 41.92 -11.76
CA THR C 82 0.01 40.81 -11.95
C THR C 82 0.95 40.65 -10.76
N VAL C 83 0.82 39.50 -10.08
CA VAL C 83 1.56 39.23 -8.86
C VAL C 83 2.74 38.33 -9.15
N LEU C 84 3.86 38.59 -8.50
CA LEU C 84 4.98 37.65 -8.48
C LEU C 84 4.86 36.74 -7.27
N LEU C 85 4.93 35.43 -7.52
CA LEU C 85 4.73 34.44 -6.46
C LEU C 85 6.03 33.76 -6.02
N GLU C 86 6.06 33.39 -4.75
CA GLU C 86 7.22 32.73 -4.16
C GLU C 86 6.80 31.37 -3.62
N SER C 87 7.51 30.32 -4.03
CA SER C 87 7.24 28.99 -3.50
C SER C 87 8.32 28.60 -2.51
N ASN C 88 7.91 28.18 -1.33
CA ASN C 88 8.86 27.78 -0.30
C ASN C 88 8.47 26.47 0.38
N GLU C 89 8.93 26.30 1.62
CA GLU C 89 8.74 25.05 2.36
C GLU C 89 7.45 25.00 3.15
N GLN C 90 6.97 26.17 3.57
CA GLN C 90 5.73 26.29 4.32
C GLN C 90 4.53 26.20 3.41
N ASN C 91 4.55 26.98 2.33
CA ASN C 91 3.40 27.08 1.44
C ASN C 91 3.29 25.96 0.40
N ARG C 92 4.45 25.40 0.05
CA ARG C 92 4.56 24.34 -0.95
C ARG C 92 3.82 24.69 -2.24
N LEU C 93 3.96 25.93 -2.69
CA LEU C 93 3.17 26.48 -3.81
C LEU C 93 3.26 25.64 -5.08
N LEU C 94 4.49 25.39 -5.54
CA LEU C 94 4.72 24.62 -6.75
C LEU C 94 4.00 23.26 -6.72
N GLN C 95 3.82 22.73 -5.52
CA GLN C 95 3.32 21.39 -5.38
C GLN C 95 1.81 21.31 -5.45
N SER C 96 1.17 22.46 -5.41
CA SER C 96 -0.29 22.53 -5.36
C SER C 96 -0.89 23.00 -6.67
N LEU C 97 -0.13 22.89 -7.76
CA LEU C 97 -0.59 23.29 -9.08
C LEU C 97 -0.41 22.12 -10.05
N PRO C 98 -1.32 21.97 -11.02
CA PRO C 98 -1.19 20.90 -12.04
C PRO C 98 -0.03 21.10 -13.03
N ILE C 99 1.21 20.96 -12.54
CA ILE C 99 2.39 21.17 -13.38
C ILE C 99 3.33 19.97 -13.29
N ASP C 100 4.11 19.78 -14.34
CA ASP C 100 5.11 18.71 -14.36
C ASP C 100 6.47 19.31 -14.09
N ARG C 101 6.96 19.09 -12.87
CA ARG C 101 8.31 19.51 -12.52
C ARG C 101 9.41 18.51 -12.94
N HIS C 102 10.67 18.92 -12.78
CA HIS C 102 11.82 18.17 -13.22
C HIS C 102 12.62 17.72 -12.03
N MET C 103 11.97 17.04 -11.09
CA MET C 103 12.63 16.59 -9.85
C MET C 103 13.60 15.41 -10.00
N PRO C 104 14.53 15.27 -9.05
CA PRO C 104 15.35 14.05 -9.07
C PRO C 104 14.62 12.85 -8.44
N TYR C 105 13.42 13.10 -7.94
CA TYR C 105 12.61 12.11 -7.24
C TYR C 105 11.16 12.33 -7.63
N ILE C 106 10.38 11.27 -7.56
CA ILE C 106 8.95 11.36 -7.80
C ILE C 106 8.29 11.99 -6.59
N GLN C 107 7.47 12.99 -6.88
CA GLN C 107 6.80 13.80 -5.88
C GLN C 107 5.81 13.00 -5.07
N VAL C 108 5.90 13.12 -3.74
CA VAL C 108 4.96 12.49 -2.81
C VAL C 108 4.01 13.57 -2.27
N HIS C 109 2.71 13.26 -2.26
CA HIS C 109 1.71 14.14 -1.65
C HIS C 109 1.00 13.53 -0.46
N ARG C 110 0.43 14.39 0.36
CA ARG C 110 -0.48 13.94 1.42
C ARG C 110 -1.85 14.47 1.05
N ALA C 111 -2.85 13.60 1.16
CA ALA C 111 -4.21 13.99 0.89
C ALA C 111 -4.76 14.82 2.04
N LEU C 112 -5.90 15.44 1.82
CA LEU C 112 -6.54 16.22 2.87
C LEU C 112 -7.35 15.31 3.80
N SER C 113 -7.48 15.73 5.06
CA SER C 113 -7.86 14.82 6.15
C SER C 113 -9.12 13.93 5.98
N GLU C 114 -10.02 14.31 5.08
CA GLU C 114 -11.34 13.68 5.05
C GLU C 114 -11.44 12.55 4.02
N MET C 115 -10.67 12.64 2.93
CA MET C 115 -10.72 11.64 1.86
C MET C 115 -10.08 10.33 2.31
N ASP C 116 -10.44 9.23 1.66
CA ASP C 116 -9.79 7.92 1.88
C ASP C 116 -10.12 6.89 0.78
N LEU C 117 -9.72 5.63 0.96
CA LEU C 117 -9.99 4.56 -0.02
C LEU C 117 -10.87 3.45 0.52
N THR C 118 -12.12 3.43 0.07
CA THR C 118 -13.06 2.35 0.40
C THR C 118 -13.65 1.80 -0.89
N ASP C 119 -14.01 2.71 -1.79
CA ASP C 119 -14.78 2.39 -2.98
C ASP C 119 -14.52 3.34 -4.13
N THR C 120 -15.35 3.20 -5.17
CA THR C 120 -15.33 4.05 -6.35
C THR C 120 -15.34 5.55 -6.03
N THR C 121 -16.23 5.99 -5.15
CA THR C 121 -16.33 7.43 -4.82
C THR C 121 -15.13 7.99 -4.05
N SER C 122 -14.76 7.33 -2.95
CA SER C 122 -13.59 7.71 -2.16
C SER C 122 -12.39 7.92 -3.07
N MET C 123 -12.25 6.99 -4.02
CA MET C 123 -11.13 6.96 -4.96
C MET C 123 -11.15 8.09 -5.98
N ARG C 124 -12.30 8.31 -6.64
CA ARG C 124 -12.43 9.35 -7.66
C ARG C 124 -12.09 10.72 -7.09
N ASN C 125 -12.62 11.00 -5.90
CA ASN C 125 -12.31 12.23 -5.17
C ASN C 125 -10.83 12.45 -5.06
N LEU C 126 -10.12 11.43 -4.59
CA LEU C 126 -8.68 11.45 -4.49
C LEU C 126 -8.06 11.89 -5.81
N LEU C 127 -8.36 11.18 -6.90
CA LEU C 127 -7.81 11.55 -8.20
C LEU C 127 -8.21 12.98 -8.59
N GLY C 128 -9.45 13.35 -8.31
CA GLY C 128 -9.92 14.73 -8.50
C GLY C 128 -9.01 15.75 -7.83
N PHE C 129 -8.38 15.33 -6.73
CA PHE C 129 -7.53 16.19 -5.92
C PHE C 129 -6.06 16.13 -6.35
N THR C 130 -5.53 14.91 -6.45
CA THR C 130 -4.16 14.67 -6.87
C THR C 130 -3.88 15.18 -8.28
N SER C 131 -4.94 15.36 -9.07
CA SER C 131 -4.83 15.89 -10.44
C SER C 131 -4.58 17.37 -10.47
N LYS C 132 -4.70 18.01 -9.33
CA LYS C 132 -4.46 19.44 -9.25
C LYS C 132 -3.10 19.73 -8.61
N LEU C 133 -2.39 18.68 -8.23
CA LEU C 133 -1.09 18.82 -7.57
C LEU C 133 0.04 18.59 -8.56
N SER C 134 1.28 18.85 -8.14
CA SER C 134 2.45 18.68 -8.99
C SER C 134 2.76 17.22 -9.28
N THR C 135 3.55 16.99 -10.33
CA THR C 135 4.08 15.65 -10.64
C THR C 135 5.53 15.72 -11.15
N THR C 136 6.24 14.60 -11.05
CA THR C 136 7.59 14.48 -11.57
C THR C 136 7.56 13.84 -12.94
N LEU C 137 8.20 14.50 -13.90
CA LEU C 137 8.38 14.03 -15.29
C LEU C 137 9.26 12.80 -15.33
N ILE C 138 8.90 11.86 -16.20
CA ILE C 138 9.56 10.54 -16.28
C ILE C 138 9.84 10.14 -17.73
N PRO C 139 11.12 9.89 -18.07
CA PRO C 139 11.50 9.52 -19.43
C PRO C 139 11.11 8.10 -19.80
N HIS C 140 10.91 7.86 -21.09
CA HIS C 140 10.67 6.53 -21.64
C HIS C 140 11.83 6.21 -22.55
N ASN C 141 12.08 4.93 -22.77
CA ASN C 141 13.00 4.50 -23.81
C ASN C 141 12.16 3.85 -24.90
N ALA C 142 12.82 3.27 -25.91
CA ALA C 142 12.14 2.70 -27.07
C ALA C 142 11.15 1.62 -26.68
N GLN C 143 11.36 1.03 -25.52
CA GLN C 143 10.59 -0.10 -25.07
C GLN C 143 9.37 0.34 -24.25
N THR C 144 9.57 1.27 -23.33
CA THR C 144 8.47 1.77 -22.52
C THR C 144 7.70 2.93 -23.18
N ASP C 145 8.08 3.28 -24.41
CA ASP C 145 7.53 4.42 -25.12
C ASP C 145 6.14 4.08 -25.66
N PRO C 146 5.10 4.79 -25.19
CA PRO C 146 3.74 4.45 -25.62
C PRO C 146 3.51 4.56 -27.11
N LEU C 147 4.18 5.52 -27.76
CA LEU C 147 3.97 5.74 -29.19
C LEU C 147 4.87 4.88 -30.07
N SER C 148 5.70 4.06 -29.44
CA SER C 148 6.62 3.21 -30.14
C SER C 148 6.00 1.83 -30.35
N GLY C 149 6.81 0.84 -30.75
CA GLY C 149 6.33 -0.52 -31.01
C GLY C 149 5.49 -0.65 -32.27
N PRO C 150 5.06 -1.90 -32.59
CA PRO C 150 4.36 -2.20 -33.85
C PRO C 150 2.99 -1.56 -33.97
N THR C 151 2.28 -1.35 -32.87
CA THR C 151 0.89 -0.87 -32.98
C THR C 151 0.52 0.23 -31.97
N PRO C 152 1.17 1.41 -32.07
CA PRO C 152 0.84 2.55 -31.23
C PRO C 152 -0.64 2.90 -31.34
N PHE C 153 -1.25 3.24 -30.21
CA PHE C 153 -2.62 3.70 -30.17
C PHE C 153 -3.66 2.67 -30.64
N SER C 154 -3.28 1.41 -30.72
CA SER C 154 -4.20 0.38 -31.22
C SER C 154 -5.49 0.16 -30.47
N SER C 155 -5.75 0.97 -29.45
CA SER C 155 -6.97 0.82 -28.68
C SER C 155 -7.63 2.08 -28.17
N ILE C 156 -7.27 3.22 -28.72
CA ILE C 156 -7.90 4.48 -28.30
C ILE C 156 -9.40 4.45 -28.48
N PHE C 157 -9.87 3.73 -29.48
CA PHE C 157 -11.28 3.68 -29.73
C PHE C 157 -11.96 2.76 -28.72
N MET C 158 -11.36 1.60 -28.49
CA MET C 158 -11.78 0.71 -27.41
C MET C 158 -11.77 1.47 -26.10
N ASP C 159 -10.66 2.15 -25.85
CA ASP C 159 -10.43 2.85 -24.60
C ASP C 159 -11.35 4.05 -24.42
N THR C 160 -11.68 4.75 -25.50
CA THR C 160 -12.57 5.91 -25.40
C THR C 160 -14.04 5.49 -25.19
N CYS C 161 -14.39 4.29 -25.64
CA CYS C 161 -15.71 3.74 -25.35
C CYS C 161 -15.86 3.55 -23.86
N ARG C 162 -14.96 2.75 -23.31
CA ARG C 162 -15.07 2.33 -21.92
C ARG C 162 -14.76 3.49 -20.96
N GLY C 163 -14.23 4.57 -21.52
CA GLY C 163 -13.86 5.73 -20.72
C GLY C 163 -15.04 6.63 -20.49
N LEU C 164 -15.53 7.24 -21.57
CA LEU C 164 -16.61 8.22 -21.49
C LEU C 164 -17.78 7.62 -20.74
N GLY C 165 -18.34 8.40 -19.82
CA GLY C 165 -19.41 7.93 -18.94
C GLY C 165 -18.85 7.52 -17.58
N ASN C 166 -17.55 7.30 -17.54
CA ASN C 166 -16.90 6.89 -16.31
C ASN C 166 -15.79 7.83 -15.90
N ALA C 167 -15.31 8.62 -16.86
CA ALA C 167 -14.25 9.57 -16.62
C ALA C 167 -14.77 10.81 -15.89
N LYS C 168 -13.85 11.59 -15.33
CA LYS C 168 -14.15 12.95 -14.95
C LYS C 168 -13.56 13.80 -16.07
N LEU C 169 -14.43 14.29 -16.94
CA LEU C 169 -14.01 15.05 -18.12
C LEU C 169 -14.17 16.54 -17.91
N SER C 170 -13.35 17.33 -18.60
CA SER C 170 -13.45 18.78 -18.52
C SER C 170 -12.92 19.47 -19.79
N LEU C 171 -13.84 19.91 -20.65
CA LEU C 171 -13.45 20.77 -21.77
C LEU C 171 -13.58 22.23 -21.34
N ASN C 172 -12.53 22.99 -21.59
CA ASN C 172 -12.47 24.41 -21.23
C ASN C 172 -12.99 24.79 -19.85
N GLY C 173 -12.80 23.89 -18.88
CA GLY C 173 -13.14 24.17 -17.50
C GLY C 173 -14.61 23.99 -17.20
N VAL C 174 -15.33 23.36 -18.12
CA VAL C 174 -16.74 23.02 -17.90
C VAL C 174 -16.86 21.50 -17.68
N ASP C 175 -17.23 21.11 -16.46
CA ASP C 175 -17.29 19.69 -16.12
C ASP C 175 -18.41 19.01 -16.92
N ILE C 176 -18.03 18.04 -17.74
CA ILE C 176 -18.98 17.24 -18.49
C ILE C 176 -19.30 15.97 -17.69
N PRO C 177 -20.56 15.81 -17.26
CA PRO C 177 -20.89 14.62 -16.46
C PRO C 177 -21.22 13.41 -17.34
N ALA C 178 -21.41 12.26 -16.71
CA ALA C 178 -21.63 10.98 -17.39
C ALA C 178 -22.67 11.06 -18.50
N ASN C 179 -23.80 11.69 -18.18
CA ASN C 179 -24.89 11.97 -19.12
C ASN C 179 -24.40 12.48 -20.47
N ALA C 180 -23.80 13.67 -20.46
CA ALA C 180 -23.30 14.30 -21.67
C ALA C 180 -22.14 13.53 -22.31
N GLN C 181 -21.39 12.78 -21.49
CA GLN C 181 -20.29 11.98 -22.00
C GLN C 181 -20.78 10.84 -22.88
N MET C 182 -21.96 10.31 -22.56
CA MET C 182 -22.55 9.25 -23.35
C MET C 182 -23.11 9.76 -24.66
N LEU C 183 -23.51 11.03 -24.67
CA LEU C 183 -23.95 11.68 -25.91
C LEU C 183 -22.76 11.90 -26.81
N LEU C 184 -21.63 12.20 -26.17
CA LEU C 184 -20.34 12.41 -26.80
C LEU C 184 -19.79 11.10 -27.37
N ARG C 185 -19.94 10.03 -26.60
CA ARG C 185 -19.58 8.69 -27.05
C ARG C 185 -20.26 8.34 -28.39
N ASP C 186 -21.56 8.65 -28.49
CA ASP C 186 -22.37 8.39 -29.69
C ASP C 186 -22.12 9.39 -30.82
N ALA C 187 -21.84 10.64 -30.47
CA ALA C 187 -21.55 11.71 -31.44
C ALA C 187 -20.29 11.43 -32.26
N LEU C 188 -19.32 10.75 -31.65
CA LEU C 188 -18.11 10.36 -32.35
C LEU C 188 -18.38 9.14 -33.22
N GLY C 189 -19.55 8.52 -33.00
CA GLY C 189 -19.92 7.28 -33.67
C GLY C 189 -19.19 6.08 -33.07
N LEU C 190 -18.89 6.18 -31.77
CA LEU C 190 -18.22 5.10 -31.05
C LEU C 190 -19.22 4.40 -30.13
N LYS C 191 -20.17 3.71 -30.75
CA LYS C 191 -21.17 2.93 -30.01
C LYS C 191 -20.57 1.66 -29.38
N ASP C 192 -20.27 0.65 -30.20
CA ASP C 192 -19.64 -0.58 -29.70
C ASP C 192 -18.10 -0.44 -29.65
N THR C 193 -17.44 -1.44 -29.06
CA THR C 193 -15.97 -1.45 -28.85
C THR C 193 -15.09 -1.74 -30.09
N HIS C 194 -15.73 -1.93 -31.26
CA HIS C 194 -15.02 -2.28 -32.49
C HIS C 194 -15.02 -1.18 -33.55
N SER C 195 -16.04 -0.32 -33.51
CA SER C 195 -16.21 0.73 -34.51
C SER C 195 -15.20 1.87 -34.40
N SER C 196 -15.02 2.58 -35.50
CA SER C 196 -14.13 3.72 -35.60
C SER C 196 -15.02 4.94 -35.85
N PRO C 197 -14.52 6.17 -35.57
CA PRO C 197 -15.37 7.35 -35.74
C PRO C 197 -15.83 7.53 -37.18
N THR C 198 -16.82 8.39 -37.37
CA THR C 198 -17.41 8.61 -38.68
C THR C 198 -16.50 9.47 -39.56
N ARG C 199 -16.40 9.09 -40.84
CA ARG C 199 -15.59 9.79 -41.85
C ARG C 199 -15.90 11.29 -41.90
N ASN C 200 -17.12 11.66 -41.53
CA ASN C 200 -17.51 13.05 -41.42
C ASN C 200 -16.90 13.72 -40.18
N VAL C 201 -16.81 12.97 -39.08
CA VAL C 201 -16.28 13.50 -37.83
C VAL C 201 -14.76 13.61 -37.88
N ILE C 202 -14.12 12.60 -38.46
CA ILE C 202 -12.68 12.61 -38.72
C ILE C 202 -12.27 13.89 -39.44
N ASP C 203 -13.02 14.26 -40.48
CA ASP C 203 -12.68 15.40 -41.34
C ASP C 203 -13.24 16.76 -40.88
N HIS C 204 -14.38 16.75 -40.22
CA HIS C 204 -15.07 18.00 -39.88
C HIS C 204 -15.43 18.16 -38.39
N GLY C 205 -15.16 17.14 -37.59
CA GLY C 205 -15.40 17.21 -36.15
C GLY C 205 -16.81 16.83 -35.76
N ILE C 206 -17.27 17.36 -34.63
CA ILE C 206 -18.63 17.09 -34.15
C ILE C 206 -19.62 18.10 -34.74
N SER C 207 -20.77 17.60 -35.18
CA SER C 207 -21.81 18.44 -35.77
C SER C 207 -22.36 19.45 -34.77
N ARG C 208 -22.71 20.63 -35.29
CA ARG C 208 -23.12 21.77 -34.48
C ARG C 208 -24.26 21.44 -33.51
N HIS C 209 -25.24 20.68 -33.99
CA HIS C 209 -26.39 20.31 -33.18
C HIS C 209 -26.01 19.37 -32.04
N ASP C 210 -25.09 18.44 -32.30
CA ASP C 210 -24.63 17.48 -31.29
C ASP C 210 -23.85 18.15 -30.16
N ALA C 211 -23.10 19.19 -30.50
CA ALA C 211 -22.29 19.92 -29.54
C ALA C 211 -23.12 20.64 -28.49
N GLU C 212 -24.13 21.39 -28.94
CA GLU C 212 -24.96 22.22 -28.07
C GLU C 212 -25.80 21.45 -27.06
N GLN C 213 -26.16 20.22 -27.43
CA GLN C 213 -26.88 19.29 -26.55
C GLN C 213 -25.97 18.82 -25.42
N ILE C 214 -24.70 18.59 -25.77
CA ILE C 214 -23.67 18.20 -24.80
C ILE C 214 -23.35 19.37 -23.87
N ALA C 215 -23.24 20.57 -24.44
CA ALA C 215 -22.94 21.77 -23.66
C ALA C 215 -24.12 22.24 -22.81
N ARG C 216 -25.33 21.86 -23.24
CA ARG C 216 -26.54 22.21 -22.51
C ARG C 216 -26.61 21.43 -21.21
N GLU C 217 -26.45 20.11 -21.31
CA GLU C 217 -26.59 19.24 -20.15
C GLU C 217 -25.32 19.23 -19.28
N SER C 218 -24.45 20.20 -19.53
CA SER C 218 -23.18 20.33 -18.83
C SER C 218 -23.21 21.33 -17.68
N SER C 219 -22.36 21.09 -16.68
CA SER C 219 -22.26 21.91 -15.47
C SER C 219 -21.11 22.93 -15.58
N GLY C 220 -21.47 24.19 -15.76
CA GLY C 220 -20.49 25.28 -15.86
C GLY C 220 -21.13 26.60 -16.25
N SER C 221 -20.29 27.64 -16.38
CA SER C 221 -20.77 28.98 -16.76
C SER C 221 -21.32 28.99 -18.18
N ASP C 222 -22.35 29.84 -18.40
CA ASP C 222 -23.04 29.92 -19.68
C ASP C 222 -22.19 30.53 -20.79
N LYS C 223 -21.44 31.58 -20.43
CA LYS C 223 -20.46 32.18 -21.34
C LYS C 223 -19.30 31.22 -21.66
N GLN C 224 -19.12 30.22 -20.79
CA GLN C 224 -18.14 29.16 -21.03
C GLN C 224 -18.74 27.97 -21.80
N LYS C 225 -20.05 27.77 -21.63
CA LYS C 225 -20.79 26.71 -22.32
C LYS C 225 -20.71 26.81 -23.84
N ALA C 226 -20.59 28.03 -24.36
CA ALA C 226 -20.43 28.25 -25.79
C ALA C 226 -19.03 27.90 -26.32
N GLU C 227 -17.99 28.22 -25.55
CA GLU C 227 -16.63 27.85 -25.92
C GLU C 227 -16.53 26.35 -26.17
N VAL C 228 -17.23 25.58 -25.33
CA VAL C 228 -17.29 24.12 -25.42
C VAL C 228 -17.81 23.68 -26.80
N VAL C 229 -18.86 24.35 -27.26
CA VAL C 229 -19.46 24.08 -28.56
C VAL C 229 -18.44 24.32 -29.68
N GLU C 230 -17.81 25.51 -29.66
CA GLU C 230 -16.89 25.93 -30.71
C GLU C 230 -15.67 25.00 -30.82
N PHE C 231 -15.21 24.52 -29.66
CA PHE C 231 -14.09 23.60 -29.58
C PHE C 231 -14.44 22.25 -30.21
N LEU C 232 -15.64 21.76 -29.89
CA LEU C 232 -16.11 20.45 -30.35
C LEU C 232 -16.33 20.37 -31.87
N CYS C 233 -16.52 21.52 -32.51
CA CYS C 233 -16.77 21.54 -33.95
C CYS C 233 -15.50 21.59 -34.79
N HIS C 234 -14.39 21.14 -34.19
CA HIS C 234 -13.09 21.06 -34.84
C HIS C 234 -12.65 19.59 -35.00
N PRO C 235 -12.04 19.26 -36.15
CA PRO C 235 -11.49 17.91 -36.40
C PRO C 235 -10.51 17.51 -35.30
N GLU C 236 -9.72 18.48 -34.86
CA GLU C 236 -8.70 18.27 -33.83
C GLU C 236 -9.34 17.90 -32.48
N ALA C 237 -10.48 18.50 -32.18
CA ALA C 237 -11.19 18.23 -30.94
C ALA C 237 -11.48 16.74 -30.75
N ALA C 238 -11.70 16.04 -31.86
CA ALA C 238 -11.97 14.60 -31.81
C ALA C 238 -10.71 13.83 -31.46
N THR C 239 -9.60 14.24 -32.07
CA THR C 239 -8.30 13.65 -31.79
C THR C 239 -8.00 13.77 -30.30
N ALA C 240 -8.19 14.98 -29.76
CA ALA C 240 -7.96 15.26 -28.35
C ALA C 240 -8.76 14.33 -27.45
N ILE C 241 -10.08 14.28 -27.63
CA ILE C 241 -10.94 13.43 -26.80
C ILE C 241 -10.46 11.99 -26.86
N CYS C 242 -10.44 11.42 -28.05
CA CYS C 242 -10.11 10.00 -28.20
C CYS C 242 -8.75 9.65 -27.63
N SER C 243 -7.72 10.39 -28.05
CA SER C 243 -6.36 10.05 -27.68
C SER C 243 -6.15 10.03 -26.17
N ALA C 244 -6.80 10.94 -25.46
CA ALA C 244 -6.62 11.06 -24.01
C ALA C 244 -6.94 9.77 -23.25
N PHE C 245 -7.66 8.87 -23.89
CA PHE C 245 -8.05 7.62 -23.23
C PHE C 245 -7.07 6.47 -23.46
N TYR C 246 -6.06 6.70 -24.29
CA TYR C 246 -5.08 5.66 -24.61
C TYR C 246 -4.60 5.05 -23.31
N GLN C 247 -4.58 3.72 -23.27
CA GLN C 247 -4.29 3.03 -22.02
C GLN C 247 -2.81 2.96 -21.70
N SER C 248 -1.98 2.98 -22.73
CA SER C 248 -0.56 2.73 -22.56
C SER C 248 0.25 3.96 -22.18
N PHE C 249 -0.41 5.11 -22.04
CA PHE C 249 0.24 6.30 -21.48
C PHE C 249 0.91 5.95 -20.14
N ASN C 250 0.28 5.01 -19.42
CA ASN C 250 0.71 4.56 -18.12
C ASN C 250 1.91 3.57 -18.14
N VAL C 251 2.44 3.25 -19.30
CA VAL C 251 3.50 2.23 -19.28
C VAL C 251 4.79 2.76 -18.62
N PRO C 252 5.28 3.96 -19.03
CA PRO C 252 6.36 4.62 -18.30
C PRO C 252 6.20 4.51 -16.79
N ALA C 253 5.09 5.02 -16.27
CA ALA C 253 4.83 5.01 -14.83
C ALA C 253 4.69 3.62 -14.19
N LEU C 254 3.96 2.72 -14.83
CA LEU C 254 3.88 1.37 -14.26
C LEU C 254 5.21 0.59 -14.35
N THR C 255 6.06 0.93 -15.34
CA THR C 255 7.35 0.27 -15.47
C THR C 255 8.12 0.47 -14.18
N LEU C 256 7.85 1.61 -13.53
CA LEU C 256 8.49 1.98 -12.24
C LEU C 256 7.77 1.48 -10.98
N THR C 257 6.50 1.12 -11.11
CA THR C 257 5.65 0.93 -9.93
C THR C 257 4.79 -0.33 -9.94
N HIS C 258 4.66 -0.98 -11.09
CA HIS C 258 3.59 -1.97 -11.30
C HIS C 258 3.44 -3.04 -10.22
N GLU C 259 4.55 -3.46 -9.60
CA GLU C 259 4.55 -4.53 -8.60
C GLU C 259 3.94 -4.08 -7.28
N ARG C 260 4.02 -2.77 -7.05
CA ARG C 260 3.48 -2.15 -5.84
C ARG C 260 1.99 -1.90 -6.03
N ILE C 261 1.57 -1.75 -7.28
CA ILE C 261 0.17 -1.58 -7.67
C ILE C 261 -0.54 -2.93 -7.60
N SER C 262 0.14 -3.99 -8.01
CA SER C 262 -0.43 -5.31 -7.89
C SER C 262 -0.65 -5.70 -6.44
N LYS C 263 0.29 -5.32 -5.56
CA LYS C 263 0.15 -5.58 -4.14
C LYS C 263 -1.07 -4.92 -3.53
N ALA C 264 -1.41 -3.73 -4.04
CA ALA C 264 -2.57 -3.04 -3.57
C ALA C 264 -3.82 -3.72 -4.09
N SER C 265 -3.76 -4.25 -5.32
CA SER C 265 -4.90 -4.97 -5.89
C SER C 265 -5.23 -6.23 -5.11
N GLU C 266 -4.21 -6.96 -4.69
CA GLU C 266 -4.37 -8.19 -3.91
C GLU C 266 -4.94 -7.89 -2.51
N TYR C 267 -4.19 -7.12 -1.75
CA TYR C 267 -4.59 -6.67 -0.42
C TYR C 267 -6.05 -6.25 -0.38
N ASN C 268 -6.50 -5.59 -1.45
CA ASN C 268 -7.88 -5.14 -1.56
C ASN C 268 -8.89 -6.19 -1.96
N ALA C 269 -8.47 -7.17 -2.76
CA ALA C 269 -9.41 -8.16 -3.28
C ALA C 269 -9.77 -9.23 -2.26
N GLU C 270 -8.98 -9.32 -1.19
CA GLU C 270 -9.26 -10.24 -0.09
C GLU C 270 -9.72 -9.55 1.18
N ARG C 271 -9.59 -8.24 1.21
CA ARG C 271 -10.31 -7.45 2.19
C ARG C 271 -11.69 -7.11 1.64
N SER C 272 -11.98 -7.62 0.45
CA SER C 272 -13.30 -7.55 -0.18
C SER C 272 -13.75 -6.13 -0.52
N LEU C 273 -12.79 -5.28 -0.87
CA LEU C 273 -13.11 -3.89 -1.23
C LEU C 273 -13.43 -3.76 -2.71
N ASP C 274 -14.62 -3.27 -3.01
CA ASP C 274 -15.07 -3.00 -4.39
C ASP C 274 -14.46 -1.68 -4.86
N THR C 275 -13.18 -1.72 -5.16
CA THR C 275 -12.48 -0.54 -5.64
C THR C 275 -11.97 -0.76 -7.07
N PRO C 276 -12.28 0.17 -7.99
CA PRO C 276 -12.01 -0.05 -9.40
C PRO C 276 -10.52 -0.10 -9.72
N ASN C 277 -10.15 -0.88 -10.72
CA ASN C 277 -8.75 -0.98 -11.14
C ASN C 277 -8.05 0.36 -11.36
N ALA C 278 -8.66 1.24 -12.16
CA ALA C 278 -8.15 2.61 -12.39
C ALA C 278 -9.27 3.66 -12.48
N CYS C 279 -8.92 4.91 -12.22
CA CYS C 279 -9.79 6.06 -12.52
C CYS C 279 -9.15 6.97 -13.56
N ILE C 280 -9.98 7.67 -14.34
CA ILE C 280 -9.48 8.63 -15.32
C ILE C 280 -9.98 10.01 -14.97
N ASN C 281 -9.11 11.00 -15.10
CA ASN C 281 -9.50 12.40 -14.94
C ASN C 281 -8.84 13.29 -15.98
N ILE C 282 -9.56 13.55 -17.07
CA ILE C 282 -9.03 14.33 -18.19
C ILE C 282 -9.43 15.80 -18.10
N SER C 283 -8.62 16.65 -18.70
CA SER C 283 -8.79 18.10 -18.66
C SER C 283 -8.26 18.69 -19.97
N ILE C 284 -9.16 19.09 -20.86
CA ILE C 284 -8.77 19.65 -22.15
C ILE C 284 -9.13 21.12 -22.22
N SER C 285 -8.31 21.90 -22.93
CA SER C 285 -8.59 23.31 -23.17
C SER C 285 -8.03 23.80 -24.51
N GLN C 286 -8.79 24.68 -25.16
CA GLN C 286 -8.32 25.36 -26.35
C GLN C 286 -8.08 26.82 -25.98
N SER C 287 -6.83 27.27 -26.11
CA SER C 287 -6.47 28.66 -25.81
C SER C 287 -7.21 29.59 -26.77
N SER C 288 -7.23 30.87 -26.46
CA SER C 288 -7.89 31.83 -27.34
C SER C 288 -7.17 32.00 -28.68
N ASP C 289 -6.23 31.10 -28.97
CA ASP C 289 -5.52 31.08 -30.26
C ASP C 289 -5.49 29.72 -30.95
N GLY C 290 -6.52 28.90 -30.69
CA GLY C 290 -6.68 27.60 -31.35
C GLY C 290 -5.86 26.48 -30.74
N ASN C 291 -5.01 26.84 -29.78
CA ASN C 291 -4.11 25.89 -29.13
C ASN C 291 -4.81 24.87 -28.25
N ILE C 292 -4.85 23.62 -28.72
CA ILE C 292 -5.49 22.52 -27.99
C ILE C 292 -4.49 21.79 -27.10
N TYR C 293 -4.78 21.73 -25.81
CA TYR C 293 -3.91 21.07 -24.83
C TYR C 293 -4.63 20.02 -23.98
N VAL C 294 -4.03 18.83 -23.92
CA VAL C 294 -4.60 17.69 -23.24
C VAL C 294 -3.79 17.38 -22.00
N THR C 295 -4.47 17.17 -20.89
CA THR C 295 -3.84 16.70 -19.66
C THR C 295 -4.61 15.50 -19.15
N SER C 296 -4.11 14.31 -19.42
CA SER C 296 -4.83 13.11 -19.10
C SER C 296 -4.30 12.50 -17.80
N HIS C 297 -5.17 12.36 -16.81
CA HIS C 297 -4.78 11.73 -15.56
C HIS C 297 -5.36 10.31 -15.41
N THR C 298 -4.53 9.40 -14.88
CA THR C 298 -4.97 8.08 -14.41
C THR C 298 -4.56 7.87 -12.95
N GLY C 299 -5.50 7.51 -12.10
CA GLY C 299 -5.19 7.23 -10.72
C GLY C 299 -5.32 5.74 -10.57
N VAL C 300 -4.54 5.19 -9.66
CA VAL C 300 -4.39 3.75 -9.53
C VAL C 300 -3.87 3.54 -8.11
N LEU C 301 -4.34 2.50 -7.45
CA LEU C 301 -3.97 2.29 -6.05
C LEU C 301 -2.60 1.64 -5.92
N ILE C 302 -1.87 1.98 -4.86
CA ILE C 302 -0.49 1.54 -4.73
C ILE C 302 -0.08 1.44 -3.27
N MET C 303 0.68 0.40 -2.92
CA MET C 303 1.20 0.22 -1.56
C MET C 303 2.34 1.19 -1.26
N ALA C 304 2.39 1.71 -0.04
CA ALA C 304 3.53 2.51 0.39
C ALA C 304 4.79 1.66 0.29
N PRO C 305 5.98 2.28 0.22
CA PRO C 305 7.17 1.45 0.27
C PRO C 305 7.32 0.81 1.63
N GLU C 306 7.99 -0.33 1.69
CA GLU C 306 7.97 -1.23 2.85
C GLU C 306 8.24 -0.62 4.23
N ASP C 307 8.88 0.55 4.24
CA ASP C 307 9.08 1.32 5.48
C ASP C 307 7.74 1.59 6.20
N ARG C 308 6.75 2.09 5.46
CA ARG C 308 5.39 2.17 5.98
C ARG C 308 4.63 0.91 5.52
N PRO C 309 4.80 -0.23 6.23
CA PRO C 309 4.13 -1.45 5.73
C PRO C 309 2.61 -1.40 5.88
N ASN C 310 1.89 -2.12 5.03
CA ASN C 310 0.43 -2.25 5.14
C ASN C 310 -0.35 -0.97 4.76
N GLU C 311 0.35 0.13 4.53
CA GLU C 311 -0.25 1.43 4.18
C GLU C 311 -0.37 1.56 2.65
N MET C 312 -1.41 2.25 2.20
CA MET C 312 -1.75 2.33 0.77
C MET C 312 -2.26 3.71 0.34
N GLY C 313 -1.85 4.15 -0.85
CA GLY C 313 -2.28 5.43 -1.43
C GLY C 313 -2.53 5.38 -2.93
N MET C 314 -2.32 6.52 -3.61
CA MET C 314 -2.57 6.58 -5.05
C MET C 314 -1.38 7.03 -5.91
N LEU C 315 -1.12 6.26 -6.96
CA LEU C 315 -0.23 6.68 -8.03
C LEU C 315 -1.06 7.45 -9.04
N THR C 316 -0.51 8.56 -9.51
CA THR C 316 -1.22 9.46 -10.39
C THR C 316 -0.31 9.72 -11.59
N ASN C 317 -0.72 9.24 -12.77
CA ASN C 317 0.03 9.54 -13.98
C ASN C 317 -0.60 10.70 -14.71
N ARG C 318 0.23 11.69 -15.03
CA ARG C 318 -0.23 12.79 -15.84
C ARG C 318 0.40 12.64 -17.21
N THR C 319 -0.41 12.71 -18.25
CA THR C 319 0.11 12.78 -19.61
C THR C 319 -0.27 14.13 -20.17
N SER C 320 0.69 14.88 -20.66
CA SER C 320 0.40 16.17 -21.22
C SER C 320 0.84 16.24 -22.68
N TYR C 321 0.14 17.05 -23.48
CA TYR C 321 0.49 17.25 -24.90
C TYR C 321 -0.47 18.18 -25.64
N GLU C 322 0.05 18.87 -26.65
CA GLU C 322 -0.75 19.72 -27.52
C GLU C 322 -1.23 18.91 -28.71
N VAL C 323 -2.44 19.21 -29.19
CA VAL C 323 -2.94 18.66 -30.45
C VAL C 323 -2.87 19.77 -31.50
N PRO C 324 -1.81 19.76 -32.34
CA PRO C 324 -1.60 20.80 -33.33
C PRO C 324 -2.76 20.88 -34.31
N GLN C 325 -2.87 22.00 -35.03
CA GLN C 325 -3.97 22.19 -35.98
C GLN C 325 -3.87 21.22 -37.17
N GLY C 326 -5.03 20.80 -37.65
CA GLY C 326 -5.11 19.96 -38.83
C GLY C 326 -4.72 18.54 -38.56
N VAL C 327 -4.74 18.14 -37.29
CA VAL C 327 -4.46 16.75 -36.90
C VAL C 327 -5.78 16.00 -36.67
N LYS C 328 -6.09 15.11 -37.62
CA LYS C 328 -7.35 14.38 -37.65
C LYS C 328 -7.29 13.16 -36.74
N CYS C 329 -8.46 12.53 -36.53
CA CYS C 329 -8.60 11.38 -35.61
C CYS C 329 -8.30 10.00 -36.25
N THR C 330 -7.12 9.89 -36.88
CA THR C 330 -6.61 8.63 -37.41
C THR C 330 -5.46 8.17 -36.54
N ILE C 331 -5.41 6.87 -36.27
CA ILE C 331 -4.27 6.24 -35.61
C ILE C 331 -2.94 6.68 -36.25
N ASP C 332 -2.77 6.40 -37.54
CA ASP C 332 -1.53 6.66 -38.28
C ASP C 332 -1.10 8.10 -38.14
N GLU C 333 -2.08 8.98 -38.01
CA GLU C 333 -1.85 10.42 -37.91
C GLU C 333 -1.50 10.84 -36.48
N MET C 334 -2.16 10.23 -35.50
CA MET C 334 -1.88 10.54 -34.10
C MET C 334 -0.46 10.12 -33.73
N VAL C 335 -0.03 8.97 -34.27
CA VAL C 335 1.31 8.45 -34.07
C VAL C 335 2.37 9.46 -34.49
N ARG C 336 2.25 10.02 -35.69
CA ARG C 336 3.31 10.89 -36.21
C ARG C 336 3.21 12.35 -35.79
N ALA C 337 2.03 12.76 -35.34
CA ALA C 337 1.80 14.16 -34.94
C ALA C 337 1.86 14.45 -33.43
N LEU C 338 1.29 13.57 -32.60
CA LEU C 338 1.26 13.83 -31.17
C LEU C 338 2.60 13.55 -30.49
N GLN C 339 2.93 14.35 -29.47
CA GLN C 339 4.17 14.14 -28.74
C GLN C 339 3.98 14.21 -27.24
N PRO C 340 3.46 13.14 -26.63
CA PRO C 340 3.19 13.22 -25.21
C PRO C 340 4.45 13.27 -24.33
N ARG C 341 4.20 13.68 -23.08
CA ARG C 341 5.19 13.92 -22.05
C ARG C 341 4.56 13.32 -20.77
N TYR C 342 5.26 12.36 -20.17
CA TYR C 342 4.75 11.51 -19.08
C TYR C 342 5.33 11.85 -17.70
N ALA C 343 4.46 11.89 -16.69
CA ALA C 343 4.84 12.29 -15.34
C ALA C 343 3.94 11.62 -14.30
N ALA C 344 4.41 11.55 -13.05
CA ALA C 344 3.71 10.81 -11.99
C ALA C 344 3.95 11.41 -10.62
N SER C 345 3.08 11.07 -9.66
CA SER C 345 3.23 11.48 -8.27
C SER C 345 2.56 10.47 -7.37
N GLU C 346 3.09 10.30 -6.16
CA GLU C 346 2.45 9.42 -5.20
C GLU C 346 1.80 10.21 -4.08
N THR C 347 0.57 9.85 -3.77
CA THR C 347 -0.22 10.54 -2.75
C THR C 347 -0.69 9.50 -1.71
N TYR C 348 -0.40 9.78 -0.43
CA TYR C 348 -0.82 8.90 0.68
C TYR C 348 -1.72 9.63 1.65
N LEU C 349 -2.58 8.87 2.32
CA LEU C 349 -3.56 9.43 3.25
C LEU C 349 -2.90 10.04 4.48
N GLN C 350 -3.63 10.96 5.14
CA GLN C 350 -3.14 11.69 6.30
C GLN C 350 -3.40 10.80 7.50
N ASN C 351 -3.40 11.39 8.69
CA ASN C 351 -3.76 10.71 9.93
C ASN C 351 -2.56 9.82 10.31
N PRO D 1 -5.18 -24.06 5.03
CA PRO D 1 -5.78 -23.51 6.25
C PRO D 1 -7.30 -23.40 6.14
N GLU D 2 -7.78 -22.56 5.21
CA GLU D 2 -9.20 -22.47 4.84
C GLU D 2 -9.43 -22.80 3.35
N TYR D 3 -8.45 -23.51 2.76
CA TYR D 3 -8.52 -24.06 1.39
C TYR D 3 -7.58 -25.25 1.26
N ASP D 4 -7.89 -26.15 0.34
CA ASP D 4 -7.06 -27.33 0.08
C ASP D 4 -5.92 -27.00 -0.88
N TYR D 5 -6.26 -26.45 -2.05
CA TYR D 5 -5.27 -26.06 -3.06
C TYR D 5 -5.39 -24.56 -3.37
N LEU D 6 -4.27 -23.95 -3.74
CA LEU D 6 -4.25 -22.53 -4.12
C LEU D 6 -3.68 -22.35 -5.54
N PHE D 7 -4.55 -22.30 -6.54
CA PHE D 7 -4.08 -22.16 -7.91
C PHE D 7 -4.01 -20.70 -8.32
N LYS D 8 -3.06 -20.38 -9.20
CA LYS D 8 -2.91 -19.04 -9.76
C LYS D 8 -3.25 -19.07 -11.24
N LEU D 9 -4.17 -18.22 -11.65
CA LEU D 9 -4.62 -18.20 -13.03
C LEU D 9 -4.25 -16.89 -13.69
N LEU D 10 -4.04 -16.91 -15.01
CA LEU D 10 -3.77 -15.70 -15.78
C LEU D 10 -4.67 -15.61 -17.00
N LEU D 11 -5.22 -14.42 -17.21
CA LEU D 11 -6.01 -14.09 -18.39
C LEU D 11 -5.19 -13.29 -19.40
N ILE D 12 -5.04 -13.84 -20.60
CA ILE D 12 -4.10 -13.37 -21.60
C ILE D 12 -4.80 -13.31 -22.94
N GLY D 13 -4.55 -12.24 -23.71
CA GLY D 13 -5.16 -12.06 -25.04
C GLY D 13 -5.12 -10.61 -25.47
N ASP D 14 -5.70 -10.32 -26.64
CA ASP D 14 -5.78 -8.95 -27.17
C ASP D 14 -6.58 -7.98 -26.28
N SER D 15 -6.56 -6.69 -26.62
CA SER D 15 -7.33 -5.72 -25.85
C SER D 15 -8.76 -5.69 -26.36
N GLY D 16 -9.70 -5.55 -25.45
CA GLY D 16 -11.12 -5.47 -25.80
C GLY D 16 -11.77 -6.79 -26.20
N VAL D 17 -11.06 -7.90 -25.96
CA VAL D 17 -11.62 -9.23 -26.24
C VAL D 17 -12.57 -9.69 -25.14
N GLY D 18 -12.65 -8.91 -24.06
CA GLY D 18 -13.61 -9.14 -22.98
C GLY D 18 -13.04 -9.80 -21.75
N LYS D 19 -11.71 -9.77 -21.59
CA LYS D 19 -11.05 -10.49 -20.50
C LYS D 19 -11.50 -10.05 -19.12
N SER D 20 -11.70 -8.75 -18.94
CA SER D 20 -12.13 -8.24 -17.64
C SER D 20 -13.58 -8.58 -17.38
N CYS D 21 -14.37 -8.65 -18.45
CA CYS D 21 -15.78 -9.04 -18.37
C CYS D 21 -15.98 -10.49 -17.93
N LEU D 22 -15.09 -11.37 -18.37
CA LEU D 22 -15.12 -12.77 -17.96
C LEU D 22 -14.79 -12.89 -16.48
N LEU D 23 -13.67 -12.29 -16.08
CA LEU D 23 -13.28 -12.30 -14.68
C LEU D 23 -14.39 -11.82 -13.76
N LEU D 24 -14.98 -10.66 -14.08
CA LEU D 24 -16.11 -10.11 -13.33
C LEU D 24 -17.32 -11.04 -13.33
N ARG D 25 -17.58 -11.71 -14.46
CA ARG D 25 -18.67 -12.68 -14.53
C ARG D 25 -18.35 -13.88 -13.63
N PHE D 26 -17.15 -14.45 -13.79
CA PHE D 26 -16.77 -15.57 -12.94
C PHE D 26 -16.66 -15.20 -11.45
N ALA D 27 -16.21 -13.99 -11.16
CA ALA D 27 -16.03 -13.56 -9.77
C ALA D 27 -17.35 -13.23 -9.06
N ASP D 28 -18.17 -12.38 -9.66
CA ASP D 28 -19.36 -11.88 -8.97
C ASP D 28 -20.66 -12.03 -9.77
N ASP D 29 -20.66 -12.96 -10.74
CA ASP D 29 -21.79 -13.19 -11.65
C ASP D 29 -22.51 -11.89 -12.05
N THR D 30 -21.71 -10.92 -12.48
CA THR D 30 -22.20 -9.61 -12.95
C THR D 30 -21.51 -9.18 -14.24
N TYR D 31 -22.25 -8.41 -15.04
CA TYR D 31 -21.77 -7.83 -16.29
C TYR D 31 -22.22 -6.38 -16.37
N THR D 32 -21.28 -5.49 -16.66
CA THR D 32 -21.62 -4.09 -16.88
C THR D 32 -20.67 -3.50 -17.93
N GLU D 33 -21.09 -2.36 -18.52
CA GLU D 33 -20.28 -1.65 -19.52
C GLU D 33 -19.69 -0.33 -18.99
N SER D 34 -19.84 -0.12 -17.67
CA SER D 34 -19.44 1.11 -16.98
C SER D 34 -17.99 1.10 -16.44
N TYR D 35 -17.15 0.20 -16.94
CA TYR D 35 -15.78 0.11 -16.44
C TYR D 35 -14.77 0.53 -17.50
N ILE D 36 -13.73 1.23 -17.05
CA ILE D 36 -12.66 1.70 -17.92
C ILE D 36 -11.76 0.54 -18.34
N SER D 37 -10.84 0.82 -19.26
CA SER D 37 -9.91 -0.18 -19.79
C SER D 37 -8.97 -0.59 -18.67
N THR D 38 -8.61 -1.88 -18.61
CA THR D 38 -7.75 -2.38 -17.53
C THR D 38 -6.32 -1.85 -17.66
N ILE D 39 -5.79 -1.24 -16.60
CA ILE D 39 -4.46 -0.61 -16.63
C ILE D 39 -3.44 -1.43 -15.85
N GLY D 40 -2.42 -1.89 -16.55
CA GLY D 40 -1.46 -2.84 -15.99
C GLY D 40 -2.05 -4.23 -15.79
N VAL D 41 -2.19 -4.61 -14.52
CA VAL D 41 -2.75 -5.91 -14.14
C VAL D 41 -3.88 -5.78 -13.10
N ASP D 42 -4.98 -6.48 -13.34
CA ASP D 42 -6.10 -6.51 -12.40
C ASP D 42 -6.19 -7.85 -11.67
N PHE D 43 -6.75 -7.84 -10.47
CA PHE D 43 -6.75 -9.03 -9.62
C PHE D 43 -8.12 -9.25 -9.01
N LYS D 44 -8.55 -10.53 -9.01
CA LYS D 44 -9.76 -10.96 -8.28
C LYS D 44 -9.55 -12.33 -7.64
N ILE D 45 -10.30 -12.61 -6.58
CA ILE D 45 -10.29 -13.90 -5.89
C ILE D 45 -11.69 -14.55 -5.92
N ARG D 46 -11.73 -15.85 -6.19
CA ARG D 46 -12.95 -16.61 -5.98
C ARG D 46 -12.62 -18.05 -5.58
N THR D 47 -13.36 -18.57 -4.60
CA THR D 47 -13.19 -19.95 -4.13
C THR D 47 -14.35 -20.86 -4.58
N ILE D 48 -13.99 -22.06 -5.01
CA ILE D 48 -14.98 -23.01 -5.52
C ILE D 48 -14.82 -24.40 -4.90
N GLU D 49 -15.73 -25.30 -5.24
CA GLU D 49 -15.69 -26.70 -4.83
C GLU D 49 -15.35 -27.58 -6.03
N LEU D 50 -14.40 -28.49 -5.87
CA LEU D 50 -14.05 -29.41 -6.96
C LEU D 50 -13.63 -30.79 -6.44
N ASP D 51 -14.44 -31.79 -6.82
CA ASP D 51 -14.34 -33.17 -6.31
C ASP D 51 -14.21 -33.18 -4.79
N GLY D 52 -15.16 -32.51 -4.13
CA GLY D 52 -15.17 -32.37 -2.69
C GLY D 52 -14.09 -31.47 -2.10
N LYS D 53 -13.11 -31.08 -2.92
CA LYS D 53 -11.99 -30.29 -2.44
C LYS D 53 -12.21 -28.80 -2.64
N THR D 54 -11.54 -28.01 -1.78
CA THR D 54 -11.64 -26.54 -1.78
C THR D 54 -10.44 -25.89 -2.48
N ILE D 55 -10.71 -25.07 -3.49
CA ILE D 55 -9.63 -24.42 -4.22
C ILE D 55 -9.86 -22.90 -4.35
N LYS D 56 -8.95 -22.14 -3.77
CA LYS D 56 -8.97 -20.68 -3.81
C LYS D 56 -8.13 -20.23 -4.99
N LEU D 57 -8.79 -19.67 -5.99
CA LEU D 57 -8.13 -19.24 -7.22
C LEU D 57 -7.70 -17.80 -7.14
N GLN D 58 -6.45 -17.55 -7.49
CA GLN D 58 -5.94 -16.20 -7.56
C GLN D 58 -5.83 -15.82 -9.01
N ILE D 59 -6.76 -15.00 -9.51
CA ILE D 59 -6.75 -14.63 -10.92
C ILE D 59 -6.15 -13.25 -11.23
N TRP D 60 -5.42 -13.19 -12.34
CA TRP D 60 -4.82 -11.97 -12.79
C TRP D 60 -5.33 -11.68 -14.18
N ASP D 61 -5.72 -10.43 -14.40
CA ASP D 61 -6.33 -9.98 -15.63
C ASP D 61 -5.34 -8.97 -16.22
N THR D 62 -5.10 -9.06 -17.52
CA THR D 62 -4.00 -8.30 -18.11
C THR D 62 -4.41 -7.35 -19.21
N ALA D 63 -3.72 -6.22 -19.27
CA ALA D 63 -3.91 -5.29 -20.37
C ALA D 63 -3.35 -5.92 -21.65
N GLY D 64 -4.18 -5.98 -22.67
CA GLY D 64 -3.80 -6.62 -23.92
C GLY D 64 -2.88 -5.80 -24.81
N GLN D 65 -3.10 -4.48 -24.82
CA GLN D 65 -2.48 -3.59 -25.80
C GLN D 65 -0.97 -3.77 -25.77
N GLU D 66 -0.33 -3.90 -26.93
CA GLU D 66 1.07 -4.32 -26.99
C GLU D 66 2.02 -3.73 -25.90
N ARG D 67 2.04 -2.40 -25.74
CA ARG D 67 3.06 -1.71 -24.94
C ARG D 67 3.18 -2.29 -23.53
N PHE D 68 2.07 -2.87 -23.06
CA PHE D 68 2.01 -3.53 -21.76
C PHE D 68 2.69 -4.91 -21.71
N ARG D 69 2.89 -5.55 -22.86
CA ARG D 69 3.42 -6.91 -22.85
C ARG D 69 4.64 -7.13 -21.96
N THR D 70 5.56 -6.16 -21.92
CA THR D 70 6.77 -6.33 -21.10
C THR D 70 6.40 -6.44 -19.61
N ILE D 71 5.61 -5.50 -19.12
CA ILE D 71 5.07 -5.62 -17.77
C ILE D 71 4.26 -6.92 -17.63
N THR D 72 3.35 -7.13 -18.56
CA THR D 72 2.42 -8.24 -18.57
C THR D 72 3.12 -9.59 -18.46
N SER D 73 4.18 -9.78 -19.26
CA SER D 73 4.93 -11.04 -19.32
C SER D 73 5.47 -11.52 -17.98
N SER D 74 5.76 -10.59 -17.08
CA SER D 74 6.29 -10.91 -15.75
C SER D 74 5.35 -11.68 -14.84
N TYR D 75 4.07 -11.75 -15.23
CA TYR D 75 3.04 -12.43 -14.44
C TYR D 75 2.83 -13.91 -14.87
N TYR D 76 3.52 -14.31 -15.94
CA TYR D 76 3.35 -15.62 -16.52
C TYR D 76 4.03 -16.73 -15.71
N ARG D 77 5.28 -16.52 -15.29
CA ARG D 77 6.09 -17.61 -14.66
C ARG D 77 5.57 -18.12 -13.34
N GLY D 78 4.83 -17.29 -12.61
CA GLY D 78 4.22 -17.73 -11.37
C GLY D 78 2.96 -18.55 -11.55
N ALA D 79 2.41 -18.52 -12.77
CA ALA D 79 1.07 -19.03 -13.04
C ALA D 79 1.01 -20.54 -13.26
N HIS D 80 -0.01 -21.14 -12.65
CA HIS D 80 -0.33 -22.56 -12.79
C HIS D 80 -1.06 -22.82 -14.10
N GLY D 81 -2.00 -21.94 -14.42
CA GLY D 81 -2.83 -22.05 -15.62
C GLY D 81 -3.06 -20.71 -16.29
N ILE D 82 -2.98 -20.70 -17.63
CA ILE D 82 -3.11 -19.47 -18.41
C ILE D 82 -4.23 -19.59 -19.44
N ILE D 83 -5.17 -18.66 -19.38
CA ILE D 83 -6.30 -18.67 -20.29
C ILE D 83 -6.09 -17.66 -21.41
N VAL D 84 -6.06 -18.17 -22.64
CA VAL D 84 -5.82 -17.34 -23.81
C VAL D 84 -7.17 -16.97 -24.40
N VAL D 85 -7.49 -15.68 -24.37
CA VAL D 85 -8.83 -15.21 -24.70
C VAL D 85 -8.84 -14.48 -26.02
N TYR D 86 -9.86 -14.75 -26.85
CA TYR D 86 -10.04 -14.04 -28.12
C TYR D 86 -11.50 -13.71 -28.38
N ASP D 87 -11.74 -12.84 -29.38
CA ASP D 87 -13.07 -12.37 -29.74
C ASP D 87 -13.56 -13.00 -31.04
N VAL D 88 -14.66 -13.75 -30.95
CA VAL D 88 -15.23 -14.43 -32.10
C VAL D 88 -15.57 -13.48 -33.26
N THR D 89 -15.83 -12.20 -32.91
CA THR D 89 -16.27 -11.19 -33.86
C THR D 89 -15.11 -10.46 -34.51
N ASP D 90 -13.90 -10.74 -34.04
CA ASP D 90 -12.73 -10.01 -34.51
C ASP D 90 -11.61 -10.96 -34.98
N GLN D 91 -11.61 -11.23 -36.29
CA GLN D 91 -10.60 -12.11 -36.89
C GLN D 91 -9.21 -11.88 -36.30
N GLU D 92 -8.76 -10.61 -36.30
CA GLU D 92 -7.42 -10.23 -35.90
C GLU D 92 -6.97 -10.87 -34.58
N SER D 93 -7.86 -10.90 -33.59
CA SER D 93 -7.55 -11.49 -32.29
C SER D 93 -7.18 -12.96 -32.42
N PHE D 94 -7.93 -13.69 -33.24
CA PHE D 94 -7.67 -15.11 -33.45
C PHE D 94 -6.34 -15.40 -34.17
N ASN D 95 -5.91 -14.45 -34.99
CA ASN D 95 -4.63 -14.56 -35.67
C ASN D 95 -3.48 -14.43 -34.69
N ASN D 96 -3.63 -13.53 -33.73
CA ASN D 96 -2.56 -13.23 -32.76
C ASN D 96 -2.37 -14.30 -31.68
N VAL D 97 -3.36 -15.19 -31.54
CA VAL D 97 -3.30 -16.32 -30.59
C VAL D 97 -1.97 -17.11 -30.69
N LYS D 98 -1.51 -17.32 -31.92
CA LYS D 98 -0.25 -18.00 -32.18
C LYS D 98 0.90 -17.31 -31.46
N GLN D 99 0.87 -15.98 -31.46
CA GLN D 99 1.91 -15.18 -30.79
C GLN D 99 1.77 -15.27 -29.28
N TRP D 100 0.52 -15.21 -28.79
CA TRP D 100 0.26 -15.26 -27.36
C TRP D 100 0.79 -16.55 -26.76
N LEU D 101 0.65 -17.64 -27.50
CA LEU D 101 1.10 -18.96 -27.08
C LEU D 101 2.62 -19.06 -27.05
N GLN D 102 3.28 -18.26 -27.89
CA GLN D 102 4.72 -18.18 -27.88
C GLN D 102 5.24 -17.37 -26.69
N GLU D 103 4.44 -16.40 -26.25
CA GLU D 103 4.73 -15.67 -25.03
C GLU D 103 4.73 -16.65 -23.86
N ILE D 104 3.78 -17.57 -23.90
CA ILE D 104 3.61 -18.60 -22.89
C ILE D 104 4.80 -19.56 -22.91
N ASP D 105 5.26 -19.91 -24.11
CA ASP D 105 6.44 -20.76 -24.27
C ASP D 105 7.68 -20.09 -23.67
N ARG D 106 7.66 -18.76 -23.62
CA ARG D 106 8.81 -17.95 -23.16
C ARG D 106 8.75 -17.62 -21.68
N TYR D 107 7.59 -17.22 -21.20
CA TYR D 107 7.51 -16.63 -19.88
C TYR D 107 6.88 -17.50 -18.81
N ALA D 108 5.98 -18.40 -19.20
CA ALA D 108 5.29 -19.28 -18.24
C ALA D 108 6.13 -20.48 -17.84
N SER D 109 5.68 -21.21 -16.82
CA SER D 109 6.29 -22.48 -16.42
C SER D 109 6.28 -23.51 -17.55
N GLU D 110 7.33 -24.33 -17.61
CA GLU D 110 7.49 -25.32 -18.70
C GLU D 110 6.30 -26.30 -18.86
N ASN D 111 5.50 -26.44 -17.79
CA ASN D 111 4.36 -27.37 -17.77
C ASN D 111 3.05 -26.75 -17.24
N VAL D 112 2.96 -25.44 -17.33
CA VAL D 112 1.74 -24.68 -17.07
C VAL D 112 0.56 -25.22 -17.89
N ASN D 113 -0.65 -25.10 -17.36
CA ASN D 113 -1.86 -25.52 -18.07
C ASN D 113 -2.42 -24.40 -18.93
N LYS D 114 -2.97 -24.78 -20.08
CA LYS D 114 -3.51 -23.81 -21.02
C LYS D 114 -5.00 -24.04 -21.29
N LEU D 115 -5.66 -22.99 -21.77
CA LEU D 115 -7.04 -23.08 -22.27
C LEU D 115 -7.29 -21.95 -23.26
N LEU D 116 -7.91 -22.29 -24.39
CA LEU D 116 -8.29 -21.29 -25.38
C LEU D 116 -9.74 -20.91 -25.16
N VAL D 117 -10.05 -19.63 -25.15
CA VAL D 117 -11.44 -19.18 -24.95
C VAL D 117 -11.93 -18.18 -26.01
N GLY D 118 -12.97 -18.56 -26.74
CA GLY D 118 -13.59 -17.69 -27.73
C GLY D 118 -14.74 -16.89 -27.15
N ASN D 119 -14.45 -15.67 -26.70
CA ASN D 119 -15.46 -14.85 -26.04
C ASN D 119 -16.43 -14.16 -26.99
N LYS D 120 -17.54 -13.66 -26.42
CA LYS D 120 -18.56 -12.88 -27.11
C LYS D 120 -19.41 -13.71 -28.08
N CYS D 121 -19.64 -14.98 -27.73
CA CYS D 121 -20.34 -15.93 -28.61
C CYS D 121 -21.80 -15.56 -28.91
N ASP D 122 -22.41 -14.75 -28.05
CA ASP D 122 -23.81 -14.34 -28.18
C ASP D 122 -24.13 -13.53 -29.45
N LEU D 123 -23.13 -12.80 -29.95
CA LEU D 123 -23.30 -11.96 -31.14
C LEU D 123 -23.27 -12.81 -32.43
N THR D 124 -24.40 -13.44 -32.72
CA THR D 124 -24.50 -14.38 -33.85
C THR D 124 -24.41 -13.72 -35.23
N THR D 125 -24.70 -12.42 -35.30
CA THR D 125 -24.63 -11.67 -36.55
C THR D 125 -23.20 -11.38 -36.99
N LYS D 126 -22.32 -11.19 -36.00
CA LYS D 126 -20.96 -10.71 -36.27
C LYS D 126 -19.86 -11.75 -35.99
N LYS D 127 -20.26 -12.99 -35.74
CA LYS D 127 -19.33 -14.10 -35.54
C LYS D 127 -18.54 -14.37 -36.84
N VAL D 128 -17.24 -14.14 -36.80
CA VAL D 128 -16.38 -14.31 -37.99
C VAL D 128 -15.36 -15.45 -37.87
N VAL D 129 -15.31 -16.08 -36.70
CA VAL D 129 -14.47 -17.28 -36.52
C VAL D 129 -15.38 -18.45 -36.14
N ASP D 130 -15.25 -19.55 -36.89
CA ASP D 130 -16.05 -20.76 -36.62
C ASP D 130 -15.52 -21.52 -35.43
N TYR D 131 -16.40 -22.29 -34.79
CA TYR D 131 -16.01 -23.22 -33.75
C TYR D 131 -14.95 -24.17 -34.30
N THR D 132 -15.28 -24.83 -35.40
CA THR D 132 -14.39 -25.80 -36.06
C THR D 132 -13.01 -25.24 -36.45
N THR D 133 -12.96 -23.97 -36.82
CA THR D 133 -11.70 -23.29 -37.16
C THR D 133 -10.75 -23.30 -35.95
N ALA D 134 -11.32 -23.02 -34.78
CA ALA D 134 -10.59 -22.88 -33.54
C ALA D 134 -10.30 -24.22 -32.88
N LYS D 135 -11.29 -25.10 -32.88
CA LYS D 135 -11.18 -26.43 -32.30
C LYS D 135 -10.07 -27.23 -32.96
N GLU D 136 -9.98 -27.11 -34.30
CA GLU D 136 -8.93 -27.77 -35.08
C GLU D 136 -7.55 -27.34 -34.58
N PHE D 137 -7.33 -26.02 -34.52
CA PHE D 137 -6.09 -25.44 -34.02
C PHE D 137 -5.80 -25.91 -32.58
N ALA D 138 -6.80 -25.81 -31.71
CA ALA D 138 -6.66 -26.20 -30.32
C ALA D 138 -6.29 -27.68 -30.17
N ASP D 139 -7.03 -28.54 -30.87
CA ASP D 139 -6.79 -29.98 -30.86
C ASP D 139 -5.36 -30.35 -31.21
N SER D 140 -4.81 -29.67 -32.22
CA SER D 140 -3.44 -29.95 -32.68
C SER D 140 -2.37 -29.53 -31.67
N LEU D 141 -2.78 -28.76 -30.65
CA LEU D 141 -1.86 -28.32 -29.61
C LEU D 141 -2.08 -29.04 -28.27
N GLY D 142 -3.20 -29.74 -28.13
CA GLY D 142 -3.57 -30.37 -26.86
C GLY D 142 -4.05 -29.34 -25.86
N ILE D 143 -4.74 -28.32 -26.37
CA ILE D 143 -5.32 -27.26 -25.57
C ILE D 143 -6.85 -27.38 -25.57
N PRO D 144 -7.45 -27.52 -24.38
CA PRO D 144 -8.90 -27.40 -24.22
C PRO D 144 -9.46 -26.11 -24.82
N PHE D 145 -10.68 -26.17 -25.34
CA PHE D 145 -11.28 -25.02 -26.02
C PHE D 145 -12.76 -24.83 -25.72
N LEU D 146 -13.14 -23.60 -25.41
CA LEU D 146 -14.52 -23.21 -25.13
C LEU D 146 -14.87 -21.85 -25.71
N GLU D 147 -16.07 -21.73 -26.27
CA GLU D 147 -16.62 -20.42 -26.59
C GLU D 147 -17.40 -19.93 -25.36
N THR D 148 -17.28 -18.65 -25.06
CA THR D 148 -17.96 -18.07 -23.88
C THR D 148 -18.73 -16.81 -24.20
N SER D 149 -19.65 -16.44 -23.31
CA SER D 149 -20.25 -15.11 -23.34
C SER D 149 -20.31 -14.52 -21.94
N ALA D 150 -19.59 -13.42 -21.75
CA ALA D 150 -19.60 -12.71 -20.49
C ALA D 150 -20.96 -12.05 -20.26
N LYS D 151 -21.65 -11.73 -21.35
CA LYS D 151 -22.94 -11.06 -21.27
C LYS D 151 -24.12 -12.04 -21.05
N ASN D 152 -23.91 -13.32 -21.37
CA ASN D 152 -24.92 -14.36 -21.15
C ASN D 152 -24.55 -15.34 -20.03
N ALA D 153 -23.32 -15.26 -19.56
CA ALA D 153 -22.76 -16.21 -18.58
C ALA D 153 -22.52 -17.61 -19.17
N THR D 154 -22.82 -17.74 -20.46
CA THR D 154 -22.63 -18.96 -21.24
C THR D 154 -21.17 -19.43 -21.17
N ASN D 155 -20.96 -20.61 -20.61
CA ASN D 155 -19.61 -21.22 -20.48
C ASN D 155 -18.58 -20.53 -19.57
N VAL D 156 -18.90 -19.34 -19.04
CA VAL D 156 -17.94 -18.57 -18.24
C VAL D 156 -17.46 -19.38 -17.04
N GLU D 157 -18.39 -19.81 -16.18
CA GLU D 157 -18.06 -20.63 -15.03
C GLU D 157 -17.47 -21.97 -15.49
N GLN D 158 -18.12 -22.56 -16.49
CA GLN D 158 -17.67 -23.83 -17.07
C GLN D 158 -16.19 -23.83 -17.44
N SER D 159 -15.69 -22.69 -17.93
CA SER D 159 -14.29 -22.53 -18.34
C SER D 159 -13.30 -22.62 -17.20
N PHE D 160 -13.61 -21.97 -16.08
CA PHE D 160 -12.70 -21.91 -14.95
C PHE D 160 -12.59 -23.24 -14.20
N MET D 161 -13.66 -24.01 -14.23
CA MET D 161 -13.66 -25.33 -13.63
C MET D 161 -12.76 -26.30 -14.41
N THR D 162 -12.80 -26.20 -15.74
CA THR D 162 -12.04 -27.10 -16.61
C THR D 162 -10.55 -26.81 -16.53
N MET D 163 -10.22 -25.55 -16.31
CA MET D 163 -8.85 -25.15 -16.02
C MET D 163 -8.45 -25.75 -14.68
N ALA D 164 -9.29 -25.54 -13.67
CA ALA D 164 -9.00 -26.01 -12.33
C ALA D 164 -8.94 -27.53 -12.28
N ALA D 165 -9.78 -28.18 -13.09
CA ALA D 165 -9.82 -29.64 -13.20
C ALA D 165 -8.52 -30.20 -13.78
N GLU D 166 -8.00 -29.48 -14.77
CA GLU D 166 -6.77 -29.85 -15.45
C GLU D 166 -5.54 -29.64 -14.56
N ILE D 167 -5.60 -28.60 -13.70
CA ILE D 167 -4.51 -28.28 -12.77
C ILE D 167 -4.51 -29.22 -11.56
N LYS D 168 -5.68 -29.48 -11.00
CA LYS D 168 -5.86 -30.45 -9.94
C LYS D 168 -5.21 -31.75 -10.38
N LYS D 169 -5.66 -32.26 -11.53
CA LYS D 169 -5.16 -33.51 -12.11
C LYS D 169 -3.62 -33.55 -12.19
N ARG D 170 -3.03 -32.40 -12.53
CA ARG D 170 -1.58 -32.24 -12.62
C ARG D 170 -0.87 -32.35 -11.25
N MET D 171 -1.65 -32.23 -10.17
CA MET D 171 -1.12 -32.33 -8.79
C MET D 171 -2.19 -32.73 -7.77
N GLU E 1 -37.82 -22.75 -2.49
CA GLU E 1 -38.90 -23.24 -1.58
C GLU E 1 -38.36 -23.60 -0.19
N MET E 2 -37.06 -23.94 -0.14
CA MET E 2 -36.35 -24.34 1.08
C MET E 2 -36.69 -23.48 2.30
N SER E 3 -37.29 -24.10 3.32
CA SER E 3 -37.71 -23.39 4.55
C SER E 3 -36.53 -22.75 5.29
N CYS E 4 -36.79 -21.60 5.92
CA CYS E 4 -35.76 -20.82 6.61
C CYS E 4 -34.82 -21.67 7.48
N ALA E 5 -35.41 -22.54 8.29
CA ALA E 5 -34.67 -23.39 9.20
C ALA E 5 -33.64 -24.29 8.49
N GLU E 6 -34.05 -24.92 7.40
CA GLU E 6 -33.19 -25.81 6.64
C GLU E 6 -32.12 -25.00 5.90
N LYS E 7 -32.53 -23.84 5.39
CA LYS E 7 -31.63 -22.90 4.73
C LYS E 7 -30.46 -22.55 5.65
N LEU E 8 -30.76 -22.30 6.93
CA LEU E 8 -29.76 -21.97 7.94
C LEU E 8 -28.92 -23.18 8.36
N LEU E 9 -29.58 -24.34 8.46
CA LEU E 9 -28.88 -25.58 8.74
C LEU E 9 -27.76 -25.75 7.72
N LYS E 10 -28.11 -25.55 6.46
CA LYS E 10 -27.17 -25.73 5.37
C LYS E 10 -26.00 -24.77 5.47
N VAL E 11 -26.28 -23.56 5.95
CA VAL E 11 -25.22 -22.57 6.12
C VAL E 11 -24.24 -22.99 7.23
N LEU E 12 -24.77 -23.30 8.41
CA LEU E 12 -23.95 -23.73 9.55
C LEU E 12 -23.16 -25.02 9.30
N SER E 13 -23.75 -25.94 8.53
CA SER E 13 -23.08 -27.19 8.11
C SER E 13 -21.95 -26.91 7.13
N PHE E 14 -22.23 -26.06 6.14
CA PHE E 14 -21.24 -25.70 5.12
C PHE E 14 -20.18 -24.79 5.71
N GLY E 15 -20.58 -24.00 6.70
CA GLY E 15 -19.68 -23.12 7.40
C GLY E 15 -20.05 -21.67 7.23
N LEU E 16 -20.05 -20.93 8.34
CA LEU E 16 -20.46 -19.52 8.34
C LEU E 16 -19.41 -18.59 7.71
N TRP E 17 -18.14 -18.85 8.01
CA TRP E 17 -17.01 -18.07 7.48
C TRP E 17 -16.43 -18.76 6.26
N ASN E 18 -17.29 -19.41 5.49
CA ASN E 18 -16.87 -20.12 4.29
C ASN E 18 -16.50 -19.16 3.16
N PRO E 19 -15.32 -19.35 2.54
CA PRO E 19 -14.84 -18.48 1.47
C PRO E 19 -15.79 -18.38 0.28
N THR E 20 -16.46 -19.48 -0.04
CA THR E 20 -17.25 -19.60 -1.28
C THR E 20 -18.60 -18.86 -1.29
N TYR E 21 -18.77 -17.90 -0.38
CA TYR E 21 -20.00 -17.12 -0.31
C TYR E 21 -19.81 -15.69 -0.77
N SER E 22 -20.67 -15.24 -1.68
CA SER E 22 -20.69 -13.85 -2.14
C SER E 22 -21.21 -12.96 -1.02
N ARG E 23 -20.70 -11.74 -0.94
CA ARG E 23 -21.05 -10.82 0.16
C ARG E 23 -22.55 -10.49 0.21
N SER E 24 -23.20 -10.53 -0.95
CA SER E 24 -24.65 -10.30 -1.05
C SER E 24 -25.45 -11.40 -0.36
N GLU E 25 -24.80 -12.54 -0.13
CA GLU E 25 -25.38 -13.65 0.63
C GLU E 25 -25.06 -13.54 2.11
N ARG E 26 -23.85 -13.09 2.44
CA ARG E 26 -23.37 -13.00 3.83
C ARG E 26 -24.23 -12.11 4.73
N GLN E 27 -24.88 -11.12 4.14
CA GLN E 27 -25.82 -10.24 4.85
C GLN E 27 -27.15 -10.94 5.11
N SER E 28 -27.55 -11.80 4.18
CA SER E 28 -28.78 -12.58 4.34
C SER E 28 -28.61 -13.74 5.32
N PHE E 29 -27.37 -14.11 5.63
CA PHE E 29 -27.10 -15.15 6.64
C PHE E 29 -27.35 -14.62 8.05
N GLN E 30 -26.86 -13.40 8.30
CA GLN E 30 -27.04 -12.76 9.60
C GLN E 30 -28.50 -12.55 9.93
N GLU E 31 -29.31 -12.32 8.90
CA GLU E 31 -30.75 -12.25 9.05
C GLU E 31 -31.30 -13.58 9.53
N LEU E 32 -30.64 -14.67 9.15
CA LEU E 32 -30.99 -16.00 9.67
C LEU E 32 -30.31 -16.25 11.02
N LEU E 33 -29.07 -15.80 11.16
CA LEU E 33 -28.26 -16.11 12.34
C LEU E 33 -28.82 -15.51 13.61
N THR E 34 -29.18 -14.23 13.57
CA THR E 34 -29.68 -13.54 14.76
C THR E 34 -30.99 -14.11 15.29
N VAL E 35 -31.49 -15.17 14.67
CA VAL E 35 -32.70 -15.85 15.13
C VAL E 35 -32.34 -16.92 16.19
N LEU E 36 -31.13 -17.47 16.06
CA LEU E 36 -30.55 -18.37 17.05
C LEU E 36 -30.58 -17.73 18.43
N GLU E 37 -31.19 -18.43 19.37
CA GLU E 37 -31.31 -17.95 20.72
C GLU E 37 -30.91 -19.09 21.63
N PRO E 38 -29.90 -18.86 22.51
CA PRO E 38 -29.59 -19.88 23.50
C PRO E 38 -30.78 -20.12 24.41
N VAL E 39 -31.05 -21.37 24.74
CA VAL E 39 -32.15 -21.74 25.63
C VAL E 39 -31.63 -22.69 26.70
N TYR E 40 -32.51 -23.10 27.62
CA TYR E 40 -32.15 -24.01 28.70
C TYR E 40 -31.64 -25.34 28.17
N PRO E 41 -30.46 -25.78 28.64
CA PRO E 41 -29.88 -27.06 28.22
C PRO E 41 -30.29 -28.24 29.13
N LEU E 42 -30.38 -29.43 28.56
CA LEU E 42 -30.71 -30.64 29.33
C LEU E 42 -29.54 -31.01 30.23
N PRO E 43 -29.67 -32.12 31.01
CA PRO E 43 -28.62 -32.48 31.96
C PRO E 43 -27.26 -32.76 31.31
N ASN E 44 -27.27 -33.57 30.24
CA ASN E 44 -26.04 -33.95 29.55
C ASN E 44 -25.60 -32.95 28.48
N GLU E 45 -26.21 -31.76 28.49
CA GLU E 45 -26.02 -30.79 27.41
C GLU E 45 -25.14 -29.60 27.77
N LEU E 46 -24.16 -29.33 26.91
CA LEU E 46 -23.26 -28.20 27.07
C LEU E 46 -24.00 -26.91 26.74
N GLY E 47 -24.78 -26.95 25.66
CA GLY E 47 -25.59 -25.82 25.23
C GLY E 47 -26.76 -26.29 24.40
N ARG E 48 -27.79 -25.47 24.34
CA ARG E 48 -28.97 -25.77 23.53
C ARG E 48 -29.47 -24.51 22.85
N VAL E 49 -29.81 -24.64 21.58
CA VAL E 49 -30.18 -23.49 20.76
C VAL E 49 -31.51 -23.71 20.01
N SER E 50 -32.29 -22.64 19.91
CA SER E 50 -33.57 -22.65 19.21
C SER E 50 -33.73 -21.40 18.34
N ALA E 51 -34.04 -21.63 17.07
CA ALA E 51 -34.48 -20.59 16.16
C ALA E 51 -35.88 -20.93 15.68
N ARG E 52 -36.80 -19.99 15.84
CA ARG E 52 -38.13 -20.12 15.25
C ARG E 52 -38.34 -18.96 14.27
N PHE E 53 -38.63 -19.30 13.01
CA PHE E 53 -38.70 -18.31 11.94
C PHE E 53 -40.13 -17.90 11.62
N SER E 54 -40.26 -16.85 10.82
CA SER E 54 -41.56 -16.29 10.48
C SER E 54 -42.33 -17.23 9.55
N ASP E 55 -41.61 -17.90 8.66
CA ASP E 55 -42.20 -18.82 7.69
C ASP E 55 -42.81 -20.07 8.33
N GLY E 56 -42.77 -20.16 9.66
CA GLY E 56 -43.32 -21.29 10.39
C GLY E 56 -42.36 -22.45 10.65
N SER E 57 -41.19 -22.44 10.01
CA SER E 57 -40.17 -23.44 10.29
C SER E 57 -39.42 -23.10 11.57
N SER E 58 -39.16 -24.11 12.40
CA SER E 58 -38.34 -23.96 13.60
C SER E 58 -37.17 -24.93 13.63
N LEU E 59 -36.10 -24.53 14.30
CA LEU E 59 -34.86 -25.29 14.34
C LEU E 59 -34.40 -25.45 15.77
N ARG E 60 -33.73 -26.55 16.07
CA ARG E 60 -33.22 -26.77 17.41
C ARG E 60 -31.89 -27.52 17.39
N ILE E 61 -30.87 -26.86 17.93
CA ILE E 61 -29.52 -27.44 18.01
C ILE E 61 -29.13 -27.72 19.48
N SER E 62 -28.51 -28.87 19.72
CA SER E 62 -28.07 -29.25 21.07
C SER E 62 -26.70 -29.93 21.10
N VAL E 63 -25.73 -29.23 21.68
CA VAL E 63 -24.39 -29.76 21.86
C VAL E 63 -24.30 -30.43 23.24
N THR E 64 -23.87 -31.69 23.25
CA THR E 64 -23.64 -32.43 24.48
C THR E 64 -22.33 -31.98 25.12
N ASN E 65 -22.09 -32.41 26.36
CA ASN E 65 -20.82 -32.11 27.03
C ASN E 65 -19.61 -32.70 26.30
N SER E 66 -19.83 -33.81 25.58
CA SER E 66 -18.80 -34.41 24.75
C SER E 66 -18.73 -33.81 23.34
N GLU E 67 -19.23 -32.57 23.21
CA GLU E 67 -19.23 -31.80 21.94
C GLU E 67 -19.77 -32.55 20.73
N SER E 68 -20.89 -33.25 20.94
CA SER E 68 -21.60 -33.99 19.89
C SER E 68 -22.87 -33.24 19.51
N ILE E 69 -22.96 -32.82 18.24
CA ILE E 69 -23.98 -31.88 17.77
C ILE E 69 -25.20 -32.55 17.13
N GLU E 70 -26.38 -32.15 17.57
CA GLU E 70 -27.61 -32.77 17.12
C GLU E 70 -28.67 -31.72 16.79
N ALA E 71 -28.97 -31.60 15.50
CA ALA E 71 -29.98 -30.64 15.00
C ALA E 71 -31.33 -31.29 14.76
N GLU E 72 -32.40 -30.56 15.05
CA GLU E 72 -33.73 -31.04 14.77
C GLU E 72 -34.55 -29.95 14.08
N ILE E 73 -34.88 -30.20 12.82
CA ILE E 73 -35.65 -29.27 11.99
C ILE E 73 -37.13 -29.54 12.14
N ARG E 74 -37.93 -28.47 12.18
CA ARG E 74 -39.38 -28.56 12.19
C ARG E 74 -39.89 -27.74 11.02
N THR E 75 -40.51 -28.39 10.04
CA THR E 75 -41.00 -27.70 8.85
C THR E 75 -42.28 -26.91 9.17
N PRO E 76 -42.69 -25.98 8.27
CA PRO E 76 -43.92 -25.21 8.50
C PRO E 76 -45.13 -26.11 8.78
N ASN E 77 -45.25 -27.18 7.99
CA ASN E 77 -46.30 -28.21 8.14
C ASN E 77 -46.06 -29.21 9.27
N ASN E 78 -45.11 -28.88 10.16
CA ASN E 78 -44.74 -29.68 11.33
C ASN E 78 -44.35 -31.15 11.08
N GLU E 79 -43.21 -31.36 10.44
CA GLU E 79 -42.60 -32.68 10.33
C GLU E 79 -41.22 -32.60 11.01
N LYS E 80 -40.87 -33.61 11.81
CA LYS E 80 -39.61 -33.61 12.57
C LYS E 80 -38.52 -34.36 11.84
N ILE E 81 -37.38 -33.71 11.61
CA ILE E 81 -36.19 -34.36 11.08
C ILE E 81 -35.04 -34.08 12.04
N THR E 82 -34.42 -35.13 12.57
CA THR E 82 -33.26 -34.97 13.46
C THR E 82 -31.97 -35.35 12.74
N VAL E 83 -31.17 -34.34 12.43
CA VAL E 83 -29.93 -34.51 11.67
C VAL E 83 -28.72 -34.46 12.61
N LEU E 84 -27.69 -35.22 12.28
CA LEU E 84 -26.39 -35.12 12.96
C LEU E 84 -25.44 -34.25 12.16
N LEU E 85 -24.75 -33.34 12.85
CA LEU E 85 -23.85 -32.40 12.21
C LEU E 85 -22.43 -32.69 12.62
N GLU E 86 -21.47 -32.00 12.00
CA GLU E 86 -20.08 -32.20 12.35
C GLU E 86 -19.28 -30.92 12.21
N SER E 87 -18.58 -30.55 13.28
CA SER E 87 -17.67 -29.40 13.29
C SER E 87 -16.24 -29.78 12.86
N ASN E 88 -15.58 -28.83 12.19
CA ASN E 88 -14.21 -28.96 11.70
C ASN E 88 -13.65 -27.56 11.43
N GLU E 89 -12.56 -27.48 10.67
CA GLU E 89 -11.88 -26.20 10.46
C GLU E 89 -12.50 -25.36 9.34
N GLN E 90 -13.18 -26.00 8.40
CA GLN E 90 -13.79 -25.32 7.25
C GLN E 90 -15.14 -24.72 7.63
N ASN E 91 -15.98 -25.53 8.27
CA ASN E 91 -17.31 -25.08 8.69
C ASN E 91 -17.30 -24.19 9.94
N ARG E 92 -16.44 -24.56 10.91
CA ARG E 92 -16.32 -23.87 12.19
C ARG E 92 -17.70 -23.78 12.84
N LEU E 93 -18.32 -24.95 12.97
CA LEU E 93 -19.71 -25.05 13.39
C LEU E 93 -19.89 -24.63 14.85
N LEU E 94 -19.14 -25.28 15.75
CA LEU E 94 -19.20 -24.93 17.19
C LEU E 94 -19.06 -23.43 17.40
N GLN E 95 -18.09 -22.86 16.70
CA GLN E 95 -17.75 -21.46 16.83
C GLN E 95 -18.87 -20.52 16.36
N SER E 96 -19.81 -21.04 15.58
CA SER E 96 -20.92 -20.23 15.07
C SER E 96 -22.25 -20.36 15.82
N LEU E 97 -22.22 -20.91 17.03
CA LEU E 97 -23.41 -21.03 17.85
C LEU E 97 -23.21 -20.30 19.18
N PRO E 98 -24.30 -19.80 19.80
CA PRO E 98 -24.12 -19.07 21.03
C PRO E 98 -23.96 -20.09 22.15
N ILE E 99 -22.76 -20.64 22.28
CA ILE E 99 -22.48 -21.66 23.28
C ILE E 99 -21.25 -21.31 24.10
N ASP E 100 -21.17 -21.88 25.30
CA ASP E 100 -20.03 -21.68 26.18
C ASP E 100 -19.17 -22.92 26.20
N ARG E 101 -18.02 -22.84 25.52
CA ARG E 101 -17.11 -23.97 25.45
C ARG E 101 -16.05 -23.89 26.52
N HIS E 102 -15.47 -25.05 26.84
CA HIS E 102 -14.36 -25.18 27.79
C HIS E 102 -13.05 -25.23 27.01
N MET E 103 -12.45 -24.08 26.75
CA MET E 103 -11.22 -24.06 25.92
C MET E 103 -9.92 -23.88 26.73
N PRO E 104 -8.77 -24.24 26.12
CA PRO E 104 -7.48 -23.80 26.67
C PRO E 104 -7.22 -22.32 26.43
N TYR E 105 -7.93 -21.73 25.45
CA TYR E 105 -7.71 -20.35 25.02
C TYR E 105 -9.02 -19.53 24.93
N ILE E 106 -8.91 -18.22 25.06
CA ILE E 106 -10.07 -17.35 24.83
C ILE E 106 -10.35 -17.23 23.33
N GLN E 107 -11.54 -17.68 22.94
CA GLN E 107 -11.96 -17.79 21.53
C GLN E 107 -11.90 -16.47 20.78
N VAL E 108 -11.40 -16.52 19.55
CA VAL E 108 -11.19 -15.33 18.73
C VAL E 108 -11.97 -15.43 17.42
N HIS E 109 -12.72 -14.37 17.12
CA HIS E 109 -13.58 -14.33 15.93
C HIS E 109 -13.20 -13.25 14.93
N ARG E 110 -13.51 -13.53 13.66
CA ARG E 110 -13.38 -12.55 12.60
C ARG E 110 -14.78 -12.10 12.17
N ALA E 111 -15.08 -10.82 12.42
CA ALA E 111 -16.37 -10.25 12.06
C ALA E 111 -16.50 -10.16 10.55
N LEU E 112 -17.72 -10.31 10.04
CA LEU E 112 -17.95 -10.40 8.59
C LEU E 112 -17.55 -9.12 7.85
N SER E 113 -17.20 -9.27 6.57
CA SER E 113 -16.59 -8.18 5.81
C SER E 113 -17.55 -7.03 5.48
N GLU E 114 -18.25 -6.51 6.50
CA GLU E 114 -19.07 -5.29 6.40
C GLU E 114 -19.25 -4.54 7.74
N MET E 115 -18.49 -4.93 8.74
CA MET E 115 -18.60 -4.33 10.08
C MET E 115 -17.59 -3.20 10.28
N ASP E 116 -17.86 -2.33 11.25
CA ASP E 116 -17.01 -1.17 11.57
C ASP E 116 -17.17 -0.78 13.05
N LEU E 117 -16.32 0.12 13.54
CA LEU E 117 -16.48 0.71 14.88
C LEU E 117 -16.20 2.18 15.16
N THR E 118 -17.15 3.05 14.82
CA THR E 118 -16.98 4.49 15.00
C THR E 118 -18.02 5.19 15.88
N ASP E 119 -19.27 4.73 15.76
CA ASP E 119 -20.37 5.24 16.56
C ASP E 119 -21.07 4.08 17.26
N THR E 120 -22.22 4.37 17.86
CA THR E 120 -22.99 3.38 18.59
C THR E 120 -23.58 2.32 17.67
N THR E 121 -24.20 2.74 16.56
CA THR E 121 -24.84 1.79 15.65
C THR E 121 -23.92 0.63 15.32
N SER E 122 -22.76 0.95 14.73
CA SER E 122 -21.76 -0.04 14.32
C SER E 122 -21.42 -1.04 15.42
N MET E 123 -21.09 -0.51 16.59
CA MET E 123 -20.79 -1.30 17.78
C MET E 123 -21.95 -2.26 18.10
N ARG E 124 -23.16 -1.71 18.19
CA ARG E 124 -24.38 -2.48 18.50
C ARG E 124 -24.60 -3.62 17.53
N ASN E 125 -24.31 -3.40 16.25
CA ASN E 125 -24.45 -4.45 15.24
C ASN E 125 -23.44 -5.54 15.41
N LEU E 126 -22.24 -5.17 15.88
CA LEU E 126 -21.15 -6.13 16.06
C LEU E 126 -21.46 -7.10 17.20
N LEU E 127 -21.97 -6.56 18.30
CA LEU E 127 -22.39 -7.37 19.44
C LEU E 127 -23.51 -8.31 19.02
N GLY E 128 -24.46 -7.80 18.25
CA GLY E 128 -25.56 -8.58 17.72
C GLY E 128 -25.06 -9.79 16.97
N PHE E 129 -23.84 -9.69 16.44
CA PHE E 129 -23.18 -10.79 15.73
C PHE E 129 -22.44 -11.70 16.71
N THR E 130 -21.60 -11.10 17.55
CA THR E 130 -20.85 -11.85 18.57
C THR E 130 -21.72 -12.59 19.61
N SER E 131 -22.97 -12.17 19.77
CA SER E 131 -23.90 -12.80 20.70
C SER E 131 -24.37 -14.16 20.22
N LYS E 132 -24.21 -14.38 18.92
CA LYS E 132 -24.56 -15.67 18.33
C LYS E 132 -23.34 -16.60 18.22
N LEU E 133 -22.15 -16.06 18.47
CA LEU E 133 -20.91 -16.83 18.29
C LEU E 133 -20.52 -17.58 19.57
N SER E 134 -19.56 -18.50 19.46
CA SER E 134 -19.07 -19.25 20.62
C SER E 134 -18.22 -18.37 21.53
N THR E 135 -18.15 -18.74 22.81
CA THR E 135 -17.27 -18.10 23.77
C THR E 135 -16.54 -19.14 24.61
N THR E 136 -15.49 -18.70 25.30
CA THR E 136 -14.72 -19.57 26.19
C THR E 136 -15.01 -19.22 27.64
N LEU E 137 -15.25 -20.26 28.42
CA LEU E 137 -15.59 -20.13 29.82
C LEU E 137 -14.40 -19.75 30.69
N ILE E 138 -14.61 -18.82 31.62
CA ILE E 138 -13.56 -18.31 32.52
C ILE E 138 -13.91 -18.57 33.97
N PRO E 139 -12.99 -19.23 34.71
CA PRO E 139 -13.20 -19.42 36.15
C PRO E 139 -13.07 -18.12 36.97
N HIS E 140 -13.62 -18.13 38.18
CA HIS E 140 -13.54 -17.00 39.08
C HIS E 140 -13.11 -17.46 40.45
N ASN E 141 -12.28 -16.67 41.12
CA ASN E 141 -11.96 -16.94 42.51
C ASN E 141 -12.98 -16.26 43.42
N ALA E 142 -12.64 -16.05 44.68
CA ALA E 142 -13.51 -15.31 45.58
C ALA E 142 -13.45 -13.83 45.22
N GLN E 143 -12.24 -13.31 45.02
CA GLN E 143 -12.04 -11.91 44.64
C GLN E 143 -12.74 -11.50 43.34
N THR E 144 -12.72 -12.37 42.33
CA THR E 144 -13.28 -12.01 41.03
C THR E 144 -14.75 -12.40 40.85
N ASP E 145 -15.24 -13.29 41.72
CA ASP E 145 -16.61 -13.79 41.71
C ASP E 145 -17.61 -12.63 41.82
N PRO E 146 -18.41 -12.39 40.77
CA PRO E 146 -19.38 -11.30 40.78
C PRO E 146 -20.46 -11.45 41.83
N LEU E 147 -20.57 -12.63 42.43
CA LEU E 147 -21.57 -12.88 43.47
C LEU E 147 -20.99 -12.87 44.87
N SER E 148 -19.68 -12.78 44.97
CA SER E 148 -19.03 -12.80 46.27
C SER E 148 -18.99 -11.38 46.87
N GLY E 149 -18.23 -11.22 47.95
CA GLY E 149 -18.07 -9.93 48.61
C GLY E 149 -19.25 -9.52 49.47
N PRO E 150 -19.11 -8.39 50.20
CA PRO E 150 -20.06 -7.89 51.19
C PRO E 150 -21.41 -7.54 50.59
N THR E 151 -21.39 -6.92 49.41
CA THR E 151 -22.60 -6.42 48.78
C THR E 151 -22.77 -6.96 47.35
N PRO E 152 -23.10 -8.27 47.22
CA PRO E 152 -23.43 -8.83 45.92
C PRO E 152 -24.67 -8.15 45.36
N PHE E 153 -24.80 -8.10 44.03
CA PHE E 153 -26.01 -7.61 43.35
C PHE E 153 -26.57 -6.27 43.87
N SER E 154 -25.70 -5.41 44.38
CA SER E 154 -26.14 -4.17 45.01
C SER E 154 -26.70 -3.08 44.09
N SER E 155 -26.44 -3.20 42.79
CA SER E 155 -26.86 -2.21 41.80
C SER E 155 -27.78 -2.59 40.65
N ILE E 156 -28.40 -3.77 40.72
CA ILE E 156 -29.20 -4.27 39.60
C ILE E 156 -30.44 -3.44 39.26
N PHE E 157 -31.07 -2.83 40.24
CA PHE E 157 -32.21 -1.99 39.96
C PHE E 157 -31.73 -0.70 39.32
N MET E 158 -30.53 -0.25 39.74
CA MET E 158 -29.84 0.88 39.13
C MET E 158 -29.32 0.49 37.75
N ASP E 159 -28.87 -0.76 37.61
CA ASP E 159 -28.37 -1.30 36.35
C ASP E 159 -29.47 -1.57 35.33
N THR E 160 -30.61 -2.09 35.80
CA THR E 160 -31.80 -2.29 34.95
C THR E 160 -32.38 -0.96 34.50
N CYS E 161 -32.22 0.09 35.32
CA CYS E 161 -32.78 1.41 35.03
C CYS E 161 -32.11 2.13 33.88
N ARG E 162 -30.79 2.13 33.89
CA ARG E 162 -30.02 2.75 32.80
C ARG E 162 -29.94 1.75 31.64
N GLY E 163 -30.25 0.50 31.94
CA GLY E 163 -30.17 -0.57 30.95
C GLY E 163 -31.30 -0.59 29.95
N LEU E 164 -32.53 -0.71 30.45
CA LEU E 164 -33.71 -0.85 29.61
C LEU E 164 -33.90 0.40 28.75
N GLY E 165 -34.18 0.17 27.46
CA GLY E 165 -34.24 1.25 26.48
C GLY E 165 -33.01 1.28 25.60
N ASN E 166 -31.86 0.90 26.15
CA ASN E 166 -30.62 0.92 25.38
C ASN E 166 -30.03 -0.47 25.11
N ALA E 167 -30.60 -1.50 25.72
CA ALA E 167 -30.13 -2.85 25.47
C ALA E 167 -30.85 -3.45 24.27
N LYS E 168 -30.22 -4.41 23.62
CA LYS E 168 -30.90 -5.29 22.67
C LYS E 168 -31.48 -6.39 23.56
N LEU E 169 -32.79 -6.38 23.72
CA LEU E 169 -33.46 -7.38 24.53
C LEU E 169 -34.27 -8.32 23.65
N SER E 170 -34.37 -9.58 24.08
CA SER E 170 -35.13 -10.58 23.35
C SER E 170 -35.73 -11.61 24.32
N LEU E 171 -37.05 -11.70 24.35
CA LEU E 171 -37.75 -12.68 25.19
C LEU E 171 -38.39 -13.71 24.29
N ASN E 172 -38.13 -15.00 24.55
CA ASN E 172 -38.62 -16.10 23.70
C ASN E 172 -38.55 -15.80 22.20
N GLY E 173 -37.39 -15.33 21.74
CA GLY E 173 -37.14 -15.06 20.34
C GLY E 173 -37.72 -13.75 19.85
N VAL E 174 -38.55 -13.11 20.66
CA VAL E 174 -39.26 -11.90 20.26
C VAL E 174 -38.44 -10.68 20.65
N ASP E 175 -38.12 -9.83 19.68
CA ASP E 175 -37.35 -8.63 19.98
C ASP E 175 -38.20 -7.61 20.72
N ILE E 176 -37.66 -7.04 21.79
CA ILE E 176 -38.29 -5.91 22.46
C ILE E 176 -37.45 -4.66 22.19
N PRO E 177 -38.00 -3.71 21.40
CA PRO E 177 -37.29 -2.48 21.07
C PRO E 177 -37.35 -1.45 22.22
N ALA E 178 -36.62 -0.35 22.06
CA ALA E 178 -36.50 0.68 23.10
C ALA E 178 -37.84 1.13 23.68
N ASN E 179 -38.82 1.34 22.79
CA ASN E 179 -40.18 1.72 23.20
C ASN E 179 -40.79 0.77 24.22
N ALA E 180 -40.85 -0.51 23.87
CA ALA E 180 -41.40 -1.54 24.76
C ALA E 180 -40.53 -1.74 26.03
N GLN E 181 -39.22 -1.58 25.89
CA GLN E 181 -38.29 -1.71 27.01
C GLN E 181 -38.52 -0.67 28.09
N MET E 182 -38.85 0.55 27.67
CA MET E 182 -39.14 1.66 28.57
C MET E 182 -40.51 1.48 29.27
N LEU E 183 -41.47 0.91 28.56
CA LEU E 183 -42.75 0.48 29.14
C LEU E 183 -42.53 -0.61 30.20
N LEU E 184 -41.63 -1.55 29.87
CA LEU E 184 -41.27 -2.66 30.74
C LEU E 184 -40.54 -2.17 31.99
N ARG E 185 -39.74 -1.12 31.82
CA ARG E 185 -39.12 -0.43 32.94
C ARG E 185 -40.18 0.03 33.94
N ASP E 186 -41.15 0.76 33.41
CA ASP E 186 -42.22 1.33 34.22
C ASP E 186 -43.16 0.23 34.76
N ALA E 187 -43.37 -0.82 33.99
CA ALA E 187 -44.22 -1.95 34.40
C ALA E 187 -43.66 -2.69 35.62
N LEU E 188 -42.41 -2.39 35.98
CA LEU E 188 -41.74 -2.98 37.15
C LEU E 188 -41.78 -2.07 38.37
N GLY E 189 -42.31 -0.86 38.18
CA GLY E 189 -42.32 0.17 39.23
C GLY E 189 -41.02 0.95 39.27
N LEU E 190 -40.02 0.44 38.58
CA LEU E 190 -38.66 0.97 38.59
C LEU E 190 -38.53 2.28 37.82
N LYS E 191 -38.94 3.39 38.44
CA LYS E 191 -38.80 4.71 37.81
C LYS E 191 -37.41 5.33 38.03
N ASP E 192 -37.10 5.76 39.25
CA ASP E 192 -35.82 6.37 39.59
C ASP E 192 -34.73 5.31 39.71
N THR E 193 -33.47 5.76 39.70
CA THR E 193 -32.31 4.90 40.00
C THR E 193 -32.33 4.42 41.46
N HIS E 194 -33.08 5.13 42.30
CA HIS E 194 -33.24 4.81 43.72
C HIS E 194 -34.37 3.80 43.94
N SER E 195 -35.17 3.57 42.90
CA SER E 195 -36.35 2.71 42.98
C SER E 195 -36.07 1.21 42.93
N SER E 196 -36.93 0.46 43.62
CA SER E 196 -36.88 -0.99 43.71
C SER E 196 -38.26 -1.49 43.28
N PRO E 197 -38.34 -2.73 42.75
CA PRO E 197 -39.58 -3.27 42.19
C PRO E 197 -40.75 -3.21 43.14
N THR E 198 -41.95 -2.93 42.61
CA THR E 198 -43.16 -2.88 43.42
C THR E 198 -43.47 -4.24 44.05
N ARG E 199 -44.07 -4.19 45.24
CA ARG E 199 -44.34 -5.37 46.06
C ARG E 199 -45.21 -6.42 45.35
N ASN E 200 -46.18 -5.95 44.56
CA ASN E 200 -47.06 -6.83 43.82
C ASN E 200 -46.37 -7.51 42.63
N VAL E 201 -45.36 -6.84 42.08
CA VAL E 201 -44.59 -7.37 40.95
C VAL E 201 -43.63 -8.48 41.40
N ILE E 202 -42.99 -8.29 42.56
CA ILE E 202 -42.07 -9.30 43.10
C ILE E 202 -42.77 -10.63 43.39
N ASP E 203 -44.02 -10.57 43.84
CA ASP E 203 -44.81 -11.73 44.28
C ASP E 203 -45.53 -12.51 43.17
N HIS E 204 -46.01 -11.80 42.14
CA HIS E 204 -46.83 -12.43 41.10
C HIS E 204 -46.47 -12.06 39.67
N GLY E 205 -45.33 -11.37 39.50
CA GLY E 205 -44.86 -10.92 38.19
C GLY E 205 -45.54 -9.64 37.73
N ILE E 206 -45.38 -9.31 36.45
CA ILE E 206 -46.04 -8.17 35.84
C ILE E 206 -47.53 -8.47 35.64
N SER E 207 -48.37 -7.44 35.82
CA SER E 207 -49.82 -7.56 35.65
C SER E 207 -50.19 -7.95 34.23
N ARG E 208 -51.32 -8.63 34.08
CA ARG E 208 -51.81 -9.09 32.78
C ARG E 208 -51.91 -7.95 31.76
N HIS E 209 -52.36 -6.78 32.25
CA HIS E 209 -52.59 -5.63 31.39
C HIS E 209 -51.29 -5.03 30.93
N ASP E 210 -50.39 -4.75 31.87
CA ASP E 210 -49.05 -4.25 31.56
C ASP E 210 -48.38 -5.15 30.54
N ALA E 211 -48.47 -6.46 30.76
CA ALA E 211 -47.83 -7.47 29.93
C ALA E 211 -48.27 -7.42 28.48
N GLU E 212 -49.58 -7.33 28.27
CA GLU E 212 -50.14 -7.33 26.92
C GLU E 212 -49.85 -6.03 26.17
N GLN E 213 -49.73 -4.94 26.93
CA GLN E 213 -49.40 -3.61 26.37
C GLN E 213 -47.97 -3.60 25.79
N ILE E 214 -47.07 -4.34 26.43
CA ILE E 214 -45.66 -4.44 26.02
C ILE E 214 -45.45 -5.36 24.82
N ALA E 215 -46.13 -6.50 24.82
CA ALA E 215 -46.05 -7.50 23.75
C ALA E 215 -46.61 -6.98 22.43
N ARG E 216 -47.47 -5.97 22.52
CA ARG E 216 -48.12 -5.35 21.37
C ARG E 216 -47.15 -4.51 20.56
N GLU E 217 -46.24 -3.82 21.25
CA GLU E 217 -45.31 -2.90 20.59
C GLU E 217 -44.04 -3.58 20.14
N SER E 218 -43.90 -4.85 20.50
CA SER E 218 -42.75 -5.64 20.14
C SER E 218 -42.80 -6.15 18.71
N SER E 219 -41.62 -6.47 18.19
CA SER E 219 -41.43 -7.07 16.87
C SER E 219 -41.37 -8.59 17.03
N GLY E 220 -42.47 -9.26 16.70
CA GLY E 220 -42.53 -10.71 16.81
C GLY E 220 -43.83 -11.25 16.26
N SER E 221 -43.90 -12.58 16.13
CA SER E 221 -45.12 -13.23 15.64
C SER E 221 -46.27 -13.06 16.63
N ASP E 222 -47.48 -12.98 16.09
CA ASP E 222 -48.69 -12.85 16.90
C ASP E 222 -48.87 -14.02 17.88
N LYS E 223 -48.51 -15.22 17.42
CA LYS E 223 -48.62 -16.43 18.24
C LYS E 223 -47.48 -16.49 19.26
N GLN E 224 -46.39 -15.79 18.95
CA GLN E 224 -45.21 -15.71 19.80
C GLN E 224 -45.30 -14.60 20.85
N LYS E 225 -46.03 -13.55 20.51
CA LYS E 225 -46.36 -12.49 21.46
C LYS E 225 -47.15 -13.07 22.64
N ALA E 226 -47.91 -14.13 22.36
CA ALA E 226 -48.75 -14.79 23.36
C ALA E 226 -47.94 -15.45 24.49
N GLU E 227 -46.77 -16.00 24.15
CA GLU E 227 -45.88 -16.64 25.13
C GLU E 227 -45.18 -15.61 26.00
N VAL E 228 -44.91 -14.44 25.40
CA VAL E 228 -44.28 -13.31 26.06
C VAL E 228 -45.16 -12.80 27.20
N VAL E 229 -46.45 -12.61 26.94
CA VAL E 229 -47.40 -12.23 27.99
C VAL E 229 -47.37 -13.29 29.09
N GLU E 230 -47.46 -14.55 28.68
CA GLU E 230 -47.45 -15.70 29.60
C GLU E 230 -46.14 -15.85 30.37
N PHE E 231 -45.04 -15.34 29.81
CA PHE E 231 -43.77 -15.30 30.53
C PHE E 231 -43.71 -14.13 31.54
N LEU E 232 -44.14 -12.94 31.14
CA LEU E 232 -44.06 -11.75 31.99
C LEU E 232 -44.98 -11.77 33.20
N CYS E 233 -45.98 -12.65 33.19
CA CYS E 233 -46.91 -12.78 34.31
C CYS E 233 -46.43 -13.79 35.36
N HIS E 234 -45.12 -14.02 35.38
CA HIS E 234 -44.48 -14.92 36.36
C HIS E 234 -43.57 -14.12 37.31
N PRO E 235 -43.54 -14.50 38.60
CA PRO E 235 -42.65 -13.83 39.55
C PRO E 235 -41.19 -14.01 39.14
N GLU E 236 -40.91 -15.16 38.55
CA GLU E 236 -39.56 -15.51 38.10
C GLU E 236 -39.10 -14.61 36.96
N ALA E 237 -40.03 -14.13 36.14
CA ALA E 237 -39.72 -13.23 35.02
C ALA E 237 -39.10 -11.93 35.51
N ALA E 238 -39.71 -11.35 36.53
CA ALA E 238 -39.24 -10.11 37.11
C ALA E 238 -37.74 -10.20 37.43
N THR E 239 -37.36 -11.30 38.09
CA THR E 239 -35.95 -11.60 38.42
C THR E 239 -35.09 -11.65 37.15
N ALA E 240 -35.53 -12.47 36.19
CA ALA E 240 -34.80 -12.68 34.95
C ALA E 240 -34.37 -11.37 34.29
N ILE E 241 -35.30 -10.41 34.19
CA ILE E 241 -35.05 -9.13 33.52
C ILE E 241 -34.01 -8.33 34.29
N CYS E 242 -34.13 -8.32 35.61
CA CYS E 242 -33.30 -7.46 36.43
C CYS E 242 -31.89 -7.98 36.55
N SER E 243 -31.76 -9.18 37.09
CA SER E 243 -30.46 -9.81 37.26
C SER E 243 -29.62 -9.69 36.00
N ALA E 244 -30.27 -9.84 34.85
CA ALA E 244 -29.62 -9.74 33.55
C ALA E 244 -28.63 -8.60 33.40
N PHE E 245 -28.96 -7.45 34.02
CA PHE E 245 -28.23 -6.18 33.81
C PHE E 245 -27.05 -5.93 34.73
N TYR E 246 -26.86 -6.81 35.73
CA TYR E 246 -25.76 -6.69 36.67
C TYR E 246 -24.44 -6.30 36.00
N GLN E 247 -23.84 -5.21 36.49
CA GLN E 247 -22.64 -4.67 35.86
C GLN E 247 -21.38 -5.51 36.09
N SER E 248 -21.37 -6.22 37.21
CA SER E 248 -20.17 -6.92 37.63
C SER E 248 -20.08 -8.32 37.08
N PHE E 249 -21.11 -8.74 36.33
CA PHE E 249 -21.01 -10.00 35.61
C PHE E 249 -19.72 -10.01 34.81
N ASN E 250 -19.21 -8.82 34.53
CA ASN E 250 -18.08 -8.59 33.64
C ASN E 250 -16.71 -8.65 34.33
N VAL E 251 -16.72 -8.77 35.65
CA VAL E 251 -15.49 -8.71 36.44
C VAL E 251 -14.46 -9.80 36.12
N PRO E 252 -14.89 -11.07 36.01
CA PRO E 252 -13.93 -12.12 35.66
C PRO E 252 -13.22 -11.86 34.34
N ALA E 253 -13.99 -11.44 33.33
CA ALA E 253 -13.43 -11.16 32.01
C ALA E 253 -12.56 -9.91 32.03
N LEU E 254 -13.02 -8.89 32.75
CA LEU E 254 -12.29 -7.62 32.83
C LEU E 254 -11.01 -7.74 33.67
N THR E 255 -11.02 -8.65 34.64
CA THR E 255 -9.82 -8.92 35.42
C THR E 255 -8.71 -9.33 34.46
N LEU E 256 -9.09 -10.08 33.43
CA LEU E 256 -8.16 -10.61 32.46
C LEU E 256 -7.76 -9.61 31.36
N THR E 257 -8.53 -8.53 31.20
CA THR E 257 -8.41 -7.67 30.01
C THR E 257 -8.43 -6.14 30.19
N HIS E 258 -8.79 -5.66 31.38
CA HIS E 258 -9.19 -4.25 31.55
C HIS E 258 -8.21 -3.23 30.96
N GLU E 259 -6.90 -3.44 31.17
CA GLU E 259 -5.89 -2.52 30.68
C GLU E 259 -6.02 -2.30 29.17
N ARG E 260 -6.36 -3.37 28.45
CA ARG E 260 -6.49 -3.32 26.99
C ARG E 260 -7.80 -2.70 26.53
N ILE E 261 -8.77 -2.63 27.44
CA ILE E 261 -10.08 -2.02 27.20
C ILE E 261 -10.05 -0.52 27.45
N SER E 262 -9.26 -0.12 28.44
CA SER E 262 -9.03 1.30 28.76
C SER E 262 -8.15 1.97 27.72
N LYS E 263 -7.24 1.20 27.10
CA LYS E 263 -6.38 1.72 26.03
C LYS E 263 -7.20 2.06 24.78
N ALA E 264 -8.24 1.27 24.53
CA ALA E 264 -9.14 1.52 23.43
C ALA E 264 -10.01 2.75 23.70
N SER E 265 -10.50 2.88 24.94
CA SER E 265 -11.29 4.04 25.36
C SER E 265 -10.48 5.33 25.25
N GLU E 266 -9.18 5.24 25.56
CA GLU E 266 -8.21 6.33 25.37
C GLU E 266 -8.01 6.67 23.90
N TYR E 267 -7.67 5.65 23.10
CA TYR E 267 -7.46 5.80 21.65
C TYR E 267 -8.66 6.48 20.97
N ASN E 268 -9.87 6.10 21.37
CA ASN E 268 -11.08 6.70 20.83
C ASN E 268 -11.39 8.11 21.32
N ALA E 269 -10.70 8.55 22.36
CA ALA E 269 -10.92 9.89 22.94
C ALA E 269 -10.38 11.02 22.06
N GLU E 270 -9.13 10.92 21.63
CA GLU E 270 -8.51 11.95 20.79
C GLU E 270 -8.87 11.85 19.31
N ARG E 271 -9.54 10.76 18.93
CA ARG E 271 -10.14 10.64 17.61
C ARG E 271 -11.53 11.27 17.61
N SER E 272 -12.00 11.65 18.80
CA SER E 272 -13.35 12.17 19.05
C SER E 272 -14.45 11.19 18.65
N LEU E 273 -14.07 9.94 18.38
CA LEU E 273 -15.02 8.88 18.02
C LEU E 273 -16.00 8.62 19.15
N ASP E 274 -17.22 9.10 18.96
CA ASP E 274 -18.26 8.99 19.98
C ASP E 274 -18.81 7.57 20.04
N THR E 275 -18.38 6.86 21.07
CA THR E 275 -18.71 5.47 21.24
C THR E 275 -19.11 5.27 22.71
N PRO E 276 -20.11 4.40 22.97
CA PRO E 276 -20.48 4.08 24.35
C PRO E 276 -19.39 3.30 25.10
N ASN E 277 -19.49 3.30 26.42
CA ASN E 277 -18.61 2.51 27.27
C ASN E 277 -18.81 1.02 27.00
N ALA E 278 -20.06 0.57 27.16
CA ALA E 278 -20.47 -0.81 26.92
C ALA E 278 -21.82 -0.89 26.19
N CYS E 279 -22.10 -2.07 25.63
CA CYS E 279 -23.42 -2.38 25.05
C CYS E 279 -23.98 -3.66 25.65
N ILE E 280 -25.30 -3.71 25.84
CA ILE E 280 -25.91 -4.92 26.40
C ILE E 280 -26.81 -5.62 25.39
N ASN E 281 -26.69 -6.94 25.33
CA ASN E 281 -27.45 -7.74 24.40
C ASN E 281 -27.99 -8.99 25.09
N ILE E 282 -29.23 -8.90 25.56
CA ILE E 282 -29.80 -9.93 26.42
C ILE E 282 -30.79 -10.83 25.67
N SER E 283 -30.70 -12.12 25.98
CA SER E 283 -31.48 -13.16 25.36
C SER E 283 -32.06 -14.02 26.48
N ILE E 284 -33.37 -13.91 26.72
CA ILE E 284 -34.05 -14.65 27.80
C ILE E 284 -35.11 -15.59 27.23
N SER E 285 -35.29 -16.76 27.85
CA SER E 285 -36.25 -17.75 27.38
C SER E 285 -36.87 -18.60 28.47
N GLN E 286 -38.09 -19.07 28.20
CA GLN E 286 -38.76 -20.05 29.07
C GLN E 286 -39.36 -21.21 28.26
N SER E 287 -38.73 -22.39 28.37
CA SER E 287 -39.16 -23.59 27.64
C SER E 287 -40.60 -23.97 27.95
N SER E 288 -41.12 -24.93 27.20
CA SER E 288 -42.48 -25.42 27.39
C SER E 288 -42.63 -26.31 28.64
N ASP E 289 -41.69 -26.16 29.57
CA ASP E 289 -41.74 -26.85 30.87
C ASP E 289 -41.87 -25.88 32.02
N GLY E 290 -41.32 -24.68 31.82
CA GLY E 290 -41.30 -23.63 32.84
C GLY E 290 -39.89 -23.30 33.27
N ASN E 291 -38.94 -23.54 32.36
CA ASN E 291 -37.52 -23.32 32.65
C ASN E 291 -36.99 -22.01 32.07
N ILE E 292 -36.66 -21.09 32.98
CA ILE E 292 -36.19 -19.75 32.61
C ILE E 292 -34.67 -19.73 32.54
N TYR E 293 -34.15 -19.48 31.34
CA TYR E 293 -32.72 -19.34 31.09
C TYR E 293 -32.43 -17.92 30.66
N VAL E 294 -31.36 -17.35 31.21
CA VAL E 294 -30.93 -16.02 30.85
C VAL E 294 -29.52 -16.07 30.30
N THR E 295 -29.34 -15.53 29.11
CA THR E 295 -28.01 -15.31 28.54
C THR E 295 -27.84 -13.80 28.32
N SER E 296 -26.95 -13.19 29.10
CA SER E 296 -26.71 -11.76 29.00
C SER E 296 -25.31 -11.44 28.45
N HIS E 297 -25.27 -10.74 27.31
CA HIS E 297 -24.02 -10.32 26.70
C HIS E 297 -23.69 -8.85 26.97
N THR E 298 -22.42 -8.59 27.22
CA THR E 298 -21.88 -7.23 27.30
C THR E 298 -20.77 -7.02 26.27
N GLY E 299 -20.80 -5.87 25.59
CA GLY E 299 -19.93 -5.58 24.47
C GLY E 299 -19.01 -4.43 24.78
N VAL E 300 -17.73 -4.74 24.91
CA VAL E 300 -16.75 -3.75 25.29
C VAL E 300 -15.63 -3.73 24.24
N LEU E 301 -15.26 -2.53 23.78
CA LEU E 301 -14.17 -2.36 22.82
C LEU E 301 -12.82 -2.69 23.45
N ILE E 302 -11.99 -3.40 22.68
CA ILE E 302 -10.70 -3.84 23.20
C ILE E 302 -9.59 -3.72 22.17
N MET E 303 -8.46 -3.17 22.59
CA MET E 303 -7.28 -3.11 21.74
C MET E 303 -6.75 -4.53 21.49
N ALA E 304 -6.16 -4.74 20.32
CA ALA E 304 -5.58 -6.03 19.99
C ALA E 304 -4.30 -6.23 20.78
N PRO E 305 -3.83 -7.49 20.90
CA PRO E 305 -2.55 -7.72 21.57
C PRO E 305 -1.39 -7.07 20.80
N GLU E 306 -0.29 -6.78 21.51
CA GLU E 306 0.87 -6.04 21.00
C GLU E 306 1.25 -6.27 19.53
N ASP E 307 1.38 -7.54 19.14
CA ASP E 307 1.87 -7.95 17.80
C ASP E 307 1.15 -7.33 16.59
N ARG E 308 -0.05 -6.77 16.80
CA ARG E 308 -0.75 -5.99 15.78
C ARG E 308 -0.98 -4.60 16.33
N PRO E 309 0.05 -3.74 16.23
CA PRO E 309 -0.05 -2.40 16.80
C PRO E 309 -1.16 -1.60 16.13
N ASN E 310 -1.90 -0.83 16.92
CA ASN E 310 -2.86 0.16 16.40
C ASN E 310 -4.25 -0.40 16.01
N GLU E 311 -4.48 -1.69 16.27
CA GLU E 311 -5.73 -2.37 15.90
C GLU E 311 -6.71 -2.58 17.08
N MET E 312 -8.00 -2.46 16.81
CA MET E 312 -9.05 -2.51 17.84
C MET E 312 -10.24 -3.42 17.50
N GLY E 313 -10.77 -4.11 18.51
CA GLY E 313 -11.90 -5.04 18.38
C GLY E 313 -12.86 -5.07 19.57
N MET E 314 -13.64 -6.15 19.71
CA MET E 314 -14.67 -6.23 20.74
C MET E 314 -14.63 -7.48 21.62
N LEU E 315 -14.38 -7.26 22.92
CA LEU E 315 -14.53 -8.32 23.92
C LEU E 315 -16.01 -8.45 24.29
N THR E 316 -16.51 -9.67 24.21
CA THR E 316 -17.89 -9.99 24.52
C THR E 316 -17.92 -10.94 25.70
N ASN E 317 -18.64 -10.57 26.76
CA ASN E 317 -18.82 -11.49 27.90
C ASN E 317 -20.21 -12.04 27.91
N ARG E 318 -20.28 -13.36 27.98
CA ARG E 318 -21.53 -14.06 28.11
C ARG E 318 -21.70 -14.46 29.56
N THR E 319 -22.85 -14.17 30.12
CA THR E 319 -23.19 -14.72 31.42
C THR E 319 -24.44 -15.56 31.24
N SER E 320 -24.33 -16.84 31.58
CA SER E 320 -25.38 -17.80 31.33
C SER E 320 -25.85 -18.44 32.63
N TYR E 321 -27.15 -18.38 32.87
CA TYR E 321 -27.75 -19.03 34.05
C TYR E 321 -29.23 -19.40 33.88
N GLU E 322 -29.71 -20.31 34.73
CA GLU E 322 -31.14 -20.61 34.88
C GLU E 322 -31.71 -19.87 36.09
N VAL E 323 -32.94 -19.36 35.95
CA VAL E 323 -33.73 -18.85 37.10
C VAL E 323 -34.81 -19.88 37.52
N PRO E 324 -34.56 -20.64 38.61
CA PRO E 324 -35.48 -21.72 38.99
C PRO E 324 -36.84 -21.21 39.48
N GLN E 325 -37.78 -22.12 39.76
CA GLN E 325 -39.10 -21.75 40.28
C GLN E 325 -39.04 -21.18 41.70
N GLY E 326 -40.04 -20.38 42.06
CA GLY E 326 -40.14 -19.78 43.39
C GLY E 326 -38.95 -18.93 43.81
N VAL E 327 -38.22 -18.43 42.81
CA VAL E 327 -37.12 -17.49 43.05
C VAL E 327 -37.56 -16.10 42.59
N LYS E 328 -38.05 -15.30 43.53
CA LYS E 328 -38.61 -14.00 43.22
C LYS E 328 -37.52 -12.93 43.08
N CYS E 329 -37.94 -11.71 42.80
CA CYS E 329 -37.01 -10.65 42.45
C CYS E 329 -36.45 -9.85 43.63
N THR E 330 -35.79 -10.56 44.55
CA THR E 330 -35.14 -9.93 45.71
C THR E 330 -33.61 -10.09 45.64
N ILE E 331 -32.87 -9.02 45.98
CA ILE E 331 -31.40 -9.05 46.04
C ILE E 331 -30.89 -10.26 46.82
N ASP E 332 -31.43 -10.49 48.01
CA ASP E 332 -31.04 -11.64 48.83
C ASP E 332 -31.37 -12.95 48.12
N GLU E 333 -32.59 -13.04 47.60
CA GLU E 333 -33.07 -14.26 46.94
C GLU E 333 -32.24 -14.62 45.71
N MET E 334 -31.75 -13.60 45.00
CA MET E 334 -30.88 -13.81 43.84
C MET E 334 -29.52 -14.34 44.27
N VAL E 335 -28.98 -13.77 45.35
CA VAL E 335 -27.61 -14.05 45.81
C VAL E 335 -27.37 -15.54 46.15
N ARG E 336 -28.37 -16.20 46.74
CA ARG E 336 -28.24 -17.61 47.13
C ARG E 336 -28.85 -18.63 46.15
N ALA E 337 -29.65 -18.17 45.20
CA ALA E 337 -30.33 -19.07 44.26
C ALA E 337 -29.64 -19.15 42.89
N LEU E 338 -29.11 -18.03 42.43
CA LEU E 338 -28.56 -17.94 41.08
C LEU E 338 -27.12 -18.41 40.99
N GLN E 339 -26.84 -19.18 39.94
CA GLN E 339 -25.52 -19.78 39.74
C GLN E 339 -24.98 -19.51 38.33
N PRO E 340 -24.59 -18.27 38.06
CA PRO E 340 -24.14 -17.86 36.75
C PRO E 340 -22.83 -18.50 36.36
N ARG E 341 -22.58 -18.46 35.07
CA ARG E 341 -21.45 -19.10 34.42
C ARG E 341 -20.90 -17.99 33.52
N TYR E 342 -19.60 -17.84 33.47
CA TYR E 342 -19.03 -16.69 32.75
C TYR E 342 -18.10 -17.13 31.63
N ALA E 343 -18.27 -16.51 30.47
CA ALA E 343 -17.50 -16.83 29.27
C ALA E 343 -17.19 -15.58 28.49
N ALA E 344 -16.16 -15.64 27.64
CA ALA E 344 -15.77 -14.49 26.83
C ALA E 344 -15.14 -14.87 25.50
N SER E 345 -15.29 -14.00 24.51
CA SER E 345 -14.58 -14.14 23.25
C SER E 345 -14.15 -12.76 22.79
N GLU E 346 -13.10 -12.74 21.96
CA GLU E 346 -12.65 -11.52 21.29
C GLU E 346 -12.98 -11.61 19.81
N THR E 347 -13.46 -10.50 19.24
CA THR E 347 -13.85 -10.43 17.84
C THR E 347 -13.21 -9.20 17.21
N TYR E 348 -12.49 -9.43 16.10
CA TYR E 348 -11.83 -8.35 15.35
C TYR E 348 -12.34 -8.24 13.93
N LEU E 349 -12.27 -7.03 13.37
CA LEU E 349 -12.82 -6.74 12.05
C LEU E 349 -11.99 -7.40 10.97
N GLN E 350 -12.53 -7.48 9.75
CA GLN E 350 -11.81 -8.10 8.63
C GLN E 350 -10.99 -7.07 7.85
N LYS F 1 -6.74 14.12 33.36
CA LYS F 1 -6.28 13.00 34.24
C LYS F 1 -6.63 13.24 35.70
N LEU F 2 -7.92 13.42 35.94
CA LEU F 2 -8.49 13.32 37.27
C LEU F 2 -9.02 11.89 37.44
N LEU F 3 -9.77 11.65 38.51
CA LEU F 3 -10.42 10.34 38.72
C LEU F 3 -11.76 10.51 39.44
N LEU F 4 -12.76 9.80 38.96
CA LEU F 4 -14.08 9.86 39.56
C LEU F 4 -14.34 8.61 40.38
N ILE F 5 -14.59 8.83 41.67
CA ILE F 5 -14.70 7.78 42.66
C ILE F 5 -16.04 7.95 43.39
N GLY F 6 -16.54 6.87 44.00
CA GLY F 6 -17.81 6.92 44.72
C GLY F 6 -18.69 5.71 44.43
N ASP F 7 -19.83 5.65 45.10
CA ASP F 7 -20.72 4.50 45.00
C ASP F 7 -21.39 4.35 43.64
N SER F 8 -22.10 3.25 43.45
CA SER F 8 -22.79 2.99 42.19
C SER F 8 -24.09 3.77 42.13
N GLY F 9 -24.31 4.46 41.01
CA GLY F 9 -25.56 5.17 40.77
C GLY F 9 -25.74 6.50 41.51
N VAL F 10 -24.64 7.05 42.03
CA VAL F 10 -24.67 8.36 42.67
C VAL F 10 -24.71 9.49 41.64
N GLY F 11 -24.02 9.31 40.51
CA GLY F 11 -24.06 10.27 39.42
C GLY F 11 -22.71 10.70 38.88
N LYS F 12 -21.73 9.80 38.91
CA LYS F 12 -20.37 10.09 38.45
C LYS F 12 -20.32 10.37 36.95
N SER F 13 -20.87 9.45 36.16
CA SER F 13 -20.88 9.58 34.70
C SER F 13 -21.67 10.80 34.23
N CYS F 14 -22.78 11.09 34.91
CA CYS F 14 -23.62 12.25 34.61
C CYS F 14 -22.93 13.57 34.99
N LEU F 15 -22.08 13.52 36.01
CA LEU F 15 -21.23 14.65 36.37
C LEU F 15 -20.14 14.86 35.30
N LEU F 16 -19.50 13.75 34.89
CA LEU F 16 -18.46 13.78 33.86
C LEU F 16 -19.01 14.23 32.50
N LEU F 17 -20.22 13.78 32.18
CA LEU F 17 -20.90 14.14 30.92
C LEU F 17 -21.27 15.63 30.83
N ARG F 18 -21.78 16.19 31.92
CA ARG F 18 -22.11 17.62 31.96
C ARG F 18 -20.84 18.49 31.89
N PHE F 19 -19.74 18.00 32.45
CA PHE F 19 -18.48 18.74 32.40
C PHE F 19 -17.80 18.67 31.01
N ALA F 20 -17.96 17.53 30.33
CA ALA F 20 -17.30 17.30 29.05
C ALA F 20 -18.18 17.54 27.82
N ASP F 21 -19.49 17.71 28.02
CA ASP F 21 -20.43 17.92 26.90
C ASP F 21 -21.54 18.93 27.17
N ASP F 22 -21.78 19.22 28.46
CA ASP F 22 -22.87 20.08 28.92
C ASP F 22 -24.25 19.43 28.68
N THR F 23 -24.32 18.11 28.82
CA THR F 23 -25.57 17.34 28.68
C THR F 23 -25.85 16.40 29.86
N TYR F 24 -27.13 16.10 30.05
CA TYR F 24 -27.62 15.15 31.05
C TYR F 24 -28.58 14.19 30.35
N THR F 25 -28.46 12.89 30.64
CA THR F 25 -29.37 11.87 30.08
C THR F 25 -29.48 10.64 30.98
N ILE F 29 -26.57 3.18 29.72
CA ILE F 29 -26.27 1.99 30.53
C ILE F 29 -25.36 2.33 31.72
N SER F 30 -25.02 1.33 32.53
CA SER F 30 -24.09 1.50 33.65
C SER F 30 -22.64 1.60 33.16
N THR F 31 -21.77 2.13 34.01
CA THR F 31 -20.33 2.12 33.74
C THR F 31 -19.77 0.74 34.02
N ILE F 32 -19.23 0.13 32.97
CA ILE F 32 -18.60 -1.16 33.05
C ILE F 32 -17.11 -0.89 33.03
N GLY F 33 -16.47 -1.05 34.18
CA GLY F 33 -15.02 -0.85 34.30
C GLY F 33 -14.69 0.60 34.61
N VAL F 34 -13.93 1.22 33.71
CA VAL F 34 -13.60 2.64 33.83
C VAL F 34 -13.84 3.34 32.50
N ASP F 35 -14.51 4.48 32.58
CA ASP F 35 -14.76 5.34 31.42
C ASP F 35 -13.75 6.48 31.41
N PHE F 36 -13.54 7.06 30.23
CA PHE F 36 -12.50 8.08 30.03
C PHE F 36 -12.94 9.21 29.08
N LYS F 37 -12.88 10.44 29.57
CA LYS F 37 -13.21 11.64 28.80
C LYS F 37 -12.12 12.71 28.92
N ILE F 38 -12.06 13.60 27.94
CA ILE F 38 -11.06 14.69 27.90
C ILE F 38 -11.71 16.04 27.57
N ARG F 39 -11.29 17.09 28.27
CA ARG F 39 -11.73 18.46 27.98
C ARG F 39 -10.56 19.33 27.57
N ILE F 52 -9.53 12.59 32.98
CA ILE F 52 -10.50 12.18 34.00
C ILE F 52 -11.05 10.78 33.74
N TRP F 53 -10.85 9.90 34.73
CA TRP F 53 -11.27 8.50 34.63
C TRP F 53 -12.53 8.26 35.47
N ASP F 54 -13.55 7.70 34.84
CA ASP F 54 -14.84 7.46 35.46
C ASP F 54 -14.99 5.97 35.75
N THR F 55 -15.05 5.61 37.03
CA THR F 55 -14.96 4.21 37.45
C THR F 55 -16.33 3.61 37.81
N ALA F 56 -16.42 2.28 37.77
CA ALA F 56 -17.62 1.56 38.21
C ALA F 56 -17.67 1.50 39.74
N GLY F 57 -18.82 1.85 40.29
CA GLY F 57 -18.97 2.01 41.74
C GLY F 57 -19.04 0.72 42.53
N GLN F 58 -19.81 -0.23 42.01
CA GLN F 58 -20.01 -1.55 42.65
C GLN F 58 -18.72 -2.19 43.20
N GLU F 59 -18.79 -2.65 44.44
CA GLU F 59 -17.64 -3.16 45.21
C GLU F 59 -16.80 -4.26 44.52
N ARG F 60 -17.42 -5.09 43.68
CA ARG F 60 -16.70 -6.15 42.98
C ARG F 60 -15.69 -5.58 41.99
N PHE F 61 -15.93 -4.34 41.59
CA PHE F 61 -15.03 -3.62 40.67
C PHE F 61 -13.88 -2.88 41.36
N ARG F 62 -13.90 -2.84 42.70
CA ARG F 62 -12.90 -2.09 43.48
C ARG F 62 -11.43 -2.44 43.17
N THR F 63 -11.14 -3.71 42.93
CA THR F 63 -9.78 -4.14 42.54
C THR F 63 -9.36 -3.49 41.23
N ILE F 64 -10.19 -3.65 40.20
CA ILE F 64 -9.96 -3.04 38.89
C ILE F 64 -9.89 -1.50 39.02
N THR F 65 -10.80 -0.95 39.82
CA THR F 65 -10.89 0.49 40.13
C THR F 65 -9.60 1.05 40.76
N SER F 66 -9.05 0.34 41.76
CA SER F 66 -7.90 0.83 42.53
C SER F 66 -6.62 1.05 41.72
N SER F 67 -6.43 0.27 40.65
CA SER F 67 -5.23 0.36 39.82
C SER F 67 -5.09 1.68 39.04
N TYR F 68 -6.04 2.59 39.24
CA TYR F 68 -6.09 3.86 38.51
C TYR F 68 -5.78 5.05 39.40
N TYR F 69 -5.60 4.76 40.68
CA TYR F 69 -5.38 5.77 41.70
C TYR F 69 -3.97 6.34 41.64
N ARG F 70 -2.98 5.45 41.53
CA ARG F 70 -1.56 5.83 41.59
C ARG F 70 -1.03 6.55 40.34
N GLY F 71 -1.93 6.88 39.41
CA GLY F 71 -1.56 7.58 38.19
C GLY F 71 -2.18 8.96 38.03
N ALA F 72 -3.05 9.34 38.97
CA ALA F 72 -3.85 10.56 38.82
C ALA F 72 -3.29 11.76 39.58
N HIS F 73 -3.57 12.95 39.04
CA HIS F 73 -3.24 14.22 39.69
C HIS F 73 -4.38 14.66 40.60
N GLY F 74 -5.60 14.33 40.21
CA GLY F 74 -6.80 14.68 40.99
C GLY F 74 -7.78 13.53 41.14
N ILE F 75 -8.48 13.51 42.28
CA ILE F 75 -9.49 12.49 42.58
C ILE F 75 -10.70 13.13 43.26
N ILE F 76 -11.86 12.99 42.62
CA ILE F 76 -13.12 13.47 43.18
C ILE F 76 -13.92 12.31 43.74
N VAL F 77 -14.26 12.39 45.02
CA VAL F 77 -15.20 11.47 45.66
C VAL F 77 -16.62 12.03 45.48
N VAL F 78 -17.55 11.18 45.02
CA VAL F 78 -18.94 11.60 44.77
C VAL F 78 -19.94 10.76 45.57
N TYR F 79 -20.88 11.43 46.23
CA TYR F 79 -21.96 10.77 46.95
C TYR F 79 -23.32 11.30 46.49
N ASP F 80 -24.38 10.72 47.06
CA ASP F 80 -25.75 11.11 46.75
C ASP F 80 -26.36 11.72 48.01
N VAL F 81 -26.93 12.91 47.90
CA VAL F 81 -27.54 13.59 49.05
C VAL F 81 -28.86 12.95 49.48
N THR F 82 -29.46 12.15 48.60
CA THR F 82 -30.72 11.46 48.88
C THR F 82 -30.49 10.04 49.42
N ASP F 83 -29.26 9.56 49.26
CA ASP F 83 -28.83 8.22 49.70
C ASP F 83 -27.99 8.39 50.97
N GLN F 84 -28.53 7.95 52.10
CA GLN F 84 -27.84 8.04 53.40
C GLN F 84 -26.60 7.16 53.44
N GLU F 85 -26.73 5.97 52.88
CA GLU F 85 -25.66 4.98 52.77
C GLU F 85 -24.45 5.54 52.01
N SER F 86 -24.71 6.24 50.90
CA SER F 86 -23.65 6.66 49.98
C SER F 86 -22.59 7.55 50.61
N PHE F 87 -23.02 8.44 51.50
CA PHE F 87 -22.12 9.34 52.22
C PHE F 87 -21.35 8.61 53.32
N ASN F 88 -22.00 7.61 53.94
CA ASN F 88 -21.36 6.80 54.96
C ASN F 88 -20.17 6.02 54.40
N ASN F 89 -20.29 5.62 53.13
CA ASN F 89 -19.23 4.91 52.44
C ASN F 89 -18.13 5.83 51.88
N VAL F 90 -18.32 7.14 52.05
CA VAL F 90 -17.30 8.14 51.70
C VAL F 90 -16.07 8.02 52.62
N LYS F 91 -16.31 7.65 53.87
CA LYS F 91 -15.24 7.47 54.85
C LYS F 91 -14.27 6.35 54.44
N GLN F 92 -14.73 5.47 53.56
CA GLN F 92 -13.91 4.38 53.03
C GLN F 92 -13.27 4.72 51.68
N TRP F 93 -14.02 5.42 50.82
CA TRP F 93 -13.52 5.82 49.50
C TRP F 93 -12.25 6.68 49.60
N LEU F 94 -12.10 7.40 50.72
CA LEU F 94 -10.89 8.17 51.01
C LEU F 94 -9.76 7.29 51.55
N GLN F 95 -10.13 6.24 52.28
CA GLN F 95 -9.18 5.22 52.73
C GLN F 95 -8.62 4.42 51.56
N GLU F 96 -9.35 4.40 50.45
CA GLU F 96 -8.88 3.76 49.23
C GLU F 96 -7.86 4.64 48.52
N ILE F 97 -8.12 5.95 48.54
CA ILE F 97 -7.20 6.95 47.98
C ILE F 97 -5.85 6.89 48.69
N ASP F 98 -5.89 6.84 50.02
CA ASP F 98 -4.68 6.79 50.85
C ASP F 98 -4.04 5.40 50.91
N ARG F 99 -4.54 4.51 50.07
CA ARG F 99 -4.02 3.14 49.99
C ARG F 99 -3.44 2.82 48.62
N TYR F 100 -3.78 3.62 47.61
CA TYR F 100 -3.35 3.33 46.25
C TYR F 100 -2.82 4.51 45.47
N ALA F 101 -3.35 5.70 45.76
CA ALA F 101 -3.00 6.91 45.00
C ALA F 101 -1.58 7.41 45.29
N SER F 102 -1.21 8.50 44.62
CA SER F 102 0.02 9.22 44.89
C SER F 102 -0.05 9.87 46.28
N GLU F 103 1.12 10.08 46.90
CA GLU F 103 1.22 10.62 48.26
C GLU F 103 0.48 11.94 48.44
N ASN F 104 0.89 12.96 47.69
CA ASN F 104 0.31 14.30 47.80
C ASN F 104 -0.69 14.64 46.68
N VAL F 105 -1.60 13.70 46.42
CA VAL F 105 -2.61 13.86 45.37
C VAL F 105 -3.74 14.77 45.83
N ASN F 106 -4.49 15.31 44.87
CA ASN F 106 -5.61 16.22 45.14
C ASN F 106 -6.91 15.49 45.49
N LYS F 107 -7.67 16.06 46.43
CA LYS F 107 -8.94 15.48 46.88
C LYS F 107 -10.06 16.52 46.94
N LEU F 108 -11.22 16.15 46.40
CA LEU F 108 -12.41 17.00 46.42
C LEU F 108 -13.68 16.16 46.62
N LEU F 109 -14.59 16.65 47.46
CA LEU F 109 -15.88 16.00 47.66
C LEU F 109 -17.01 16.70 46.90
N VAL F 110 -17.99 15.92 46.45
CA VAL F 110 -19.11 16.46 45.69
C VAL F 110 -20.43 15.81 46.06
N GLY F 111 -21.40 16.64 46.46
CA GLY F 111 -22.72 16.16 46.80
C GLY F 111 -23.66 16.26 45.62
N ASN F 112 -23.79 15.15 44.89
CA ASN F 112 -24.62 15.12 43.68
C ASN F 112 -26.09 14.94 44.03
N LYS F 113 -26.96 15.37 43.11
CA LYS F 113 -28.43 15.25 43.21
C LYS F 113 -29.11 16.26 44.17
N CYS F 114 -28.58 17.49 44.19
CA CYS F 114 -29.09 18.53 45.07
C CYS F 114 -30.50 19.02 44.68
N ASP F 115 -30.91 18.74 43.44
CA ASP F 115 -32.17 19.26 42.90
C ASP F 115 -33.44 18.65 43.51
N LEU F 116 -33.36 17.38 43.92
CA LEU F 116 -34.47 16.74 44.63
C LEU F 116 -34.42 17.10 46.12
N THR F 117 -34.97 18.28 46.43
CA THR F 117 -34.97 18.80 47.79
C THR F 117 -36.00 18.11 48.69
N THR F 118 -36.97 17.43 48.09
CA THR F 118 -37.98 16.67 48.83
C THR F 118 -37.37 15.53 49.66
N LYS F 119 -36.66 14.63 48.98
CA LYS F 119 -36.15 13.39 49.62
C LYS F 119 -34.66 13.47 49.97
N LYS F 120 -34.24 14.62 50.48
CA LYS F 120 -32.83 14.91 50.79
C LYS F 120 -32.49 14.58 52.25
N VAL F 121 -31.42 13.81 52.47
CA VAL F 121 -31.02 13.39 53.82
C VAL F 121 -29.70 13.99 54.32
N VAL F 122 -28.70 14.09 53.44
CA VAL F 122 -27.38 14.60 53.85
C VAL F 122 -27.32 16.13 53.80
N ASP F 123 -27.41 16.75 54.98
CA ASP F 123 -27.42 18.20 55.12
C ASP F 123 -26.07 18.83 54.82
N TYR F 124 -26.10 20.06 54.32
CA TYR F 124 -24.89 20.82 54.01
C TYR F 124 -24.01 21.03 55.25
N THR F 125 -24.65 21.24 56.40
CA THR F 125 -23.95 21.41 57.68
C THR F 125 -23.35 20.10 58.22
N THR F 126 -23.92 18.96 57.85
CA THR F 126 -23.37 17.64 58.17
C THR F 126 -22.10 17.39 57.34
N ALA F 127 -22.15 17.84 56.08
CA ALA F 127 -21.10 17.58 55.10
C ALA F 127 -19.93 18.55 55.18
N LYS F 128 -20.22 19.80 55.50
CA LYS F 128 -19.18 20.82 55.73
C LYS F 128 -18.46 20.55 57.04
N GLU F 129 -19.07 19.71 57.88
CA GLU F 129 -18.49 19.28 59.15
C GLU F 129 -17.41 18.21 58.94
N PHE F 130 -17.65 17.32 57.98
CA PHE F 130 -16.71 16.24 57.68
C PHE F 130 -15.53 16.74 56.83
N ALA F 131 -15.84 17.34 55.69
CA ALA F 131 -14.82 17.74 54.71
C ALA F 131 -13.79 18.74 55.21
N ASP F 132 -14.20 19.60 56.14
CA ASP F 132 -13.30 20.61 56.73
C ASP F 132 -12.20 20.01 57.61
N SER F 133 -12.48 18.84 58.21
CA SER F 133 -11.54 18.19 59.13
C SER F 133 -10.39 17.45 58.43
N LEU F 134 -10.30 17.57 57.11
CA LEU F 134 -9.29 16.89 56.32
C LEU F 134 -8.46 17.82 55.44
N GLY F 135 -8.90 19.08 55.33
CA GLY F 135 -8.25 20.08 54.48
C GLY F 135 -8.71 19.99 53.03
N ILE F 136 -9.68 19.13 52.76
CA ILE F 136 -10.19 18.90 51.41
C ILE F 136 -11.52 19.63 51.17
N PRO F 137 -11.64 20.37 50.04
CA PRO F 137 -12.81 21.17 49.69
C PRO F 137 -14.09 20.36 49.46
N PHE F 138 -15.25 21.00 49.67
CA PHE F 138 -16.57 20.37 49.49
C PHE F 138 -17.56 21.26 48.71
N LEU F 139 -18.21 20.66 47.71
CA LEU F 139 -19.19 21.35 46.85
C LEU F 139 -20.44 20.51 46.61
N GLU F 140 -21.62 21.07 46.89
CA GLU F 140 -22.88 20.44 46.51
C GLU F 140 -23.15 20.67 45.03
N THR F 141 -23.46 19.60 44.30
CA THR F 141 -23.66 19.65 42.85
C THR F 141 -24.98 19.02 42.42
N SER F 142 -25.50 19.48 41.27
CA SER F 142 -26.64 18.85 40.63
C SER F 142 -26.35 18.66 39.15
N ALA F 143 -26.13 17.41 38.77
CA ALA F 143 -25.89 17.05 37.38
C ALA F 143 -27.08 17.45 36.51
N LYS F 144 -28.30 17.21 37.03
CA LYS F 144 -29.53 17.49 36.29
C LYS F 144 -29.67 18.94 35.82
N ASN F 145 -29.52 19.89 36.75
CA ASN F 145 -29.66 21.31 36.42
C ASN F 145 -28.35 22.02 36.07
N ALA F 146 -27.25 21.27 36.06
CA ALA F 146 -25.90 21.79 35.84
C ALA F 146 -25.35 22.56 37.04
N THR F 147 -26.03 22.44 38.17
CA THR F 147 -25.68 23.18 39.39
C THR F 147 -24.30 22.78 39.92
N ASN F 148 -23.35 23.70 39.81
CA ASN F 148 -21.97 23.51 40.27
C ASN F 148 -21.23 22.30 39.71
N VAL F 149 -21.63 21.85 38.52
CA VAL F 149 -20.98 20.69 37.88
C VAL F 149 -19.57 21.07 37.40
N GLU F 150 -19.45 22.26 36.81
CA GLU F 150 -18.18 22.75 36.29
C GLU F 150 -17.35 23.51 37.35
N GLN F 151 -17.94 23.73 38.51
CA GLN F 151 -17.25 24.41 39.61
C GLN F 151 -16.39 23.47 40.45
N SER F 152 -16.81 22.22 40.55
CA SER F 152 -16.03 21.17 41.22
C SER F 152 -14.81 20.77 40.41
N PHE F 153 -14.94 20.83 39.08
CA PHE F 153 -13.81 20.61 38.19
C PHE F 153 -12.82 21.78 38.28
N MET F 154 -13.35 22.97 38.53
CA MET F 154 -12.54 24.17 38.71
C MET F 154 -11.71 24.14 40.01
N THR F 155 -12.38 23.84 41.13
CA THR F 155 -11.73 23.81 42.46
C THR F 155 -10.60 22.78 42.51
N MET F 156 -10.80 21.65 41.84
CA MET F 156 -9.79 20.60 41.74
C MET F 156 -8.61 21.07 40.90
N ALA F 157 -8.89 21.54 39.68
CA ALA F 157 -7.84 22.02 38.77
C ALA F 157 -7.09 23.24 39.30
N ALA F 158 -7.80 24.16 39.95
CA ALA F 158 -7.18 25.34 40.56
C ALA F 158 -6.39 24.98 41.81
N GLU F 159 -6.70 23.82 42.39
CA GLU F 159 -5.95 23.28 43.53
C GLU F 159 -4.68 22.54 43.08
N ILE F 160 -4.76 21.85 41.94
CA ILE F 160 -3.59 21.17 41.35
C ILE F 160 -2.59 22.19 40.76
N LYS F 161 -3.03 23.44 40.60
CA LYS F 161 -2.22 24.53 40.05
C LYS F 161 -0.96 24.81 40.86
N LYS F 162 -1.13 25.26 42.11
CA LYS F 162 0.01 25.55 42.97
C LYS F 162 0.35 24.39 43.94
N ARG F 163 0.00 23.17 43.53
CA ARG F 163 0.38 21.97 44.27
C ARG F 163 1.28 21.06 43.43
N MET F 164 0.73 20.42 42.41
CA MET F 164 1.49 19.50 41.56
C MET F 164 1.51 19.95 40.10
#